data_4MIF
#
_entry.id   4MIF
#
_cell.length_a   164.034
_cell.length_b   164.034
_cell.length_c   232.521
_cell.angle_alpha   90.00
_cell.angle_beta   90.00
_cell.angle_gamma   120.00
#
_symmetry.space_group_name_H-M   'P 32 2 1'
#
loop_
_entity.id
_entity.type
_entity.pdbx_description
1 polymer 'Pyranose 2-oxidase'
2 non-polymer 'DIHYDROFLAVINE-ADENINE DINUCLEOTIDE'
3 non-polymer 'MAGNESIUM ION'
4 water water
#
_entity_poly.entity_id   1
_entity_poly.type   'polypeptide(L)'
_entity_poly.pdbx_seq_one_letter_code
;MFLDTTPFRADEPYDVFIAGSGPIGATFAKLCVDANLRVCMVEIGAADSFTSKPMKGDPNAPRSVQFGPGQVPIPGYHKK
NEIEYQKDIDRFVNVIKGALSTCSIPTSNNHIATLDPSVVSNSLDKPFISLGKNPAQNPFVNLGAEAVTRGVGGMSTHWT
CATPEFFAPADFNAPHRERPKLSTDAAEDARIWKDLYAQAKEIIGTSTTEFDHSIRHNLVLRKYNDIFQKENVIREFSPL
PLACHRLTDPDYVEWHATDRILEELFTDPVKRGRFTLLTNHRCTKLVFKHYRPGEENEVDYALVEDLLPHMQNPGNPASV
KKIYARSYVVACGAVATAQVLANSHIPPDDVVIPFPGGEKGSGGGERDATIPTPLMPMLGKYITEQPMTFCQVVLDSSLM
EVVRNPPWPGLDWWKEKVARHVEAFPNDPIPIPFRDPEPQVTIKFTEEHPWHVQIHRDAFSYGAVAENMDTRVIVDYRFF
GYTEPQEANELVFQQHYRDAYDMPQPTFKFTMSQDDRARARRMMDDMCNIALKIGGYLPGSEPQFMTPGLALHLAGTTRC
GLDTQKTVGNTHCKVHNFNNLYVGGNGVIETGFAANPTLTSICYAIRASNDIIAKFGRHR
;
_entity_poly.pdbx_strand_id   A,B,C,D
#
# COMPACT_ATOMS: atom_id res chain seq x y z
N PRO A 13 -6.40 6.54 58.43
CA PRO A 13 -6.72 7.01 57.09
C PRO A 13 -5.68 8.00 56.54
N TYR A 14 -5.33 7.88 55.27
CA TYR A 14 -4.63 8.96 54.58
C TYR A 14 -5.43 10.24 54.59
N ASP A 15 -4.79 11.38 54.32
CA ASP A 15 -5.57 12.57 54.11
C ASP A 15 -6.17 12.63 52.73
N VAL A 16 -5.43 12.16 51.73
CA VAL A 16 -5.93 12.24 50.37
C VAL A 16 -5.56 10.94 49.69
N PHE A 17 -6.52 10.40 48.97
CA PHE A 17 -6.32 9.23 48.11
C PHE A 17 -6.41 9.77 46.66
N ILE A 18 -5.50 9.35 45.77
CA ILE A 18 -5.53 9.86 44.38
C ILE A 18 -5.43 8.63 43.45
N ALA A 19 -6.39 8.49 42.58
CA ALA A 19 -6.37 7.49 41.53
C ALA A 19 -5.81 8.23 40.28
N GLY A 20 -4.70 7.67 39.82
CA GLY A 20 -4.02 8.14 38.61
C GLY A 20 -2.76 8.91 38.89
N SER A 21 -1.69 8.62 38.12
CA SER A 21 -0.43 9.31 38.29
C SER A 21 0.09 10.08 37.08
N GLY A 22 -0.83 10.60 36.31
CA GLY A 22 -0.50 11.52 35.29
C GLY A 22 -0.14 12.86 35.88
N PRO A 23 0.10 13.86 35.02
CA PRO A 23 0.53 15.12 35.52
C PRO A 23 -0.54 15.80 36.43
N ILE A 24 -1.83 15.55 36.14
CA ILE A 24 -2.89 16.05 37.04
C ILE A 24 -2.85 15.39 38.43
N GLY A 25 -2.89 14.09 38.51
CA GLY A 25 -2.78 13.43 39.77
C GLY A 25 -1.54 13.87 40.52
N ALA A 26 -0.46 14.00 39.75
CA ALA A 26 0.82 14.40 40.36
C ALA A 26 0.76 15.80 40.94
N THR A 27 -0.01 16.73 40.31
CA THR A 27 -0.10 18.06 40.79
C THR A 27 -0.82 18.00 42.17
N PHE A 28 -1.90 17.23 42.22
CA PHE A 28 -2.63 17.13 43.54
C PHE A 28 -1.67 16.56 44.58
N ALA A 29 -0.93 15.48 44.24
CA ALA A 29 0.04 14.89 45.16
C ALA A 29 1.07 15.93 45.66
N LYS A 30 1.69 16.66 44.71
CA LYS A 30 2.70 17.60 45.08
C LYS A 30 2.10 18.66 46.05
N LEU A 31 1.00 19.26 45.64
CA LEU A 31 0.50 20.38 46.46
C LEU A 31 0.01 19.89 47.83
N CYS A 32 -0.63 18.73 47.86
CA CYS A 32 -1.15 18.22 49.12
C CYS A 32 0.03 17.82 50.06
N VAL A 33 1.01 17.09 49.55
CA VAL A 33 2.17 16.77 50.34
C VAL A 33 2.91 17.98 50.84
N ASP A 34 3.07 18.97 49.99
CA ASP A 34 3.66 20.23 50.38
C ASP A 34 2.90 20.90 51.52
N ALA A 35 1.59 20.67 51.57
CA ALA A 35 0.74 21.25 52.68
C ALA A 35 0.68 20.33 53.91
N ASN A 36 1.60 19.36 53.96
CA ASN A 36 1.73 18.44 55.07
C ASN A 36 0.57 17.41 55.17
N LEU A 37 -0.05 17.08 54.05
CA LEU A 37 -1.04 16.04 54.03
C LEU A 37 -0.39 14.72 53.59
N ARG A 38 -0.90 13.60 54.10
CA ARG A 38 -0.41 12.26 53.77
C ARG A 38 -1.24 11.76 52.61
N VAL A 39 -0.54 11.37 51.52
CA VAL A 39 -1.18 11.09 50.25
C VAL A 39 -0.87 9.63 49.84
N CYS A 40 -1.90 8.92 49.45
CA CYS A 40 -1.78 7.60 48.75
C CYS A 40 -2.27 7.72 47.34
N MET A 41 -1.38 7.48 46.39
CA MET A 41 -1.70 7.55 45.00
C MET A 41 -1.62 6.11 44.46
N VAL A 42 -2.57 5.74 43.65
CA VAL A 42 -2.55 4.42 43.01
C VAL A 42 -2.53 4.66 41.49
N GLU A 43 -1.81 3.79 40.76
CA GLU A 43 -1.61 3.92 39.32
C GLU A 43 -1.73 2.51 38.76
N ILE A 44 -2.65 2.36 37.83
CA ILE A 44 -2.95 1.09 37.22
C ILE A 44 -1.79 0.47 36.44
N GLY A 45 -0.97 1.29 35.82
CA GLY A 45 0.14 0.85 35.09
C GLY A 45 1.42 0.75 35.90
N ALA A 46 2.48 0.48 35.15
CA ALA A 46 3.83 0.32 35.73
C ALA A 46 4.60 1.67 35.80
N ALA A 47 5.58 1.72 36.68
CA ALA A 47 6.63 2.76 36.57
C ALA A 47 7.54 2.25 35.56
N ASP A 48 7.60 2.88 34.41
CA ASP A 48 8.41 2.32 33.37
C ASP A 48 9.30 3.34 32.68
N SER A 49 9.43 4.55 33.21
CA SER A 49 10.35 5.53 32.59
C SER A 49 10.92 6.37 33.75
N PHE A 50 12.22 6.46 33.93
CA PHE A 50 12.84 7.04 35.16
C PHE A 50 13.97 8.01 34.80
N THR A 51 14.13 9.02 35.65
CA THR A 51 15.39 9.65 35.77
C THR A 51 15.94 9.49 37.16
N SER A 52 17.01 10.18 37.50
CA SER A 52 17.51 10.03 38.90
C SER A 52 17.96 11.43 39.31
N LYS A 53 17.80 11.75 40.60
CA LYS A 53 18.20 13.10 41.10
C LYS A 53 18.85 12.89 42.47
N PRO A 54 19.70 13.85 42.89
CA PRO A 54 20.28 13.61 44.22
C PRO A 54 19.25 13.84 45.32
N MET A 55 19.25 12.97 46.31
CA MET A 55 18.67 13.24 47.67
C MET A 55 18.89 14.63 48.25
N LYS A 56 17.88 15.22 48.90
CA LYS A 56 18.08 16.52 49.56
C LYS A 56 19.07 16.29 50.74
N VAL A 65 26.43 9.72 40.65
CA VAL A 65 26.18 9.24 39.23
C VAL A 65 24.79 8.64 39.09
N GLN A 66 24.12 8.94 37.99
CA GLN A 66 22.70 8.53 37.85
C GLN A 66 22.54 7.08 38.19
N PHE A 67 21.52 6.78 38.98
CA PHE A 67 21.12 5.36 39.32
C PHE A 67 22.21 4.57 40.10
N GLY A 68 23.12 5.28 40.69
CA GLY A 68 24.04 4.68 41.67
C GLY A 68 23.60 4.89 43.11
N PRO A 69 24.46 4.56 44.08
CA PRO A 69 24.08 4.99 45.48
C PRO A 69 24.20 6.54 45.65
N GLY A 70 23.43 7.16 46.56
CA GLY A 70 23.26 8.67 46.66
C GLY A 70 22.12 9.28 45.79
N GLN A 71 21.73 8.62 44.72
CA GLN A 71 20.77 9.23 43.77
C GLN A 71 19.41 8.64 44.04
N VAL A 72 18.33 9.33 43.71
CA VAL A 72 17.06 8.71 43.90
C VAL A 72 16.37 8.58 42.53
N PRO A 73 15.76 7.45 42.21
CA PRO A 73 15.03 7.25 40.96
C PRO A 73 13.69 7.93 40.97
N ILE A 74 13.38 8.62 39.91
CA ILE A 74 12.12 9.31 39.79
C ILE A 74 11.35 8.85 38.57
N PRO A 75 10.18 8.28 38.77
CA PRO A 75 9.35 7.75 37.69
C PRO A 75 8.60 8.83 36.98
N GLY A 76 8.05 8.48 35.84
CA GLY A 76 7.21 9.42 35.08
C GLY A 76 8.06 10.38 34.21
N TYR A 77 9.24 9.95 33.84
CA TYR A 77 10.18 10.77 33.04
C TYR A 77 9.82 10.67 31.57
N HIS A 78 10.00 11.74 30.88
CA HIS A 78 9.68 11.77 29.45
C HIS A 78 10.56 10.80 28.65
N LYS A 79 9.89 9.91 27.87
CA LYS A 79 10.58 8.94 27.07
C LYS A 79 11.45 9.52 25.97
N LYS A 80 11.15 10.66 25.48
CA LYS A 80 11.91 11.27 24.43
C LYS A 80 13.21 11.84 24.95
N ASN A 81 13.40 11.90 26.28
CA ASN A 81 14.66 12.42 26.80
C ASN A 81 15.85 11.52 26.63
N GLU A 82 15.62 10.27 26.28
CA GLU A 82 16.69 9.33 26.00
C GLU A 82 17.47 9.83 24.78
N ILE A 83 18.78 9.89 24.83
CA ILE A 83 19.55 10.47 23.80
C ILE A 83 19.23 9.83 22.41
N GLU A 84 19.01 8.50 22.40
CA GLU A 84 18.71 7.70 21.18
C GLU A 84 17.62 8.45 20.40
N TYR A 85 16.62 8.98 21.11
CA TYR A 85 15.43 9.59 20.43
C TYR A 85 15.71 11.07 20.06
N GLN A 86 16.67 11.66 20.72
CA GLN A 86 17.08 13.02 20.30
C GLN A 86 17.96 12.96 19.05
N LYS A 87 18.61 11.82 18.83
CA LYS A 87 19.52 11.65 17.69
C LYS A 87 18.71 11.08 16.52
N ASP A 88 17.66 10.30 16.77
CA ASP A 88 16.88 9.64 15.72
C ASP A 88 15.38 9.93 16.03
N ILE A 89 14.92 11.15 15.82
CA ILE A 89 13.62 11.59 16.27
C ILE A 89 12.44 10.83 15.61
N ASP A 90 12.65 10.33 14.42
CA ASP A 90 11.51 9.64 13.73
C ASP A 90 11.25 8.26 14.36
N ARG A 91 12.22 7.77 15.16
CA ARG A 91 12.01 6.50 15.83
C ARG A 91 11.02 6.60 16.96
N PHE A 92 10.85 7.80 17.50
CA PHE A 92 9.99 7.99 18.62
C PHE A 92 8.51 7.77 18.28
N VAL A 93 8.16 7.77 16.99
CA VAL A 93 6.76 7.42 16.66
C VAL A 93 6.40 6.01 17.19
N ASN A 94 7.38 5.09 17.20
CA ASN A 94 7.10 3.72 17.67
C ASN A 94 6.80 3.67 19.12
N VAL A 95 7.48 4.51 19.90
CA VAL A 95 7.22 4.63 21.33
C VAL A 95 5.83 5.11 21.62
N ILE A 96 5.39 6.15 20.93
CA ILE A 96 4.00 6.61 21.04
C ILE A 96 2.96 5.53 20.67
N LYS A 97 3.18 4.89 19.55
CA LYS A 97 2.25 3.83 19.14
C LYS A 97 2.30 2.72 20.21
N GLY A 98 3.44 2.42 20.76
CA GLY A 98 3.44 1.39 21.77
C GLY A 98 2.74 1.75 23.06
N ALA A 99 2.56 3.02 23.31
CA ALA A 99 2.05 3.52 24.55
C ALA A 99 0.53 3.64 24.52
N LEU A 100 -0.10 3.62 23.35
CA LEU A 100 -1.57 4.01 23.24
C LEU A 100 -2.45 2.81 23.03
N SER A 101 -3.43 2.70 23.91
CA SER A 101 -4.39 1.63 23.92
C SER A 101 -5.74 2.21 23.47
N THR A 102 -6.23 1.77 22.34
CA THR A 102 -7.45 2.30 21.72
C THR A 102 -8.67 2.00 22.61
N CYS A 103 -9.48 3.01 22.87
CA CYS A 103 -10.59 2.87 23.80
C CYS A 103 -11.73 1.97 23.34
N SER A 104 -12.23 2.19 22.13
CA SER A 104 -13.44 1.50 21.68
C SER A 104 -13.29 1.14 20.16
N ILE A 105 -13.18 -0.14 19.93
CA ILE A 105 -12.94 -0.68 18.58
C ILE A 105 -14.18 -1.50 18.23
N PRO A 106 -14.93 -1.08 17.22
CA PRO A 106 -16.19 -1.78 16.98
C PRO A 106 -15.93 -3.16 16.40
N THR A 107 -16.87 -4.04 16.58
CA THR A 107 -16.73 -5.41 15.95
C THR A 107 -16.93 -5.29 14.47
N SER A 108 -16.42 -6.29 13.72
CA SER A 108 -16.70 -6.34 12.32
C SER A 108 -16.69 -7.83 11.90
N ASN A 109 -17.27 -8.09 10.75
CA ASN A 109 -17.37 -9.44 10.30
C ASN A 109 -17.06 -9.51 8.79
N ASN A 110 -15.91 -9.03 8.41
CA ASN A 110 -15.50 -8.91 6.99
C ASN A 110 -15.09 -10.28 6.49
N HIS A 111 -15.54 -10.61 5.27
CA HIS A 111 -15.12 -11.84 4.59
C HIS A 111 -13.76 -11.71 4.05
N ILE A 112 -12.84 -12.61 4.38
CA ILE A 112 -11.47 -12.64 3.80
C ILE A 112 -11.47 -13.67 2.67
N ALA A 113 -11.61 -13.22 1.43
CA ALA A 113 -11.91 -14.12 0.30
C ALA A 113 -10.79 -15.06 -0.04
N THR A 114 -9.56 -14.70 0.35
CA THR A 114 -8.34 -15.49 -0.04
C THR A 114 -7.76 -16.34 1.07
N LEU A 115 -8.55 -16.58 2.11
CA LEU A 115 -8.08 -17.58 3.09
C LEU A 115 -7.97 -18.91 2.41
N ASP A 116 -7.00 -19.70 2.85
CA ASP A 116 -6.93 -21.09 2.42
C ASP A 116 -8.26 -21.79 2.84
N PRO A 117 -8.88 -22.55 1.97
CA PRO A 117 -10.28 -23.04 2.23
C PRO A 117 -10.35 -24.00 3.42
N SER A 118 -9.26 -24.54 3.90
CA SER A 118 -9.31 -25.47 5.07
C SER A 118 -9.18 -24.81 6.49
N VAL A 119 -8.93 -23.53 6.54
CA VAL A 119 -8.58 -22.86 7.80
C VAL A 119 -9.89 -22.39 8.50
N VAL A 120 -9.74 -22.19 9.78
CA VAL A 120 -10.77 -21.55 10.63
C VAL A 120 -11.18 -20.24 9.98
N SER A 121 -12.51 -20.03 9.88
CA SER A 121 -13.01 -18.79 9.25
C SER A 121 -14.28 -18.33 9.92
N ASN A 122 -14.50 -17.04 9.90
CA ASN A 122 -15.79 -16.44 10.20
C ASN A 122 -16.81 -16.75 9.10
N SER A 123 -18.11 -16.62 9.45
CA SER A 123 -19.18 -16.83 8.47
C SER A 123 -20.24 -15.74 8.76
N LEU A 124 -21.29 -15.68 7.94
CA LEU A 124 -22.31 -14.67 8.12
C LEU A 124 -23.00 -14.86 9.44
N ASP A 125 -23.28 -16.09 9.79
CA ASP A 125 -23.98 -16.43 11.03
C ASP A 125 -23.13 -16.79 12.21
N LYS A 126 -21.83 -17.09 11.99
CA LYS A 126 -20.90 -17.34 13.13
C LYS A 126 -19.67 -16.42 13.00
N PRO A 127 -19.81 -15.14 13.36
CA PRO A 127 -18.63 -14.26 13.40
C PRO A 127 -17.72 -14.64 14.51
N PHE A 128 -16.50 -14.19 14.42
CA PHE A 128 -15.54 -14.34 15.49
C PHE A 128 -16.01 -13.55 16.70
N ILE A 129 -15.62 -14.06 17.85
CA ILE A 129 -15.84 -13.39 19.12
C ILE A 129 -14.41 -13.10 19.57
N SER A 130 -14.03 -11.85 19.54
CA SER A 130 -12.62 -11.53 19.64
C SER A 130 -12.39 -10.59 20.77
N LEU A 131 -11.31 -10.93 21.49
CA LEU A 131 -10.91 -10.18 22.63
C LEU A 131 -10.55 -8.75 22.12
N GLY A 132 -11.08 -7.76 22.79
CA GLY A 132 -10.63 -6.41 22.61
C GLY A 132 -11.56 -5.53 21.75
N LYS A 133 -12.69 -6.06 21.34
CA LYS A 133 -13.65 -5.34 20.53
C LYS A 133 -14.88 -5.02 21.34
N ASN A 134 -15.59 -3.97 20.93
CA ASN A 134 -16.74 -3.45 21.64
C ASN A 134 -17.98 -3.64 20.82
N PRO A 135 -18.80 -4.68 21.10
CA PRO A 135 -19.96 -4.94 20.24
C PRO A 135 -20.97 -3.86 20.26
N ALA A 136 -21.00 -3.06 21.34
CA ALA A 136 -21.94 -1.99 21.44
C ALA A 136 -21.60 -0.72 20.69
N GLN A 137 -20.39 -0.60 20.13
CA GLN A 137 -20.03 0.69 19.50
C GLN A 137 -20.53 0.81 18.07
N ASN A 138 -21.30 1.82 17.80
CA ASN A 138 -21.67 2.18 16.44
C ASN A 138 -20.45 2.90 15.84
N PRO A 139 -19.87 2.39 14.74
CA PRO A 139 -18.69 3.07 14.19
C PRO A 139 -18.92 4.47 13.71
N PHE A 140 -20.14 4.83 13.32
CA PHE A 140 -20.40 6.15 12.71
C PHE A 140 -20.47 7.25 13.77
N VAL A 141 -20.51 6.88 15.05
CA VAL A 141 -20.57 7.90 16.10
C VAL A 141 -19.43 7.68 17.10
N ASN A 142 -18.43 6.99 16.69
CA ASN A 142 -17.27 6.70 17.52
C ASN A 142 -16.27 7.89 17.50
N LEU A 143 -15.34 7.77 18.44
CA LEU A 143 -14.04 8.51 18.41
C LEU A 143 -13.05 7.40 18.31
N GLY A 144 -12.90 6.90 17.09
CA GLY A 144 -12.17 5.69 16.83
C GLY A 144 -10.66 5.68 17.14
N ALA A 145 -10.03 6.87 17.25
CA ALA A 145 -8.66 6.96 17.55
C ALA A 145 -8.44 7.41 19.00
N GLU A 146 -9.53 7.64 19.78
CA GLU A 146 -9.36 7.94 21.21
C GLU A 146 -8.63 6.78 21.83
N ALA A 147 -7.66 7.07 22.68
CA ALA A 147 -6.77 6.07 23.32
C ALA A 147 -6.32 6.55 24.67
N VAL A 148 -5.81 5.63 25.48
CA VAL A 148 -5.24 5.91 26.77
C VAL A 148 -3.83 5.38 26.89
N THR A 149 -3.09 5.91 27.85
CA THR A 149 -1.74 5.35 28.23
C THR A 149 -1.79 5.03 29.67
N ARG A 150 -1.36 3.80 30.02
CA ARG A 150 -1.36 3.38 31.41
C ARG A 150 0.07 3.20 31.84
N GLY A 151 0.51 3.98 32.80
CA GLY A 151 1.90 3.90 33.32
C GLY A 151 2.09 5.11 34.23
N VAL A 152 3.12 5.09 35.06
CA VAL A 152 3.37 6.27 35.89
C VAL A 152 3.65 7.45 34.98
N GLY A 153 2.95 8.57 35.26
CA GLY A 153 3.00 9.73 34.40
C GLY A 153 2.01 9.76 33.30
N GLY A 154 1.18 8.70 33.15
CA GLY A 154 0.18 8.65 32.10
C GLY A 154 0.74 9.09 30.75
N MET A 155 0.03 9.97 30.03
CA MET A 155 0.44 10.29 28.67
C MET A 155 1.61 11.27 28.70
N SER A 156 1.94 11.81 29.87
CA SER A 156 3.01 12.79 29.93
C SER A 156 4.36 12.17 29.67
N THR A 157 4.47 10.83 29.56
CA THR A 157 5.76 10.28 29.26
C THR A 157 6.02 10.28 27.73
N HIS A 158 5.04 10.64 26.91
CA HIS A 158 5.27 10.75 25.48
C HIS A 158 4.66 12.02 24.83
N TRP A 159 3.94 12.92 25.57
CA TRP A 159 3.24 14.04 24.93
C TRP A 159 4.17 15.05 24.26
N THR A 160 3.63 15.89 23.41
CA THR A 160 4.47 16.87 22.71
C THR A 160 4.67 18.15 23.45
N CYS A 161 4.12 18.25 24.64
CA CYS A 161 4.48 19.29 25.59
C CYS A 161 3.99 20.70 25.26
N ALA A 162 3.03 20.81 24.38
CA ALA A 162 2.47 22.10 24.06
C ALA A 162 1.54 22.62 25.15
N THR A 163 1.81 23.84 25.62
CA THR A 163 1.05 24.32 26.78
C THR A 163 0.60 25.74 26.56
N PRO A 164 -0.26 25.93 25.59
CA PRO A 164 -0.92 27.24 25.44
C PRO A 164 -2.01 27.50 26.48
N GLU A 165 -2.28 28.78 26.70
CA GLU A 165 -3.54 29.17 27.37
C GLU A 165 -4.73 29.08 26.45
N PHE A 166 -5.93 28.99 27.05
CA PHE A 166 -7.15 29.11 26.35
C PHE A 166 -7.60 30.54 26.15
N PHE A 167 -8.28 30.77 25.04
CA PHE A 167 -8.79 32.10 24.65
C PHE A 167 -9.95 32.58 25.51
N ALA A 168 -9.86 33.79 26.01
CA ALA A 168 -10.94 34.43 26.72
C ALA A 168 -11.30 35.69 25.93
N PRO A 169 -12.50 35.75 25.37
CA PRO A 169 -12.81 36.99 24.59
C PRO A 169 -13.00 38.21 25.45
N ALA A 170 -12.80 39.39 24.83
CA ALA A 170 -12.95 40.72 25.47
C ALA A 170 -14.32 40.87 26.07
N ASP A 171 -15.36 40.46 25.37
CA ASP A 171 -16.68 40.47 25.96
C ASP A 171 -16.99 39.18 26.79
N PHE A 172 -17.19 39.36 28.08
CA PHE A 172 -17.41 38.26 28.98
C PHE A 172 -18.68 37.49 28.62
N ASN A 173 -19.60 38.13 27.88
CA ASN A 173 -20.82 37.43 27.44
C ASN A 173 -20.81 37.05 25.98
N ALA A 174 -19.62 37.04 25.37
CA ALA A 174 -19.47 36.43 24.02
C ALA A 174 -20.13 35.05 23.88
N PRO A 175 -20.69 34.76 22.72
CA PRO A 175 -21.33 33.45 22.59
C PRO A 175 -20.39 32.28 22.67
N HIS A 176 -19.13 32.43 22.36
CA HIS A 176 -18.15 31.31 22.57
C HIS A 176 -16.94 31.79 23.34
N ARG A 177 -16.42 30.95 24.19
CA ARG A 177 -15.12 31.13 24.77
C ARG A 177 -14.40 29.84 24.87
N GLU A 178 -13.08 29.82 24.80
CA GLU A 178 -12.38 28.58 25.15
C GLU A 178 -12.18 28.43 26.63
N ARG A 179 -11.82 29.54 27.31
CA ARG A 179 -11.45 29.43 28.72
C ARG A 179 -12.72 29.42 29.57
N PRO A 180 -12.91 28.37 30.40
CA PRO A 180 -14.19 28.33 31.11
C PRO A 180 -14.30 29.48 32.14
N LYS A 181 -15.51 29.78 32.60
CA LYS A 181 -15.65 30.80 33.65
C LYS A 181 -15.54 30.10 35.01
N LEU A 182 -14.80 30.71 35.86
CA LEU A 182 -14.63 30.29 37.30
C LEU A 182 -15.36 31.25 38.25
N SER A 183 -15.86 32.34 37.72
CA SER A 183 -16.74 33.28 38.51
C SER A 183 -17.72 33.90 37.55
N THR A 184 -18.86 34.34 38.07
CA THR A 184 -19.78 35.09 37.23
C THR A 184 -19.33 36.55 37.12
N ASP A 185 -18.32 36.93 37.88
CA ASP A 185 -17.73 38.25 37.76
C ASP A 185 -16.51 38.32 36.84
N ALA A 186 -16.53 39.18 35.79
CA ALA A 186 -15.47 39.16 34.79
C ALA A 186 -14.12 39.42 35.36
N ALA A 187 -14.03 40.47 36.18
CA ALA A 187 -12.72 40.86 36.70
C ALA A 187 -12.17 39.76 37.61
N GLU A 188 -13.05 39.20 38.41
CA GLU A 188 -12.60 38.19 39.32
C GLU A 188 -12.13 36.91 38.55
N ASP A 189 -12.88 36.57 37.54
CA ASP A 189 -12.53 35.43 36.64
C ASP A 189 -11.18 35.68 36.07
N ALA A 190 -10.96 36.86 35.52
CA ALA A 190 -9.64 37.16 35.00
C ALA A 190 -8.49 37.07 36.03
N ARG A 191 -8.72 37.52 37.24
CA ARG A 191 -7.73 37.48 38.31
CA ARG A 191 -7.70 37.48 38.30
C ARG A 191 -7.37 36.05 38.66
N ILE A 192 -8.41 35.21 38.82
CA ILE A 192 -8.20 33.83 39.20
C ILE A 192 -7.33 33.11 38.12
N TRP A 193 -7.72 33.26 36.87
CA TRP A 193 -6.99 32.62 35.76
C TRP A 193 -5.58 33.14 35.60
N LYS A 194 -5.34 34.41 35.79
CA LYS A 194 -4.01 34.93 35.80
C LYS A 194 -3.13 34.26 36.84
N ASP A 195 -3.66 34.05 38.04
CA ASP A 195 -2.85 33.43 39.05
CA ASP A 195 -2.98 33.39 39.15
C ASP A 195 -2.69 31.93 38.73
N LEU A 196 -3.76 31.26 38.34
CA LEU A 196 -3.67 29.81 38.12
C LEU A 196 -2.68 29.54 36.97
N TYR A 197 -2.82 30.27 35.87
CA TYR A 197 -1.95 29.96 34.72
C TYR A 197 -0.47 30.23 35.01
N ALA A 198 -0.20 31.20 35.87
CA ALA A 198 1.18 31.45 36.26
C ALA A 198 1.74 30.33 37.07
N GLN A 199 0.95 29.78 37.97
CA GLN A 199 1.40 28.73 38.80
C GLN A 199 1.49 27.40 37.96
N ALA A 200 0.51 27.19 37.07
CA ALA A 200 0.50 26.00 36.18
C ALA A 200 1.77 25.95 35.35
N LYS A 201 2.08 27.09 34.75
CA LYS A 201 3.34 27.24 33.95
C LYS A 201 4.59 26.95 34.73
N GLU A 202 4.63 27.32 35.98
CA GLU A 202 5.79 27.02 36.82
C GLU A 202 5.82 25.52 37.15
N ILE A 203 4.68 24.90 37.42
CA ILE A 203 4.62 23.49 37.74
C ILE A 203 5.10 22.64 36.61
N ILE A 204 4.64 22.93 35.39
CA ILE A 204 4.96 22.08 34.29
C ILE A 204 6.25 22.62 33.49
N GLY A 205 6.68 23.82 33.77
CA GLY A 205 7.90 24.44 33.15
C GLY A 205 7.74 24.95 31.75
N THR A 206 6.64 25.61 31.47
CA THR A 206 6.41 26.19 30.18
C THR A 206 7.46 27.21 29.75
N SER A 207 7.87 27.12 28.52
CA SER A 207 8.79 28.14 27.95
C SER A 207 8.50 28.39 26.49
N THR A 208 8.68 29.62 26.01
CA THR A 208 8.52 29.91 24.60
C THR A 208 9.86 30.21 23.90
N THR A 209 10.98 29.94 24.55
CA THR A 209 12.24 30.35 24.02
C THR A 209 13.20 29.21 23.63
N GLU A 210 12.76 27.98 23.72
CA GLU A 210 13.71 26.85 23.61
C GLU A 210 14.08 26.56 22.16
N PHE A 211 13.37 27.15 21.19
CA PHE A 211 13.69 27.05 19.76
C PHE A 211 14.18 28.34 19.09
N ASP A 212 14.58 29.30 19.92
CA ASP A 212 14.91 30.61 19.38
C ASP A 212 16.19 30.68 18.60
N HIS A 213 17.06 29.69 18.72
CA HIS A 213 18.25 29.59 17.88
C HIS A 213 18.20 28.44 16.89
N SER A 214 16.99 28.10 16.50
CA SER A 214 16.82 27.20 15.36
C SER A 214 16.62 27.97 14.10
N ILE A 215 17.40 27.58 13.06
CA ILE A 215 17.25 28.23 11.77
C ILE A 215 15.83 27.96 11.19
N ARG A 216 15.44 26.70 11.22
CA ARG A 216 14.10 26.35 10.73
C ARG A 216 12.96 27.03 11.47
N HIS A 217 13.03 27.10 12.79
CA HIS A 217 12.01 27.77 13.57
C HIS A 217 11.95 29.24 13.18
N ASN A 218 13.10 29.90 13.13
CA ASN A 218 13.13 31.33 12.78
C ASN A 218 12.74 31.62 11.34
N LEU A 219 13.11 30.78 10.39
CA LEU A 219 12.71 31.00 9.00
C LEU A 219 11.21 30.96 8.87
N VAL A 220 10.61 29.90 9.48
CA VAL A 220 9.14 29.78 9.45
C VAL A 220 8.41 30.91 10.10
N LEU A 221 8.81 31.23 11.34
CA LEU A 221 8.12 32.28 12.15
C LEU A 221 8.28 33.61 11.48
N ARG A 222 9.53 33.97 11.07
CA ARG A 222 9.74 35.28 10.54
C ARG A 222 9.20 35.48 9.14
N LYS A 223 9.30 34.42 8.31
CA LYS A 223 8.68 34.45 6.99
C LYS A 223 7.15 34.64 7.06
N TYR A 224 6.47 33.88 7.88
CA TYR A 224 5.02 33.95 7.98
C TYR A 224 4.61 35.30 8.51
N ASN A 225 5.31 35.82 9.55
CA ASN A 225 4.95 37.15 10.01
C ASN A 225 5.13 38.19 8.90
N ASP A 226 6.22 38.10 8.12
CA ASP A 226 6.50 39.07 7.01
C ASP A 226 5.37 38.99 5.96
N ILE A 227 4.93 37.75 5.70
CA ILE A 227 3.90 37.53 4.68
C ILE A 227 2.60 38.11 5.18
N PHE A 228 2.23 37.79 6.43
CA PHE A 228 0.86 38.10 6.89
C PHE A 228 0.77 39.54 7.47
N GLN A 229 1.90 40.23 7.60
CA GLN A 229 1.82 41.68 7.82
C GLN A 229 1.40 42.43 6.58
N LYS A 230 1.66 41.89 5.37
CA LYS A 230 1.21 42.50 4.10
C LYS A 230 -0.23 42.11 3.62
N GLU A 231 -1.02 41.46 4.46
CA GLU A 231 -2.35 41.05 4.02
C GLU A 231 -3.45 41.79 4.80
N ASN A 232 -4.60 41.86 4.17
CA ASN A 232 -5.66 42.74 4.66
C ASN A 232 -6.35 42.16 5.90
N VAL A 233 -6.21 40.85 6.05
CA VAL A 233 -6.53 40.17 7.29
C VAL A 233 -5.16 39.71 7.89
N ILE A 234 -4.76 40.39 8.98
CA ILE A 234 -3.57 40.14 9.72
C ILE A 234 -3.68 38.81 10.54
N ARG A 235 -2.61 38.03 10.56
CA ARG A 235 -2.56 36.85 11.34
C ARG A 235 -1.18 36.88 12.02
N GLU A 236 -1.13 36.55 13.27
CA GLU A 236 0.14 36.60 14.02
C GLU A 236 0.69 35.27 14.37
N PHE A 237 1.94 35.04 14.01
CA PHE A 237 2.61 33.75 14.33
C PHE A 237 3.49 33.95 15.52
N SER A 238 3.57 32.94 16.39
CA SER A 238 4.32 33.08 17.61
C SER A 238 4.93 31.74 17.91
N PRO A 239 5.90 31.72 18.79
CA PRO A 239 6.43 30.40 19.19
C PRO A 239 5.44 29.65 20.05
N LEU A 240 5.40 28.37 19.82
CA LEU A 240 4.47 27.47 20.56
C LEU A 240 5.04 27.37 22.00
N PRO A 241 4.23 27.63 23.02
CA PRO A 241 4.73 27.38 24.41
C PRO A 241 4.84 25.86 24.67
N LEU A 242 6.01 25.49 25.13
CA LEU A 242 6.42 24.06 25.37
C LEU A 242 6.98 23.83 26.74
N ALA A 243 6.51 22.77 27.40
CA ALA A 243 7.02 22.36 28.73
C ALA A 243 8.32 21.60 28.48
N CYS A 244 9.40 22.34 28.30
CA CYS A 244 10.71 21.73 28.00
C CYS A 244 11.78 22.76 28.30
N HIS A 245 13.04 22.32 28.38
CA HIS A 245 14.15 23.24 28.37
C HIS A 245 15.31 22.68 27.61
N ARG A 246 15.91 23.50 26.77
CA ARG A 246 17.11 23.10 26.06
C ARG A 246 18.25 23.03 27.03
N LEU A 247 19.05 22.00 26.89
CA LEU A 247 20.16 21.80 27.80
C LEU A 247 21.38 22.56 27.45
N THR A 248 22.38 22.56 28.32
CA THR A 248 23.60 23.36 28.10
C THR A 248 24.36 22.88 26.86
N ASP A 249 24.21 21.61 26.53
CA ASP A 249 24.59 21.09 25.19
C ASP A 249 23.37 21.24 24.32
N PRO A 250 23.36 22.29 23.46
CA PRO A 250 22.11 22.65 22.81
C PRO A 250 21.61 21.66 21.81
N ASP A 251 22.32 20.56 21.48
CA ASP A 251 21.70 19.50 20.66
C ASP A 251 20.55 18.74 21.40
N TYR A 252 20.47 18.95 22.68
CA TYR A 252 19.51 18.20 23.56
C TYR A 252 18.49 19.06 24.27
N VAL A 253 17.28 18.53 24.41
CA VAL A 253 16.15 19.13 25.11
C VAL A 253 15.63 18.17 26.14
N GLU A 254 15.41 18.67 27.37
CA GLU A 254 14.70 17.92 28.33
C GLU A 254 13.20 18.27 28.19
N TRP A 255 12.42 17.32 27.73
CA TRP A 255 10.94 17.40 27.63
C TRP A 255 10.36 17.14 29.00
N HIS A 256 9.42 17.96 29.48
CA HIS A 256 8.98 17.81 30.88
C HIS A 256 7.83 16.85 30.95
N ALA A 257 7.72 16.24 32.11
CA ALA A 257 6.70 15.24 32.36
C ALA A 257 6.43 15.21 33.83
N THR A 258 5.76 14.15 34.28
CA THR A 258 5.31 14.05 35.66
C THR A 258 6.48 13.96 36.63
N ASP A 259 7.65 13.47 36.18
CA ASP A 259 8.80 13.46 37.03
C ASP A 259 9.12 14.80 37.66
N ARG A 260 8.94 15.86 36.90
CA ARG A 260 9.26 17.17 37.44
C ARG A 260 8.30 17.58 38.54
N ILE A 261 7.09 17.07 38.51
CA ILE A 261 6.07 17.42 39.44
C ILE A 261 6.29 16.63 40.69
N LEU A 262 6.60 15.36 40.51
CA LEU A 262 6.82 14.47 41.68
C LEU A 262 8.17 14.55 42.30
N GLU A 263 9.14 15.25 41.69
CA GLU A 263 10.55 15.15 42.08
C GLU A 263 10.79 15.26 43.55
N GLU A 264 10.27 16.34 44.15
CA GLU A 264 10.50 16.57 45.60
C GLU A 264 9.88 15.56 46.50
N LEU A 265 8.82 14.95 46.05
CA LEU A 265 8.21 13.87 46.77
C LEU A 265 9.11 12.63 46.87
N PHE A 266 10.11 12.56 45.97
CA PHE A 266 11.11 11.51 45.99
C PHE A 266 12.42 11.99 46.60
N THR A 267 12.83 13.25 46.39
CA THR A 267 14.17 13.64 46.75
C THR A 267 14.26 14.15 48.22
N ASP A 268 13.13 14.61 48.73
CA ASP A 268 13.07 15.12 50.13
C ASP A 268 12.50 14.09 51.00
N PRO A 269 13.30 13.48 51.90
CA PRO A 269 12.85 12.32 52.73
C PRO A 269 11.68 12.63 53.65
N VAL A 270 11.54 13.87 54.06
CA VAL A 270 10.34 14.29 54.85
C VAL A 270 9.07 14.21 54.01
N LYS A 271 9.17 14.66 52.77
CA LYS A 271 8.04 14.58 51.86
C LYS A 271 7.79 13.16 51.39
N ARG A 272 8.87 12.41 51.17
CA ARG A 272 8.77 11.01 50.76
C ARG A 272 7.99 10.22 51.80
N GLY A 273 8.21 10.55 53.06
CA GLY A 273 7.52 9.92 54.15
C GLY A 273 6.00 10.17 54.20
N ARG A 274 5.47 11.16 53.48
CA ARG A 274 4.04 11.38 53.46
C ARG A 274 3.39 10.92 52.16
N PHE A 275 4.12 10.23 51.31
CA PHE A 275 3.61 9.96 49.92
C PHE A 275 3.82 8.48 49.67
N THR A 276 2.77 7.77 49.28
CA THR A 276 2.86 6.39 48.89
C THR A 276 2.33 6.29 47.49
N LEU A 277 3.06 5.58 46.64
CA LEU A 277 2.64 5.40 45.24
C LEU A 277 2.57 3.89 44.97
N LEU A 278 1.38 3.38 44.73
CA LEU A 278 1.21 1.98 44.52
C LEU A 278 1.04 1.81 42.94
N THR A 279 1.96 1.14 42.31
CA THR A 279 1.92 0.95 40.85
C THR A 279 1.31 -0.40 40.58
N ASN A 280 0.84 -0.59 39.36
CA ASN A 280 0.07 -1.81 38.97
C ASN A 280 -1.13 -2.05 39.93
N HIS A 281 -1.71 -0.98 40.46
CA HIS A 281 -2.86 -1.07 41.33
C HIS A 281 -4.04 -0.35 40.68
N ARG A 282 -5.10 -1.12 40.40
CA ARG A 282 -6.30 -0.56 39.77
C ARG A 282 -7.23 0.02 40.85
N CYS A 283 -7.64 1.27 40.69
CA CYS A 283 -8.79 1.78 41.42
C CYS A 283 -10.02 1.25 40.74
N THR A 284 -10.60 0.22 41.34
CA THR A 284 -11.71 -0.48 40.69
C THR A 284 -12.93 0.37 40.81
N LYS A 285 -13.16 0.89 42.03
CA LYS A 285 -14.33 1.73 42.25
C LYS A 285 -14.20 2.40 43.57
N LEU A 286 -15.00 3.44 43.75
CA LEU A 286 -15.13 4.06 45.08
C LEU A 286 -16.41 3.51 45.66
N VAL A 287 -16.46 3.38 46.97
CA VAL A 287 -17.69 2.90 47.65
C VAL A 287 -18.21 4.03 48.46
N PHE A 288 -19.51 4.29 48.31
CA PHE A 288 -20.16 5.50 48.92
C PHE A 288 -20.94 5.12 50.18
N LYS A 289 -21.19 6.12 51.02
CA LYS A 289 -21.99 5.96 52.25
C LYS A 289 -23.37 5.40 51.92
N HIS A 290 -23.94 5.87 50.87
CA HIS A 290 -25.14 5.28 50.38
C HIS A 290 -25.32 5.51 48.87
N TYR A 291 -26.45 5.01 48.33
CA TYR A 291 -26.74 5.05 46.91
C TYR A 291 -28.04 5.71 46.56
N ARG A 292 -28.36 6.78 47.30
CA ARG A 292 -29.59 7.55 47.06
C ARG A 292 -29.27 8.79 46.27
N PRO A 293 -29.84 8.91 45.07
CA PRO A 293 -29.54 10.11 44.25
C PRO A 293 -30.06 11.40 44.83
N GLY A 294 -29.41 12.51 44.54
CA GLY A 294 -29.93 13.82 44.97
C GLY A 294 -29.72 14.23 46.43
N GLU A 295 -29.05 13.38 47.23
CA GLU A 295 -28.87 13.62 48.64
C GLU A 295 -27.43 13.70 48.93
N GLU A 296 -27.06 14.45 49.95
CA GLU A 296 -25.67 14.58 50.39
C GLU A 296 -25.07 13.21 50.70
N ASN A 297 -23.79 13.04 50.31
CA ASN A 297 -23.17 11.72 50.33
C ASN A 297 -21.69 11.92 50.58
N GLU A 298 -20.96 10.82 50.65
CA GLU A 298 -19.54 10.83 50.78
C GLU A 298 -18.96 9.49 50.34
N VAL A 299 -17.67 9.55 50.01
CA VAL A 299 -16.95 8.35 49.76
C VAL A 299 -16.49 7.75 51.08
N ASP A 300 -16.75 6.44 51.22
CA ASP A 300 -16.35 5.66 52.39
C ASP A 300 -14.95 5.06 52.24
N TYR A 301 -14.70 4.41 51.09
CA TYR A 301 -13.38 3.95 50.80
C TYR A 301 -13.14 3.67 49.29
N ALA A 302 -11.86 3.54 48.89
CA ALA A 302 -11.52 3.11 47.51
C ALA A 302 -11.29 1.59 47.50
N LEU A 303 -11.85 0.91 46.50
CA LEU A 303 -11.60 -0.53 46.29
C LEU A 303 -10.46 -0.62 45.26
N VAL A 304 -9.31 -1.16 45.64
CA VAL A 304 -8.08 -1.13 44.82
C VAL A 304 -7.58 -2.58 44.67
N GLU A 305 -7.13 -2.95 43.49
CA GLU A 305 -6.64 -4.28 43.31
C GLU A 305 -5.23 -4.26 42.84
N ASP A 306 -4.35 -5.02 43.48
CA ASP A 306 -2.97 -5.22 43.03
C ASP A 306 -2.99 -6.18 41.85
N LEU A 307 -2.60 -5.69 40.69
CA LEU A 307 -2.68 -6.52 39.44
C LEU A 307 -1.42 -7.37 39.22
N LEU A 308 -0.34 -7.14 39.97
CA LEU A 308 0.91 -7.86 39.73
C LEU A 308 0.89 -9.12 40.53
N PRO A 309 1.34 -10.23 39.92
CA PRO A 309 1.59 -11.35 40.82
C PRO A 309 2.92 -11.16 41.56
N HIS A 310 3.03 -11.73 42.77
CA HIS A 310 4.29 -11.69 43.56
C HIS A 310 4.99 -13.03 43.75
N SER A 319 -4.38 -9.31 44.93
CA SER A 319 -5.52 -9.15 45.86
C SER A 319 -6.01 -7.65 46.13
N VAL A 320 -7.15 -7.62 46.82
CA VAL A 320 -8.08 -6.46 46.87
C VAL A 320 -7.95 -5.81 48.22
N LYS A 321 -7.72 -4.49 48.26
CA LYS A 321 -7.49 -3.71 49.47
C LYS A 321 -8.60 -2.63 49.53
N LYS A 322 -9.13 -2.32 50.71
CA LYS A 322 -9.90 -1.09 50.89
C LYS A 322 -8.91 -0.01 51.38
N ILE A 323 -8.88 1.16 50.75
CA ILE A 323 -7.97 2.22 51.15
C ILE A 323 -8.89 3.35 51.57
N TYR A 324 -8.69 3.79 52.81
CA TYR A 324 -9.48 4.81 53.47
C TYR A 324 -8.67 6.10 53.51
N ALA A 325 -9.34 7.21 53.20
CA ALA A 325 -8.72 8.53 53.24
C ALA A 325 -9.80 9.52 53.62
N ARG A 326 -9.37 10.71 54.00
CA ARG A 326 -10.34 11.75 54.25
C ARG A 326 -10.92 12.36 52.99
N SER A 327 -10.17 12.38 51.89
CA SER A 327 -10.71 12.87 50.65
C SER A 327 -10.16 11.98 49.52
N TYR A 328 -10.89 12.02 48.41
CA TYR A 328 -10.62 11.16 47.26
C TYR A 328 -10.56 12.02 46.00
N VAL A 329 -9.57 11.75 45.16
CA VAL A 329 -9.44 12.44 43.88
C VAL A 329 -9.27 11.37 42.80
N VAL A 330 -10.12 11.43 41.79
CA VAL A 330 -10.06 10.60 40.62
C VAL A 330 -9.46 11.47 39.51
N ALA A 331 -8.23 11.14 39.16
CA ALA A 331 -7.49 11.89 38.11
C ALA A 331 -6.97 10.79 37.13
N CYS A 332 -7.87 10.11 36.46
CA CYS A 332 -7.49 8.97 35.62
C CYS A 332 -7.53 9.24 34.13
N GLY A 333 -7.58 10.50 33.76
CA GLY A 333 -7.82 10.93 32.36
C GLY A 333 -9.27 11.02 32.07
N ALA A 334 -9.56 11.55 30.89
CA ALA A 334 -10.95 11.92 30.54
C ALA A 334 -11.86 10.66 30.48
N VAL A 335 -11.35 9.55 29.87
CA VAL A 335 -12.18 8.40 29.78
C VAL A 335 -12.24 7.67 31.11
N ALA A 336 -11.07 7.42 31.72
CA ALA A 336 -10.98 6.46 32.81
C ALA A 336 -11.49 7.14 34.08
N THR A 337 -11.49 8.49 34.14
CA THR A 337 -12.15 9.13 35.31
C THR A 337 -13.63 8.82 35.40
N ALA A 338 -14.29 9.02 34.28
CA ALA A 338 -15.69 8.70 34.15
C ALA A 338 -15.89 7.21 34.31
N GLN A 339 -14.93 6.38 33.86
CA GLN A 339 -15.09 4.94 33.99
C GLN A 339 -15.13 4.50 35.46
N VAL A 340 -14.22 5.05 36.25
CA VAL A 340 -14.14 4.66 37.71
C VAL A 340 -15.44 5.10 38.35
N LEU A 341 -15.90 6.30 37.99
CA LEU A 341 -17.07 6.81 38.68
C LEU A 341 -18.35 6.10 38.27
N ALA A 342 -18.45 5.68 36.98
CA ALA A 342 -19.52 4.81 36.52
C ALA A 342 -19.53 3.47 37.26
N ASN A 343 -18.34 2.86 37.41
CA ASN A 343 -18.22 1.54 38.00
C ASN A 343 -18.64 1.69 39.47
N SER A 344 -18.48 2.88 40.00
CA SER A 344 -18.80 3.09 41.46
C SER A 344 -20.31 3.15 41.66
N HIS A 345 -21.10 3.36 40.61
CA HIS A 345 -22.52 3.28 40.75
C HIS A 345 -23.04 1.90 41.07
N ILE A 346 -22.20 0.87 40.91
CA ILE A 346 -22.48 -0.47 41.35
C ILE A 346 -21.90 -0.73 42.78
N PRO A 347 -22.79 -0.90 43.79
CA PRO A 347 -22.41 -1.27 45.14
C PRO A 347 -21.62 -2.54 45.14
N PRO A 348 -20.73 -2.74 46.12
CA PRO A 348 -19.84 -3.94 45.98
C PRO A 348 -20.43 -5.33 46.39
N GLU A 366 -30.92 -6.11 26.50
CA GLU A 366 -30.13 -6.27 27.71
C GLU A 366 -28.59 -6.41 27.46
N ARG A 367 -28.18 -7.00 26.33
CA ARG A 367 -26.76 -7.28 26.18
C ARG A 367 -25.93 -5.98 26.12
N ASP A 368 -26.47 -5.03 25.37
CA ASP A 368 -25.88 -3.73 25.20
C ASP A 368 -26.25 -2.69 26.27
N ALA A 369 -26.81 -3.10 27.39
CA ALA A 369 -27.18 -2.09 28.43
C ALA A 369 -25.99 -1.38 29.05
N THR A 370 -26.14 -0.10 29.33
CA THR A 370 -25.11 0.64 29.95
C THR A 370 -25.36 0.85 31.44
N ILE A 371 -24.34 1.27 32.15
CA ILE A 371 -24.48 1.50 33.59
C ILE A 371 -25.20 2.86 33.79
N PRO A 372 -26.35 2.84 34.47
CA PRO A 372 -26.98 4.16 34.73
C PRO A 372 -26.15 4.88 35.84
N THR A 373 -26.05 6.21 35.78
CA THR A 373 -25.29 6.92 36.73
C THR A 373 -26.16 8.04 37.38
N PRO A 374 -27.22 7.63 38.10
CA PRO A 374 -28.07 8.63 38.68
C PRO A 374 -27.49 9.42 39.85
N LEU A 375 -26.44 8.96 40.49
CA LEU A 375 -25.85 9.72 41.56
C LEU A 375 -25.07 10.91 40.98
N MET A 376 -24.65 10.78 39.71
CA MET A 376 -23.87 11.81 38.95
C MET A 376 -24.45 11.92 37.57
N PRO A 377 -25.61 12.51 37.45
CA PRO A 377 -26.40 12.31 36.24
C PRO A 377 -25.80 12.99 34.98
N MET A 378 -24.89 13.91 35.13
CA MET A 378 -24.25 14.52 33.94
C MET A 378 -22.92 13.84 33.59
N LEU A 379 -22.57 12.72 34.27
CA LEU A 379 -21.33 12.01 33.98
C LEU A 379 -21.34 11.53 32.53
N GLY A 380 -20.26 11.80 31.82
CA GLY A 380 -20.19 11.46 30.41
C GLY A 380 -21.07 12.19 29.43
N LYS A 381 -21.75 13.27 29.82
CA LYS A 381 -22.60 14.01 28.89
C LYS A 381 -21.88 15.32 28.51
N TYR A 382 -22.21 15.87 27.35
CA TYR A 382 -21.60 17.09 26.81
C TYR A 382 -20.12 16.89 26.40
N ILE A 383 -19.72 15.67 26.02
CA ILE A 383 -18.32 15.41 25.70
C ILE A 383 -17.92 16.18 24.46
N THR A 384 -16.68 16.58 24.45
CA THR A 384 -16.12 17.39 23.30
C THR A 384 -14.80 16.67 22.87
N GLU A 385 -14.54 16.76 21.58
CA GLU A 385 -13.24 16.30 21.07
C GLU A 385 -12.95 17.18 19.86
N GLN A 386 -11.74 17.26 19.46
CA GLN A 386 -11.33 18.22 18.44
C GLN A 386 -11.15 17.56 17.09
N PRO A 387 -11.80 18.06 16.06
CA PRO A 387 -11.49 17.67 14.65
C PRO A 387 -10.11 18.19 14.30
N MET A 388 -9.39 17.46 13.47
CA MET A 388 -8.02 17.86 13.20
C MET A 388 -7.80 17.68 11.72
N THR A 389 -7.12 18.66 11.15
CA THR A 389 -6.59 18.54 9.76
C THR A 389 -5.07 18.49 9.82
N PHE A 390 -4.45 17.94 8.80
CA PHE A 390 -3.01 17.70 8.81
C PHE A 390 -2.49 17.77 7.38
N CYS A 391 -1.29 18.29 7.21
CA CYS A 391 -0.53 18.08 6.00
C CYS A 391 0.96 18.35 6.30
N GLN A 392 1.80 17.98 5.39
CA GLN A 392 3.19 18.33 5.44
C GLN A 392 3.58 19.01 4.11
N VAL A 393 4.50 19.96 4.18
CA VAL A 393 5.09 20.58 3.04
C VAL A 393 6.58 20.37 2.97
N VAL A 394 7.09 20.53 1.78
CA VAL A 394 8.47 20.72 1.54
C VAL A 394 8.69 22.20 1.32
N LEU A 395 9.66 22.78 1.99
CA LEU A 395 9.92 24.22 1.82
C LEU A 395 10.29 24.64 0.39
N ASP A 396 9.89 25.86 0.01
CA ASP A 396 10.22 26.39 -1.28
C ASP A 396 11.77 26.55 -1.42
N SER A 397 12.23 26.21 -2.62
CA SER A 397 13.62 26.28 -3.02
C SER A 397 14.13 27.71 -2.78
N SER A 398 13.31 28.72 -3.01
CA SER A 398 13.74 30.12 -2.83
C SER A 398 14.07 30.43 -1.39
N LEU A 399 13.54 29.67 -0.44
CA LEU A 399 13.86 29.85 0.97
C LEU A 399 15.25 29.44 1.35
N MET A 400 15.90 28.58 0.54
CA MET A 400 17.25 28.18 0.81
C MET A 400 18.19 29.41 0.61
N GLU A 401 17.85 30.29 -0.32
CA GLU A 401 18.65 31.49 -0.56
C GLU A 401 18.45 32.43 0.68
N VAL A 402 17.25 32.39 1.29
CA VAL A 402 16.97 33.08 2.60
C VAL A 402 17.86 32.55 3.65
N VAL A 403 18.00 31.20 3.74
CA VAL A 403 18.86 30.62 4.72
C VAL A 403 20.29 31.11 4.49
N ARG A 404 20.73 31.16 3.22
CA ARG A 404 22.10 31.58 2.88
CA ARG A 404 22.10 31.58 2.94
C ARG A 404 22.33 33.06 3.22
N ASN A 405 21.29 33.88 3.17
CA ASN A 405 21.45 35.36 3.28
C ASN A 405 20.27 35.93 3.88
N PRO A 406 20.05 35.74 5.20
CA PRO A 406 18.76 36.15 5.75
C PRO A 406 18.56 37.67 5.68
N PRO A 407 17.34 38.10 5.42
CA PRO A 407 17.14 39.55 5.24
C PRO A 407 16.86 40.24 6.61
N TRP A 408 16.73 39.51 7.68
CA TRP A 408 16.57 40.15 9.00
C TRP A 408 17.93 40.42 9.58
N PRO A 409 18.20 41.65 10.08
CA PRO A 409 19.52 42.02 10.51
C PRO A 409 19.88 41.39 11.86
N GLY A 410 21.20 41.22 12.09
CA GLY A 410 21.67 40.92 13.41
C GLY A 410 21.65 39.45 13.78
N LEU A 411 21.45 38.54 12.81
CA LEU A 411 21.30 37.13 13.17
C LEU A 411 22.63 36.43 13.00
N ASP A 412 23.60 36.87 13.77
CA ASP A 412 24.92 36.34 13.71
C ASP A 412 24.87 34.81 14.00
N TRP A 413 24.07 34.38 14.96
CA TRP A 413 24.11 32.95 15.33
C TRP A 413 23.72 32.11 14.13
N TRP A 414 22.74 32.62 13.37
CA TRP A 414 22.33 31.92 12.11
C TRP A 414 23.38 31.91 11.07
N LYS A 415 23.97 33.07 10.79
CA LYS A 415 24.94 33.13 9.75
C LYS A 415 26.17 32.27 10.13
N GLU A 416 26.54 32.21 11.41
CA GLU A 416 27.67 31.41 11.79
C GLU A 416 27.37 29.90 11.57
N LYS A 417 26.18 29.47 11.97
CA LYS A 417 25.85 28.02 11.79
C LYS A 417 25.78 27.65 10.30
N VAL A 418 25.21 28.52 9.50
CA VAL A 418 25.12 28.30 8.03
C VAL A 418 26.53 28.25 7.43
N ALA A 419 27.37 29.17 7.83
CA ALA A 419 28.78 29.23 7.34
C ALA A 419 29.53 27.98 7.67
N ARG A 420 29.38 27.46 8.89
CA ARG A 420 30.09 26.24 9.31
C ARG A 420 29.58 25.07 8.43
N HIS A 421 28.25 25.02 8.23
CA HIS A 421 27.66 23.90 7.41
C HIS A 421 28.15 23.90 5.99
N VAL A 422 28.11 25.06 5.38
CA VAL A 422 28.45 25.23 4.01
C VAL A 422 29.94 24.95 3.75
N GLU A 423 30.78 25.22 4.74
CA GLU A 423 32.21 24.95 4.68
C GLU A 423 32.45 23.45 4.85
N ALA A 424 31.75 22.78 5.76
CA ALA A 424 31.99 21.39 5.98
C ALA A 424 31.34 20.55 4.86
N PHE A 425 30.22 20.95 4.26
CA PHE A 425 29.41 20.17 3.27
C PHE A 425 29.10 21.05 2.13
N PRO A 426 30.12 21.40 1.41
CA PRO A 426 29.95 22.31 0.25
C PRO A 426 29.07 21.80 -0.87
N ASN A 427 28.95 20.51 -1.03
CA ASN A 427 27.98 20.06 -2.05
C ASN A 427 26.59 19.71 -1.52
N ASP A 428 26.27 20.05 -0.28
CA ASP A 428 24.88 19.87 0.22
C ASP A 428 24.02 20.92 -0.43
N PRO A 429 23.01 20.54 -1.18
CA PRO A 429 22.06 21.55 -1.61
C PRO A 429 21.18 22.24 -0.56
N ILE A 430 21.12 21.71 0.65
CA ILE A 430 20.42 22.34 1.69
C ILE A 430 21.43 23.00 2.62
N PRO A 431 21.31 24.31 2.82
CA PRO A 431 22.28 25.00 3.65
C PRO A 431 21.94 25.08 5.12
N ILE A 432 20.80 24.51 5.51
CA ILE A 432 20.41 24.40 6.93
C ILE A 432 21.37 23.38 7.58
N PRO A 433 21.90 23.66 8.78
CA PRO A 433 22.75 22.71 9.41
C PRO A 433 22.11 21.44 9.81
N PHE A 434 22.91 20.38 9.90
CA PHE A 434 22.40 19.09 10.23
C PHE A 434 21.62 18.96 11.54
N ARG A 435 22.03 19.57 12.55
CA ARG A 435 21.13 19.03 13.67
C ARG A 435 20.16 20.17 14.07
N ASP A 436 19.87 21.03 13.13
CA ASP A 436 19.02 22.25 13.38
C ASP A 436 17.60 21.78 13.85
N PRO A 437 17.16 22.27 15.01
CA PRO A 437 15.88 21.88 15.57
C PRO A 437 14.70 22.24 14.68
N GLU A 438 13.60 21.49 14.84
CA GLU A 438 12.41 21.78 14.08
C GLU A 438 11.77 23.11 14.47
N PRO A 439 10.90 23.59 13.67
CA PRO A 439 10.15 24.73 13.98
C PRO A 439 9.11 24.40 15.01
N GLN A 440 8.78 25.38 15.85
CA GLN A 440 7.76 25.19 16.90
C GLN A 440 6.91 26.43 16.94
N VAL A 441 6.00 26.53 16.01
CA VAL A 441 5.28 27.76 15.70
C VAL A 441 3.77 27.58 15.90
N THR A 442 3.04 28.61 16.33
CA THR A 442 1.59 28.56 16.52
C THR A 442 0.98 29.85 16.03
N ILE A 443 -0.30 29.78 15.75
CA ILE A 443 -1.19 30.99 15.67
C ILE A 443 -2.23 30.76 16.81
N LYS A 444 -2.26 31.70 17.71
CA LYS A 444 -3.19 31.64 18.84
C LYS A 444 -4.62 31.78 18.31
N PHE A 445 -5.47 30.91 18.85
CA PHE A 445 -6.91 30.90 18.62
C PHE A 445 -7.45 32.34 18.75
N THR A 446 -8.30 32.72 17.80
CA THR A 446 -9.09 33.99 17.91
C THR A 446 -10.51 33.64 17.53
N GLU A 447 -11.47 34.50 17.85
CA GLU A 447 -12.80 34.18 17.38
C GLU A 447 -13.00 34.34 15.91
N GLU A 448 -12.20 35.15 15.24
CA GLU A 448 -12.31 35.29 13.76
C GLU A 448 -11.77 34.04 13.03
N HIS A 449 -10.80 33.31 13.64
CA HIS A 449 -10.27 32.04 13.04
C HIS A 449 -10.16 31.07 14.18
N PRO A 450 -11.30 30.46 14.51
CA PRO A 450 -11.43 29.77 15.78
C PRO A 450 -10.98 28.30 15.74
N TRP A 451 -9.68 28.15 15.62
CA TRP A 451 -8.98 26.90 15.70
C TRP A 451 -7.63 27.16 16.23
N HIS A 452 -6.86 26.10 16.50
CA HIS A 452 -5.53 26.17 17.08
C HIS A 452 -4.57 25.58 16.05
N VAL A 453 -3.52 26.27 15.77
CA VAL A 453 -2.56 25.93 14.64
C VAL A 453 -1.26 25.60 15.23
N GLN A 454 -0.69 24.44 14.89
CA GLN A 454 0.69 24.13 15.20
C GLN A 454 1.44 23.91 13.86
N ILE A 455 2.61 24.53 13.76
CA ILE A 455 3.49 24.45 12.55
C ILE A 455 4.81 23.99 13.11
N HIS A 456 5.14 22.73 12.87
CA HIS A 456 6.23 22.09 13.64
C HIS A 456 6.65 20.80 12.99
N ARG A 457 7.37 19.92 13.67
CA ARG A 457 7.63 18.56 13.25
C ARG A 457 7.33 17.71 14.40
N ASP A 458 6.43 16.77 14.14
CA ASP A 458 6.26 15.61 14.99
C ASP A 458 7.00 14.49 14.33
N ALA A 459 7.57 13.65 15.19
CA ALA A 459 7.96 12.30 14.81
C ALA A 459 6.94 11.75 13.74
N PHE A 460 7.45 11.17 12.63
CA PHE A 460 6.61 10.67 11.49
C PHE A 460 7.29 9.56 10.70
N SER A 461 6.51 8.52 10.40
CA SER A 461 6.96 7.39 9.57
C SER A 461 6.59 7.62 8.05
N TYR A 462 7.63 8.01 7.26
CA TYR A 462 7.53 8.33 5.81
C TYR A 462 7.37 7.15 4.91
N GLY A 463 6.42 7.23 4.00
CA GLY A 463 6.24 6.17 3.01
C GLY A 463 7.40 6.11 2.05
N ALA A 464 7.23 5.18 1.09
CA ALA A 464 8.18 4.87 0.01
C ALA A 464 8.45 6.13 -0.89
N VAL A 465 7.43 6.96 -1.19
CA VAL A 465 7.64 8.22 -1.99
C VAL A 465 8.28 9.30 -1.04
N ALA A 466 7.60 9.65 0.05
CA ALA A 466 8.04 10.69 0.95
C ALA A 466 9.47 10.48 1.51
N GLU A 467 9.94 9.29 1.95
CA GLU A 467 11.29 9.41 2.63
C GLU A 467 12.53 9.53 1.73
N ASN A 468 12.29 9.84 0.47
CA ASN A 468 13.39 10.32 -0.34
C ASN A 468 13.71 11.77 -0.11
N MET A 469 13.05 12.45 0.83
CA MET A 469 13.14 13.91 0.94
C MET A 469 13.93 14.09 2.23
N ASP A 470 14.78 15.09 2.29
CA ASP A 470 15.55 15.44 3.49
C ASP A 470 14.65 16.15 4.54
N THR A 471 14.75 15.63 5.75
CA THR A 471 13.99 16.10 6.87
C THR A 471 14.10 17.59 7.25
N ARG A 472 15.22 18.21 6.88
CA ARG A 472 15.41 19.59 7.17
C ARG A 472 14.46 20.56 6.49
N VAL A 473 13.92 20.10 5.37
CA VAL A 473 13.05 20.95 4.58
C VAL A 473 11.58 20.53 4.67
N ILE A 474 11.20 19.67 5.60
CA ILE A 474 9.81 19.30 5.78
C ILE A 474 9.25 20.02 6.95
N VAL A 475 8.01 20.53 6.82
CA VAL A 475 7.27 21.18 7.96
C VAL A 475 5.88 20.62 8.00
N ASP A 476 5.36 20.34 9.23
CA ASP A 476 4.08 19.71 9.42
C ASP A 476 3.11 20.78 9.92
N TYR A 477 1.81 20.60 9.64
CA TYR A 477 0.77 21.52 9.96
C TYR A 477 -0.27 20.62 10.64
N ARG A 478 -0.67 21.00 11.85
CA ARG A 478 -1.79 20.39 12.52
C ARG A 478 -2.77 21.43 12.99
N PHE A 479 -4.02 21.39 12.45
CA PHE A 479 -4.98 22.41 12.82
C PHE A 479 -6.06 21.67 13.63
N PHE A 480 -6.37 22.17 14.82
CA PHE A 480 -7.34 21.57 15.71
C PHE A 480 -8.50 22.49 15.84
N GLY A 481 -9.68 22.00 15.64
CA GLY A 481 -10.93 22.79 15.80
C GLY A 481 -11.60 22.45 17.16
N TYR A 482 -12.74 23.09 17.43
CA TYR A 482 -13.45 22.71 18.62
C TYR A 482 -14.82 22.22 18.25
N THR A 483 -15.44 21.54 19.23
CA THR A 483 -16.81 21.11 19.10
C THR A 483 -17.61 21.65 20.30
N GLU A 484 -18.81 22.09 19.98
CA GLU A 484 -19.71 22.66 21.00
C GLU A 484 -20.10 21.51 21.94
N PRO A 485 -20.12 21.80 23.22
CA PRO A 485 -20.76 20.85 24.15
C PRO A 485 -22.27 20.66 23.87
N GLN A 486 -22.72 19.42 23.76
CA GLN A 486 -24.12 19.12 23.55
C GLN A 486 -24.45 17.97 24.39
N GLU A 487 -25.63 18.04 25.03
CA GLU A 487 -26.06 17.00 26.02
C GLU A 487 -26.07 15.56 25.40
N ALA A 488 -26.47 15.43 24.16
CA ALA A 488 -26.64 14.12 23.49
C ALA A 488 -25.27 13.47 23.14
N ASN A 489 -24.18 14.25 23.16
CA ASN A 489 -22.85 13.70 22.89
C ASN A 489 -22.38 13.09 24.21
N GLU A 490 -22.18 11.77 24.21
CA GLU A 490 -21.87 11.10 25.41
C GLU A 490 -20.88 9.98 25.36
N LEU A 491 -20.32 9.75 26.52
CA LEU A 491 -19.52 8.60 26.85
C LEU A 491 -20.32 7.83 27.87
N VAL A 492 -20.58 6.59 27.56
CA VAL A 492 -21.34 5.65 28.44
C VAL A 492 -20.54 4.39 28.63
N PHE A 493 -20.85 3.67 29.67
CA PHE A 493 -20.13 2.44 30.03
C PHE A 493 -20.99 1.18 30.05
N GLN A 494 -20.46 0.12 29.43
CA GLN A 494 -21.20 -1.08 29.28
C GLN A 494 -21.25 -1.91 30.58
N GLN A 495 -22.45 -2.40 30.90
CA GLN A 495 -22.63 -3.42 31.93
C GLN A 495 -21.97 -4.77 31.69
N HIS A 496 -22.00 -5.29 30.47
CA HIS A 496 -21.60 -6.71 30.22
C HIS A 496 -20.37 -6.88 29.38
N TYR A 497 -19.74 -5.78 28.99
CA TYR A 497 -18.48 -5.82 28.25
C TYR A 497 -17.46 -5.08 29.06
N ARG A 498 -16.22 -5.54 28.99
CA ARG A 498 -15.19 -5.00 29.87
C ARG A 498 -13.92 -4.84 29.11
N ASP A 499 -13.08 -3.91 29.50
CA ASP A 499 -11.75 -3.73 28.84
C ASP A 499 -10.73 -4.71 29.39
N ALA A 500 -9.49 -4.63 28.94
CA ALA A 500 -8.48 -5.66 29.24
C ALA A 500 -8.09 -5.59 30.72
N TYR A 501 -8.46 -4.50 31.42
CA TYR A 501 -8.20 -4.43 32.85
C TYR A 501 -9.45 -4.64 33.69
N ASP A 502 -10.45 -5.25 33.06
CA ASP A 502 -11.67 -5.61 33.69
C ASP A 502 -12.53 -4.44 34.14
N MET A 503 -12.38 -3.29 33.54
CA MET A 503 -13.25 -2.18 33.80
C MET A 503 -14.34 -2.11 32.71
N PRO A 504 -15.48 -1.44 33.03
CA PRO A 504 -16.58 -1.29 32.08
C PRO A 504 -16.11 -0.64 30.81
N GLN A 505 -16.46 -1.31 29.72
CA GLN A 505 -16.06 -0.90 28.39
C GLN A 505 -16.68 0.47 28.02
N PRO A 506 -15.88 1.41 27.52
CA PRO A 506 -16.42 2.71 27.10
C PRO A 506 -17.03 2.63 25.76
N THR A 507 -18.08 3.40 25.56
CA THR A 507 -18.76 3.44 24.28
C THR A 507 -19.04 4.94 24.02
N PHE A 508 -18.71 5.39 22.81
CA PHE A 508 -18.86 6.76 22.47
C PHE A 508 -20.11 6.93 21.62
N LYS A 509 -20.79 8.04 21.85
CA LYS A 509 -21.82 8.51 20.94
C LYS A 509 -21.59 9.98 20.70
N PHE A 510 -20.90 10.28 19.61
CA PHE A 510 -20.42 11.58 19.28
C PHE A 510 -20.78 12.00 17.89
N THR A 511 -21.51 13.11 17.71
CA THR A 511 -21.83 13.63 16.44
C THR A 511 -21.64 15.14 16.53
N MET A 512 -20.86 15.70 15.61
CA MET A 512 -20.60 17.17 15.58
C MET A 512 -21.84 17.94 15.13
N SER A 513 -22.01 19.17 15.57
CA SER A 513 -23.10 20.02 15.10
C SER A 513 -22.84 20.62 13.74
N GLN A 514 -23.89 21.27 13.24
CA GLN A 514 -23.75 21.99 11.99
C GLN A 514 -22.73 23.10 12.05
N ASP A 515 -22.72 23.91 13.14
CA ASP A 515 -21.70 24.98 13.25
C ASP A 515 -20.26 24.39 13.39
N ASP A 516 -20.12 23.24 14.07
CA ASP A 516 -18.84 22.59 14.24
C ASP A 516 -18.28 22.19 12.82
N ARG A 517 -19.17 21.67 11.98
CA ARG A 517 -18.83 21.28 10.60
C ARG A 517 -18.47 22.46 9.72
N ALA A 518 -19.21 23.54 9.82
CA ALA A 518 -18.94 24.78 9.05
C ALA A 518 -17.54 25.27 9.46
N ARG A 519 -17.21 25.30 10.78
CA ARG A 519 -15.92 25.71 11.18
C ARG A 519 -14.85 24.77 10.68
N ALA A 520 -15.13 23.49 10.68
CA ALA A 520 -14.08 22.55 10.25
C ALA A 520 -13.74 22.75 8.77
N ARG A 521 -14.74 23.07 7.94
CA ARG A 521 -14.43 23.37 6.50
C ARG A 521 -13.61 24.60 6.38
N ARG A 522 -13.96 25.62 7.13
CA ARG A 522 -13.09 26.83 7.17
C ARG A 522 -11.69 26.59 7.63
N MET A 523 -11.47 25.69 8.54
CA MET A 523 -10.19 25.33 9.09
C MET A 523 -9.36 24.64 8.07
N MET A 524 -9.98 23.68 7.34
CA MET A 524 -9.28 23.08 6.21
C MET A 524 -8.87 24.03 5.16
N ASP A 525 -9.76 24.91 4.80
CA ASP A 525 -9.35 25.97 3.82
C ASP A 525 -8.19 26.85 4.29
N ASP A 526 -8.22 27.22 5.58
CA ASP A 526 -7.18 27.99 6.22
C ASP A 526 -5.87 27.25 6.21
N MET A 527 -5.89 25.95 6.48
CA MET A 527 -4.65 25.19 6.48
C MET A 527 -4.04 25.18 5.02
N CYS A 528 -4.84 24.91 4.01
CA CYS A 528 -4.35 24.94 2.62
C CYS A 528 -3.70 26.30 2.30
N ASN A 529 -4.39 27.37 2.64
CA ASN A 529 -3.90 28.69 2.36
C ASN A 529 -2.53 28.98 3.04
N ILE A 530 -2.48 28.62 4.31
CA ILE A 530 -1.30 28.94 5.15
C ILE A 530 -0.11 28.10 4.71
N ALA A 531 -0.36 26.82 4.49
CA ALA A 531 0.75 25.93 4.20
C ALA A 531 1.42 26.32 2.88
N LEU A 532 0.61 26.68 1.92
CA LEU A 532 1.13 26.97 0.57
C LEU A 532 1.87 28.27 0.44
N LYS A 533 1.91 29.07 1.50
CA LYS A 533 2.74 30.26 1.45
C LYS A 533 4.19 30.02 1.44
N ILE A 534 4.62 28.92 2.06
CA ILE A 534 6.05 28.65 2.22
C ILE A 534 6.55 27.34 1.61
N GLY A 535 5.62 26.53 1.20
CA GLY A 535 6.01 25.24 0.63
C GLY A 535 4.87 24.60 -0.11
N GLY A 536 5.18 23.41 -0.63
CA GLY A 536 4.28 22.62 -1.39
C GLY A 536 4.09 21.25 -0.77
N TYR A 537 2.86 20.73 -0.88
CA TYR A 537 2.47 19.49 -0.15
C TYR A 537 3.40 18.32 -0.52
N LEU A 538 3.85 17.61 0.52
CA LEU A 538 4.73 16.47 0.37
C LEU A 538 3.83 15.32 -0.07
N PRO A 539 4.18 14.64 -1.13
CA PRO A 539 3.33 13.52 -1.56
C PRO A 539 3.09 12.50 -0.45
N GLY A 540 1.83 12.13 -0.27
CA GLY A 540 1.39 11.26 0.81
C GLY A 540 0.88 11.97 2.05
N SER A 541 1.20 13.27 2.15
CA SER A 541 0.79 14.09 3.27
C SER A 541 0.10 15.36 2.81
N GLU A 542 -0.76 15.20 1.82
CA GLU A 542 -1.61 16.26 1.36
C GLU A 542 -2.75 16.52 2.38
N PRO A 543 -3.37 17.66 2.30
CA PRO A 543 -4.36 18.09 3.29
C PRO A 543 -5.48 17.03 3.48
N GLN A 544 -5.71 16.69 4.73
CA GLN A 544 -6.64 15.66 5.13
C GLN A 544 -7.11 15.77 6.54
N PHE A 545 -8.34 15.32 6.78
CA PHE A 545 -8.82 15.13 8.13
C PHE A 545 -8.25 13.90 8.72
N MET A 546 -8.03 13.93 10.01
CA MET A 546 -7.61 12.74 10.73
C MET A 546 -8.81 12.00 11.38
N THR A 547 -8.55 10.77 11.82
CA THR A 547 -9.62 9.98 12.46
C THR A 547 -10.11 10.70 13.72
N PRO A 548 -11.41 10.79 13.93
CA PRO A 548 -11.84 11.44 15.18
C PRO A 548 -11.26 10.75 16.42
N GLY A 549 -10.87 11.59 17.36
CA GLY A 549 -10.21 11.16 18.58
C GLY A 549 -8.72 11.16 18.59
N LEU A 550 -8.11 11.33 17.42
CA LEU A 550 -6.67 11.26 17.37
C LEU A 550 -6.01 12.35 18.16
N ALA A 551 -6.68 13.45 18.39
CA ALA A 551 -6.08 14.54 19.16
C ALA A 551 -5.85 14.17 20.63
N LEU A 552 -6.65 13.28 21.15
CA LEU A 552 -6.58 12.76 22.55
C LEU A 552 -6.91 13.94 23.47
N HIS A 553 -7.72 14.87 22.96
CA HIS A 553 -8.13 16.06 23.80
C HIS A 553 -9.57 15.98 24.25
N LEU A 554 -10.10 14.77 24.33
CA LEU A 554 -11.37 14.48 24.91
C LEU A 554 -11.55 15.25 26.21
N ALA A 555 -12.71 15.91 26.28
CA ALA A 555 -13.03 16.77 27.44
C ALA A 555 -14.49 16.63 27.80
N GLY A 556 -14.83 17.24 28.95
CA GLY A 556 -16.22 17.32 29.32
C GLY A 556 -16.87 16.05 29.80
N THR A 557 -16.09 15.02 30.14
CA THR A 557 -16.65 13.74 30.63
C THR A 557 -17.01 13.78 32.11
N THR A 558 -16.45 14.71 32.86
CA THR A 558 -16.73 14.96 34.27
C THR A 558 -16.76 16.47 34.45
N ARG A 559 -17.62 17.18 33.67
CA ARG A 559 -17.46 18.60 33.45
C ARG A 559 -17.70 19.43 34.71
N CYS A 560 -16.90 20.43 34.91
CA CYS A 560 -16.91 21.23 36.20
C CYS A 560 -17.15 22.64 35.87
N GLY A 561 -18.05 23.27 36.64
CA GLY A 561 -18.33 24.65 36.40
C GLY A 561 -19.45 25.22 37.32
N LEU A 562 -19.91 26.40 36.96
CA LEU A 562 -20.91 27.19 37.78
C LEU A 562 -22.36 26.68 37.62
N ASP A 563 -22.70 26.10 36.46
CA ASP A 563 -24.07 25.61 36.23
C ASP A 563 -24.26 24.27 36.84
N THR A 564 -24.77 24.27 38.06
CA THR A 564 -24.85 23.04 38.81
C THR A 564 -25.71 22.00 38.09
N GLN A 565 -26.72 22.45 37.39
CA GLN A 565 -27.64 21.53 36.82
C GLN A 565 -27.01 20.81 35.60
N LYS A 566 -26.00 21.40 34.98
CA LYS A 566 -25.43 20.79 33.80
C LYS A 566 -24.00 20.25 33.97
N THR A 567 -23.54 20.15 35.20
CA THR A 567 -22.17 19.79 35.52
C THR A 567 -22.07 18.60 36.47
N VAL A 568 -20.93 17.94 36.44
CA VAL A 568 -20.66 16.91 37.41
C VAL A 568 -20.13 17.51 38.70
N GLY A 569 -19.31 18.55 38.54
CA GLY A 569 -18.67 19.17 39.68
C GLY A 569 -18.68 20.68 39.66
N ASN A 570 -18.35 21.29 40.81
CA ASN A 570 -18.27 22.73 40.87
C ASN A 570 -16.91 23.27 40.34
N THR A 571 -16.66 24.61 40.54
CA THR A 571 -15.46 25.22 39.91
C THR A 571 -14.24 24.87 40.73
N HIS A 572 -14.39 24.14 41.85
CA HIS A 572 -13.27 23.54 42.58
C HIS A 572 -13.16 22.07 42.31
N CYS A 573 -13.97 21.58 41.34
CA CYS A 573 -13.92 20.19 40.86
C CYS A 573 -14.41 19.22 41.94
N LYS A 574 -15.14 19.70 42.94
CA LYS A 574 -15.80 18.81 43.90
C LYS A 574 -17.09 18.29 43.25
N VAL A 575 -17.25 16.97 43.27
CA VAL A 575 -18.45 16.34 42.70
C VAL A 575 -19.68 16.75 43.52
N HIS A 576 -20.75 17.17 42.86
CA HIS A 576 -22.00 17.53 43.51
C HIS A 576 -22.54 16.44 44.39
N ASN A 577 -22.91 16.87 45.59
CA ASN A 577 -23.49 16.02 46.62
C ASN A 577 -22.48 15.12 47.32
N PHE A 578 -21.18 15.22 46.98
CA PHE A 578 -20.17 14.47 47.76
C PHE A 578 -19.26 15.46 48.41
N ASN A 579 -19.14 15.41 49.73
CA ASN A 579 -18.25 16.38 50.38
C ASN A 579 -16.79 16.07 50.26
N ASN A 580 -16.41 14.87 49.81
CA ASN A 580 -15.01 14.52 49.87
C ASN A 580 -14.50 13.87 48.57
N LEU A 581 -15.12 14.23 47.46
CA LEU A 581 -14.78 13.57 46.14
C LEU A 581 -14.50 14.64 45.13
N TYR A 582 -13.30 14.57 44.48
CA TYR A 582 -12.90 15.54 43.51
C TYR A 582 -12.48 14.79 42.23
N VAL A 583 -12.57 15.45 41.11
CA VAL A 583 -12.14 14.91 39.80
C VAL A 583 -11.06 15.85 39.21
N GLY A 584 -10.23 15.29 38.32
CA GLY A 584 -9.20 16.07 37.66
C GLY A 584 -9.03 15.55 36.24
N GLY A 585 -8.49 16.44 35.40
CA GLY A 585 -8.08 16.12 34.07
C GLY A 585 -8.91 16.91 33.05
N ASN A 586 -8.64 16.61 31.77
CA ASN A 586 -9.30 17.26 30.71
C ASN A 586 -10.81 17.03 30.76
N GLY A 587 -11.26 15.98 31.45
CA GLY A 587 -12.66 15.75 31.54
C GLY A 587 -13.43 16.79 32.34
N VAL A 588 -12.71 17.56 33.12
CA VAL A 588 -13.36 18.58 33.89
C VAL A 588 -13.70 19.78 33.08
N ILE A 589 -12.98 19.98 31.98
CA ILE A 589 -13.18 21.18 31.19
C ILE A 589 -14.53 21.19 30.47
N GLU A 590 -15.31 22.24 30.66
CA GLU A 590 -16.75 22.24 30.23
C GLU A 590 -16.98 22.96 28.89
N THR A 591 -15.95 23.59 28.36
CA THR A 591 -16.10 24.39 27.14
C THR A 591 -15.72 23.57 25.88
N GLY A 592 -16.12 24.09 24.74
CA GLY A 592 -15.54 23.60 23.48
C GLY A 592 -14.28 24.42 23.21
N PHE A 593 -13.18 23.73 23.22
CA PHE A 593 -11.87 24.38 23.02
C PHE A 593 -11.09 23.66 21.92
N ALA A 594 -10.16 24.40 21.33
CA ALA A 594 -9.31 23.93 20.23
C ALA A 594 -7.84 23.70 20.67
N ALA A 595 -7.38 24.49 21.61
CA ALA A 595 -6.01 24.42 22.06
C ALA A 595 -5.73 23.16 22.93
N ASN A 596 -4.47 22.89 23.17
CA ASN A 596 -4.03 21.75 23.94
C ASN A 596 -4.43 21.98 25.39
N PRO A 597 -5.07 20.97 26.02
CA PRO A 597 -5.77 21.21 27.32
C PRO A 597 -4.92 21.05 28.59
N THR A 598 -3.72 20.45 28.57
CA THR A 598 -3.08 20.02 29.78
C THR A 598 -2.86 21.18 30.74
N LEU A 599 -2.40 22.29 30.23
CA LEU A 599 -2.10 23.46 31.13
C LEU A 599 -3.34 23.93 31.90
N THR A 600 -4.46 24.10 31.19
CA THR A 600 -5.74 24.40 31.75
C THR A 600 -6.21 23.36 32.79
N SER A 601 -6.01 22.06 32.52
CA SER A 601 -6.34 21.02 33.51
C SER A 601 -5.47 21.12 34.73
N ILE A 602 -4.22 21.49 34.56
CA ILE A 602 -3.34 21.76 35.70
C ILE A 602 -3.89 22.90 36.56
N CYS A 603 -4.43 23.95 35.91
CA CYS A 603 -5.05 25.02 36.69
C CYS A 603 -6.17 24.51 37.59
N TYR A 604 -6.95 23.63 37.02
CA TYR A 604 -8.06 23.06 37.81
C TYR A 604 -7.58 22.18 38.89
N ALA A 605 -6.47 21.48 38.69
CA ALA A 605 -5.90 20.64 39.75
C ALA A 605 -5.37 21.48 40.91
N ILE A 606 -4.78 22.63 40.57
CA ILE A 606 -4.34 23.63 41.60
C ILE A 606 -5.53 24.10 42.45
N ARG A 607 -6.56 24.53 41.75
CA ARG A 607 -7.74 25.09 42.39
C ARG A 607 -8.40 24.02 43.27
N ALA A 608 -8.53 22.79 42.76
CA ALA A 608 -9.10 21.69 43.56
C ALA A 608 -8.20 21.39 44.75
N SER A 609 -6.90 21.32 44.52
CA SER A 609 -5.99 21.02 45.58
C SER A 609 -6.12 22.03 46.74
N ASN A 610 -6.19 23.28 46.38
CA ASN A 610 -6.38 24.33 47.38
C ASN A 610 -7.66 24.18 48.17
N ASP A 611 -8.75 23.76 47.53
CA ASP A 611 -10.00 23.43 48.25
C ASP A 611 -9.87 22.25 49.21
N ILE A 612 -9.24 21.17 48.75
CA ILE A 612 -8.88 20.09 49.63
C ILE A 612 -8.00 20.54 50.85
N ILE A 613 -6.97 21.33 50.57
CA ILE A 613 -6.05 21.79 51.62
C ILE A 613 -6.82 22.63 52.63
N ALA A 614 -7.68 23.51 52.14
CA ALA A 614 -8.51 24.40 53.05
C ALA A 614 -9.42 23.58 53.90
N LYS A 615 -10.06 22.59 53.31
CA LYS A 615 -11.10 21.80 54.00
C LYS A 615 -10.58 20.69 54.85
N PHE A 616 -9.51 20.05 54.45
CA PHE A 616 -9.05 18.81 55.08
C PHE A 616 -7.65 19.05 55.64
N GLY A 617 -7.16 20.29 55.56
CA GLY A 617 -6.17 20.76 56.50
C GLY A 617 -6.95 21.53 57.57
N PRO B 13 43.75 1.41 40.39
CA PRO B 13 42.93 0.99 39.24
C PRO B 13 41.82 -0.04 39.63
N TYR B 14 40.66 -0.01 38.93
CA TYR B 14 39.64 -1.08 39.01
C TYR B 14 40.30 -2.38 38.64
N ASP B 15 39.71 -3.47 39.03
CA ASP B 15 40.22 -4.77 38.56
C ASP B 15 39.79 -5.07 37.11
N VAL B 16 38.56 -4.71 36.75
CA VAL B 16 38.02 -5.00 35.42
C VAL B 16 37.21 -3.82 34.93
N PHE B 17 37.51 -3.35 33.71
CA PHE B 17 36.75 -2.33 32.99
C PHE B 17 35.89 -3.13 31.98
N ILE B 18 34.60 -2.85 31.86
CA ILE B 18 33.75 -3.52 30.88
C ILE B 18 32.99 -2.46 30.09
N ALA B 19 33.11 -2.48 28.77
CA ALA B 19 32.30 -1.68 27.90
C ALA B 19 31.11 -2.50 27.41
N GLY B 20 29.89 -2.04 27.72
CA GLY B 20 28.67 -2.68 27.34
C GLY B 20 27.98 -3.37 28.48
N SER B 21 26.67 -3.20 28.54
CA SER B 21 25.82 -3.68 29.64
C SER B 21 24.68 -4.58 29.18
N GLY B 22 24.90 -5.23 28.05
CA GLY B 22 24.03 -6.29 27.67
C GLY B 22 24.24 -7.54 28.53
N PRO B 23 23.65 -8.64 28.16
CA PRO B 23 23.73 -9.82 29.05
C PRO B 23 25.14 -10.39 29.11
N ILE B 24 25.94 -10.18 28.06
CA ILE B 24 27.35 -10.62 28.10
C ILE B 24 28.20 -9.77 29.03
N GLY B 25 28.11 -8.44 28.88
CA GLY B 25 28.84 -7.56 29.78
C GLY B 25 28.39 -7.82 31.20
N ALA B 26 27.10 -7.99 31.41
CA ALA B 26 26.60 -8.29 32.73
C ALA B 26 27.07 -9.62 33.33
N THR B 27 27.30 -10.63 32.51
CA THR B 27 27.85 -11.86 32.98
C THR B 27 29.28 -11.63 33.46
N PHE B 28 30.10 -10.97 32.67
CA PHE B 28 31.42 -10.62 33.19
C PHE B 28 31.32 -9.88 34.54
N ALA B 29 30.41 -8.91 34.66
CA ALA B 29 30.33 -8.13 35.88
C ALA B 29 29.94 -9.01 37.06
N LYS B 30 28.92 -9.83 36.89
CA LYS B 30 28.45 -10.67 37.92
C LYS B 30 29.55 -11.60 38.41
N LEU B 31 30.21 -12.28 37.49
CA LEU B 31 31.24 -13.26 37.87
C LEU B 31 32.44 -12.64 38.53
N CYS B 32 32.81 -11.47 38.03
CA CYS B 32 33.98 -10.82 38.54
C CYS B 32 33.69 -10.21 39.91
N VAL B 33 32.56 -9.55 40.06
CA VAL B 33 32.20 -8.96 41.38
C VAL B 33 31.99 -10.10 42.37
N ASP B 34 31.40 -11.23 41.94
CA ASP B 34 31.23 -12.38 42.88
C ASP B 34 32.59 -12.95 43.31
N ALA B 35 33.67 -12.75 42.54
CA ALA B 35 35.02 -13.21 42.88
C ALA B 35 35.83 -12.12 43.63
N ASN B 36 35.10 -11.13 44.12
CA ASN B 36 35.63 -9.99 44.92
C ASN B 36 36.47 -9.04 44.08
N LEU B 37 36.29 -8.99 42.76
CA LEU B 37 36.95 -7.96 41.97
C LEU B 37 36.10 -6.66 41.92
N ARG B 38 36.75 -5.52 41.74
CA ARG B 38 36.09 -4.25 41.60
C ARG B 38 35.92 -3.97 40.13
N VAL B 39 34.69 -3.67 39.72
CA VAL B 39 34.35 -3.55 38.31
C VAL B 39 33.80 -2.21 37.96
N CYS B 40 34.23 -1.64 36.83
CA CYS B 40 33.69 -0.45 36.29
C CYS B 40 33.09 -0.83 34.92
N MET B 41 31.79 -0.63 34.79
CA MET B 41 31.06 -0.88 33.52
C MET B 41 30.55 0.43 32.96
N VAL B 42 30.76 0.64 31.65
CA VAL B 42 30.20 1.77 30.94
C VAL B 42 29.22 1.31 29.90
N GLU B 43 28.13 2.05 29.75
CA GLU B 43 27.09 1.77 28.81
C GLU B 43 26.73 3.06 28.10
N ILE B 44 26.76 2.99 26.77
CA ILE B 44 26.59 4.15 25.93
C ILE B 44 25.15 4.69 26.00
N GLY B 45 24.21 3.78 26.22
CA GLY B 45 22.74 4.12 26.28
C GLY B 45 22.27 4.42 27.67
N ALA B 46 20.96 4.68 27.82
CA ALA B 46 20.43 5.04 29.12
C ALA B 46 19.92 3.77 29.78
N ALA B 47 19.81 3.82 31.10
CA ALA B 47 18.92 2.87 31.81
C ALA B 47 17.47 3.23 31.55
N ASP B 48 16.74 2.41 30.85
CA ASP B 48 15.41 2.76 30.39
C ASP B 48 14.32 1.70 30.62
N SER B 49 14.68 0.63 31.35
CA SER B 49 13.68 -0.38 31.68
C SER B 49 14.07 -0.97 33.05
N PHE B 50 13.15 -1.01 34.01
CA PHE B 50 13.50 -1.29 35.38
C PHE B 50 12.48 -2.22 35.98
N THR B 51 12.96 -3.01 36.94
CA THR B 51 12.09 -3.63 37.90
C THR B 51 12.56 -3.09 39.25
N SER B 52 11.99 -3.60 40.32
CA SER B 52 12.30 -3.17 41.66
C SER B 52 12.43 -4.42 42.49
N LYS B 53 13.48 -4.47 43.34
CA LYS B 53 13.65 -5.60 44.25
C LYS B 53 13.98 -5.07 45.63
N PRO B 54 13.63 -5.81 46.69
CA PRO B 54 14.08 -5.43 48.05
C PRO B 54 15.64 -5.37 48.19
N MET B 55 16.12 -4.32 48.80
CA MET B 55 17.48 -4.18 49.09
C MET B 55 17.76 -5.07 50.34
N LYS B 56 18.82 -5.85 50.27
CA LYS B 56 19.16 -6.79 51.30
C LYS B 56 19.56 -6.00 52.50
N GLY B 57 19.08 -6.37 53.67
CA GLY B 57 19.53 -5.73 54.88
C GLY B 57 18.81 -4.42 55.19
N ASP B 58 18.00 -3.88 54.30
CA ASP B 58 17.25 -2.65 54.62
C ASP B 58 16.01 -2.96 55.48
N PRO B 59 15.89 -2.38 56.66
CA PRO B 59 14.75 -2.82 57.51
C PRO B 59 13.34 -2.49 56.95
N ASN B 60 13.24 -1.56 55.97
CA ASN B 60 12.00 -1.32 55.23
C ASN B 60 11.68 -2.37 54.13
N ALA B 61 12.61 -3.24 53.84
CA ALA B 61 12.47 -4.19 52.72
C ALA B 61 11.24 -5.08 52.86
N PRO B 62 11.06 -5.80 54.01
CA PRO B 62 9.85 -6.65 54.22
C PRO B 62 8.49 -5.97 53.92
N ARG B 63 8.35 -4.74 54.36
CA ARG B 63 7.13 -3.96 54.17
C ARG B 63 6.90 -3.50 52.72
N SER B 64 8.00 -3.33 51.97
CA SER B 64 8.12 -2.46 50.83
C SER B 64 7.19 -2.74 49.63
N VAL B 65 6.83 -1.69 48.95
CA VAL B 65 6.20 -1.85 47.59
C VAL B 65 7.19 -1.55 46.51
N GLN B 66 6.90 -2.01 45.30
CA GLN B 66 7.80 -1.73 44.26
C GLN B 66 8.07 -0.25 44.10
N PHE B 67 9.34 0.05 43.90
CA PHE B 67 9.91 1.41 43.76
C PHE B 67 9.72 2.33 44.96
N GLY B 68 9.33 1.75 46.07
CA GLY B 68 9.13 2.46 47.35
C GLY B 68 10.35 2.24 48.25
N PRO B 69 10.33 2.87 49.44
CA PRO B 69 11.54 2.76 50.26
C PRO B 69 11.74 1.33 50.71
N GLY B 70 12.99 0.87 50.75
CA GLY B 70 13.25 -0.53 51.05
C GLY B 70 13.56 -1.30 49.78
N GLN B 71 13.27 -0.69 48.64
CA GLN B 71 13.47 -1.36 47.32
C GLN B 71 14.55 -0.62 46.52
N VAL B 72 15.17 -1.29 45.55
CA VAL B 72 16.11 -0.60 44.68
C VAL B 72 15.67 -0.91 43.27
N PRO B 73 15.82 0.08 42.34
CA PRO B 73 15.52 -0.25 40.93
C PRO B 73 16.65 -0.96 40.26
N ILE B 74 16.29 -1.88 39.39
CA ILE B 74 17.28 -2.77 38.75
C ILE B 74 17.03 -2.56 37.29
N PRO B 75 18.03 -2.01 36.60
CA PRO B 75 17.89 -1.78 35.14
C PRO B 75 18.11 -3.00 34.32
N GLY B 76 17.81 -2.86 33.04
CA GLY B 76 17.90 -3.99 32.11
C GLY B 76 16.80 -5.04 32.19
N TYR B 77 15.64 -4.66 32.67
CA TYR B 77 14.50 -5.48 32.79
C TYR B 77 13.81 -5.62 31.43
N HIS B 78 13.21 -6.80 31.20
CA HIS B 78 12.58 -7.02 29.94
C HIS B 78 11.29 -6.20 29.72
N LYS B 79 11.25 -5.45 28.63
CA LYS B 79 10.15 -4.55 28.44
C LYS B 79 8.81 -5.22 28.24
N LYS B 80 8.79 -6.49 27.83
CA LYS B 80 7.59 -7.25 27.64
C LYS B 80 6.93 -7.70 28.95
N ASN B 81 7.63 -7.47 30.05
CA ASN B 81 7.10 -7.83 31.37
C ASN B 81 6.03 -6.90 31.86
N GLU B 82 5.95 -5.72 31.30
CA GLU B 82 4.90 -4.77 31.69
C GLU B 82 3.53 -5.41 31.34
N ILE B 83 2.60 -5.36 32.24
CA ILE B 83 1.30 -6.00 32.09
C ILE B 83 0.59 -5.55 30.79
N GLU B 84 0.70 -4.28 30.41
CA GLU B 84 0.07 -3.80 29.17
C GLU B 84 0.44 -4.68 27.99
N TYR B 85 1.69 -5.11 27.94
CA TYR B 85 2.13 -5.94 26.79
C TYR B 85 1.80 -7.45 26.92
N GLN B 86 1.50 -7.89 28.10
CA GLN B 86 1.07 -9.29 28.34
C GLN B 86 -0.41 -9.34 28.02
N LYS B 87 -1.11 -8.23 28.14
CA LYS B 87 -2.49 -8.18 27.72
C LYS B 87 -2.73 -7.88 26.23
N ASP B 88 -1.90 -7.06 25.62
CA ASP B 88 -2.09 -6.56 24.23
C ASP B 88 -0.72 -6.85 23.56
N ILE B 89 -0.50 -8.08 23.23
CA ILE B 89 0.80 -8.53 22.84
C ILE B 89 1.27 -7.96 21.50
N ASP B 90 0.33 -7.70 20.61
CA ASP B 90 0.76 -7.16 19.29
C ASP B 90 1.25 -5.72 19.37
N ARG B 91 0.96 -5.01 20.49
CA ARG B 91 1.52 -3.72 20.64
C ARG B 91 2.98 -3.74 20.89
N PHE B 92 3.54 -4.87 21.34
CA PHE B 92 4.98 -4.90 21.63
C PHE B 92 5.85 -4.75 20.40
N VAL B 93 5.29 -5.01 19.21
CA VAL B 93 6.10 -4.89 18.02
C VAL B 93 6.65 -3.44 17.89
N ASN B 94 5.80 -2.49 18.34
CA ASN B 94 6.22 -1.07 18.34
C ASN B 94 7.36 -0.77 19.27
N VAL B 95 7.40 -1.46 20.43
CA VAL B 95 8.57 -1.35 21.30
C VAL B 95 9.86 -1.82 20.68
N ILE B 96 9.82 -2.96 20.02
CA ILE B 96 10.97 -3.50 19.34
C ILE B 96 11.47 -2.54 18.23
N LYS B 97 10.52 -2.05 17.47
CA LYS B 97 10.88 -1.10 16.40
C LYS B 97 11.48 0.16 16.97
N GLY B 98 11.01 0.63 18.07
CA GLY B 98 11.53 1.80 18.74
C GLY B 98 12.93 1.57 19.31
N ALA B 99 13.30 0.36 19.56
CA ALA B 99 14.57 0.05 20.22
C ALA B 99 15.70 -0.25 19.21
N LEU B 100 15.43 -0.42 17.95
CA LEU B 100 16.43 -0.84 16.98
C LEU B 100 16.97 0.26 16.10
N SER B 101 18.27 0.46 16.14
CA SER B 101 18.97 1.48 15.32
C SER B 101 19.72 0.75 14.19
N THR B 102 19.30 0.96 12.94
CA THR B 102 19.87 0.27 11.78
C THR B 102 21.34 0.69 11.56
N CYS B 103 22.23 -0.23 11.31
CA CYS B 103 23.69 -0.01 11.36
C CYS B 103 24.13 0.83 10.11
N SER B 104 23.66 0.39 8.96
CA SER B 104 24.18 0.88 7.65
C SER B 104 23.12 1.05 6.61
N ILE B 105 22.79 2.29 6.38
CA ILE B 105 21.68 2.65 5.44
C ILE B 105 22.34 3.29 4.18
N PRO B 106 22.20 2.66 3.04
CA PRO B 106 22.90 3.24 1.86
C PRO B 106 22.21 4.52 1.36
N THR B 107 22.92 5.31 0.60
CA THR B 107 22.35 6.56 0.01
C THR B 107 21.52 6.19 -1.21
N SER B 108 20.65 7.08 -1.61
CA SER B 108 19.91 6.87 -2.90
C SER B 108 19.62 8.29 -3.43
N ASN B 109 19.27 8.36 -4.71
CA ASN B 109 18.97 9.67 -5.27
C ASN B 109 17.71 9.53 -6.17
N ASN B 110 16.64 8.98 -5.64
CA ASN B 110 15.44 8.77 -6.46
C ASN B 110 14.72 10.06 -6.68
N HIS B 111 14.18 10.18 -7.89
CA HIS B 111 13.41 11.34 -8.30
C HIS B 111 12.00 11.22 -7.77
N ILE B 112 11.41 12.25 -7.15
CA ILE B 112 10.00 12.26 -6.74
C ILE B 112 9.30 13.10 -7.79
N ALA B 113 8.58 12.46 -8.71
CA ALA B 113 8.12 13.21 -9.86
C ALA B 113 6.95 14.13 -9.55
N THR B 114 6.26 13.93 -8.45
CA THR B 114 5.06 14.71 -8.19
C THR B 114 5.27 15.79 -7.06
N LEU B 115 6.50 16.11 -6.76
CA LEU B 115 6.81 17.35 -6.01
C LEU B 115 6.16 18.55 -6.61
N ASP B 116 5.69 19.45 -5.75
CA ASP B 116 5.31 20.80 -6.21
C ASP B 116 6.57 21.43 -6.84
N PRO B 117 6.44 22.04 -8.00
CA PRO B 117 7.63 22.48 -8.72
C PRO B 117 8.44 23.63 -8.10
N SER B 118 7.95 24.26 -7.04
CA SER B 118 8.67 25.30 -6.36
C SER B 118 9.49 24.81 -5.23
N VAL B 119 9.42 23.55 -4.85
CA VAL B 119 10.02 23.13 -3.57
C VAL B 119 11.44 22.64 -3.76
N VAL B 120 12.20 22.55 -2.64
CA VAL B 120 13.52 21.98 -2.63
C VAL B 120 13.46 20.60 -3.27
N SER B 121 14.41 20.35 -4.14
CA SER B 121 14.47 19.06 -4.74
C SER B 121 15.94 18.56 -4.91
N ASN B 122 16.14 17.26 -4.84
CA ASN B 122 17.39 16.63 -5.32
C ASN B 122 17.44 16.72 -6.88
N SER B 123 18.64 16.53 -7.40
CA SER B 123 18.81 16.54 -8.84
C SER B 123 19.93 15.46 -9.12
N LEU B 124 20.22 15.32 -10.41
CA LEU B 124 21.14 14.32 -10.84
C LEU B 124 22.49 14.66 -10.32
N ASP B 125 22.93 15.87 -10.39
CA ASP B 125 24.21 15.99 -9.79
C ASP B 125 24.26 16.81 -8.53
N LYS B 126 23.11 17.22 -7.94
CA LYS B 126 23.08 17.57 -6.49
C LYS B 126 22.11 16.71 -5.76
N PRO B 127 22.52 15.51 -5.39
CA PRO B 127 21.73 14.71 -4.54
C PRO B 127 21.69 15.32 -3.15
N PHE B 128 20.74 14.87 -2.35
CA PHE B 128 20.69 15.25 -0.93
C PHE B 128 21.92 14.61 -0.26
N ILE B 129 22.38 15.28 0.75
CA ILE B 129 23.36 14.76 1.72
C ILE B 129 22.61 14.66 3.02
N SER B 130 22.33 13.45 3.44
CA SER B 130 21.33 13.26 4.49
C SER B 130 21.93 12.58 5.65
N LEU B 131 21.61 13.12 6.82
CA LEU B 131 22.11 12.60 8.04
C LEU B 131 21.68 11.18 8.23
N GLY B 132 22.58 10.34 8.64
CA GLY B 132 22.13 9.02 8.93
C GLY B 132 22.43 7.96 7.84
N LYS B 133 22.83 8.39 6.64
CA LYS B 133 23.08 7.43 5.53
C LYS B 133 24.60 7.16 5.47
N ASN B 134 24.99 6.02 4.94
CA ASN B 134 26.39 5.65 4.75
C ASN B 134 26.74 5.67 3.33
N PRO B 135 27.41 6.72 2.85
CA PRO B 135 27.73 6.78 1.45
C PRO B 135 28.64 5.67 0.95
N ALA B 136 29.35 4.97 1.83
CA ALA B 136 30.29 3.96 1.38
C ALA B 136 29.60 2.59 1.22
N GLN B 137 28.38 2.44 1.69
CA GLN B 137 27.72 1.15 1.66
C GLN B 137 27.21 0.80 0.28
N ASN B 138 27.66 -0.30 -0.24
CA ASN B 138 27.07 -0.89 -1.44
C ASN B 138 25.79 -1.66 -1.01
N PRO B 139 24.59 -1.25 -1.51
CA PRO B 139 23.36 -1.89 -1.06
C PRO B 139 23.29 -3.38 -1.34
N PHE B 140 24.00 -3.81 -2.35
CA PHE B 140 23.91 -5.21 -2.76
C PHE B 140 24.65 -6.22 -1.90
N VAL B 141 25.57 -5.75 -1.06
CA VAL B 141 26.38 -6.66 -0.20
C VAL B 141 26.16 -6.23 1.27
N ASN B 142 25.07 -5.51 1.51
CA ASN B 142 24.77 -5.00 2.85
C ASN B 142 24.08 -6.09 3.72
N LEU B 143 24.05 -5.84 5.01
CA LEU B 143 23.10 -6.47 5.91
C LEU B 143 22.16 -5.39 6.33
N GLY B 144 21.17 -5.17 5.46
CA GLY B 144 20.42 -3.93 5.57
C GLY B 144 19.51 -3.80 6.77
N ALA B 145 19.23 -4.90 7.41
CA ALA B 145 18.43 -4.93 8.63
C ALA B 145 19.18 -5.16 9.88
N GLU B 146 20.50 -5.28 9.80
CA GLU B 146 21.35 -5.44 10.98
C GLU B 146 21.20 -4.11 11.77
N ALA B 147 21.00 -4.21 13.04
CA ALA B 147 20.62 -3.06 13.88
C ALA B 147 21.16 -3.29 15.27
N VAL B 148 21.22 -2.21 16.07
CA VAL B 148 21.71 -2.32 17.45
C VAL B 148 20.74 -1.66 18.40
N THR B 149 20.81 -2.08 19.65
CA THR B 149 20.00 -1.47 20.66
C THR B 149 20.92 -0.90 21.74
N ARG B 150 20.78 0.40 22.04
CA ARG B 150 21.64 1.02 23.03
C ARG B 150 20.84 1.35 24.26
N GLY B 151 21.21 0.77 25.39
CA GLY B 151 20.43 0.91 26.59
C GLY B 151 20.97 -0.07 27.60
N VAL B 152 20.76 0.10 28.90
CA VAL B 152 21.22 -0.90 29.84
C VAL B 152 20.48 -2.19 29.53
N GLY B 153 21.26 -3.29 29.42
CA GLY B 153 20.73 -4.56 29.03
C GLY B 153 20.78 -4.86 27.55
N GLY B 154 21.21 -3.88 26.75
CA GLY B 154 21.32 -4.12 25.34
C GLY B 154 20.03 -4.61 24.68
N MET B 155 20.16 -5.63 23.80
CA MET B 155 19.01 -6.16 23.17
C MET B 155 18.19 -7.09 24.08
N SER B 156 18.76 -7.44 25.22
CA SER B 156 18.01 -8.31 26.16
C SER B 156 16.72 -7.71 26.74
N THR B 157 16.50 -6.39 26.58
CA THR B 157 15.28 -5.79 27.03
C THR B 157 14.13 -6.02 26.10
N HIS B 158 14.37 -6.61 24.89
CA HIS B 158 13.30 -6.92 24.01
C HIS B 158 13.38 -8.30 23.35
N TRP B 159 14.43 -9.07 23.60
CA TRP B 159 14.66 -10.33 22.82
C TRP B 159 13.59 -11.36 23.06
N THR B 160 13.51 -12.40 22.22
CA THR B 160 12.47 -13.38 22.42
C THR B 160 12.89 -14.47 23.37
N CYS B 161 14.12 -14.40 23.93
CA CYS B 161 14.55 -15.31 25.00
C CYS B 161 14.79 -16.78 24.62
N ALA B 162 14.89 -17.09 23.35
CA ALA B 162 15.22 -18.46 22.94
C ALA B 162 16.64 -18.81 23.29
N THR B 163 16.85 -19.90 23.99
CA THR B 163 18.18 -20.31 24.37
C THR B 163 18.52 -21.77 24.07
N PRO B 164 18.60 -22.14 22.80
CA PRO B 164 19.06 -23.46 22.41
C PRO B 164 20.60 -23.57 22.61
N GLU B 165 21.08 -24.83 22.75
CA GLU B 165 22.48 -25.17 22.52
C GLU B 165 22.77 -25.28 21.03
N PHE B 166 24.04 -25.17 20.69
CA PHE B 166 24.53 -25.39 19.32
C PHE B 166 24.82 -26.83 19.12
N PHE B 167 24.56 -27.27 17.91
CA PHE B 167 24.77 -28.66 17.51
C PHE B 167 26.27 -29.03 17.42
N ALA B 168 26.62 -30.15 18.04
CA ALA B 168 27.95 -30.76 17.92
C ALA B 168 27.81 -32.14 17.29
N PRO B 169 28.37 -32.33 16.10
CA PRO B 169 28.16 -33.65 15.42
C PRO B 169 28.85 -34.77 16.17
N ALA B 170 28.37 -35.99 15.96
CA ALA B 170 29.00 -37.19 16.59
C ALA B 170 30.48 -37.31 16.16
N ASP B 171 30.81 -37.03 14.92
CA ASP B 171 32.19 -37.01 14.48
C ASP B 171 32.87 -35.66 14.69
N PHE B 172 33.89 -35.61 15.53
CA PHE B 172 34.62 -34.39 15.78
C PHE B 172 35.30 -33.75 14.60
N ASN B 173 35.58 -34.49 13.52
CA ASN B 173 36.06 -33.89 12.28
C ASN B 173 35.07 -33.82 11.15
N ALA B 174 33.76 -33.85 11.48
CA ALA B 174 32.71 -33.54 10.52
C ALA B 174 32.97 -32.23 9.83
N PRO B 175 32.58 -32.12 8.56
CA PRO B 175 32.92 -30.90 7.82
C PRO B 175 32.21 -29.59 8.30
N HIS B 176 31.10 -29.72 9.02
CA HIS B 176 30.42 -28.58 9.66
C HIS B 176 30.03 -28.91 11.06
N ARG B 177 30.09 -27.90 11.93
CA ARG B 177 29.54 -27.99 13.28
C ARG B 177 29.01 -26.61 13.61
N GLU B 178 27.97 -26.50 14.40
CA GLU B 178 27.58 -25.21 14.93
C GLU B 178 28.39 -24.85 16.14
N ARG B 179 28.64 -25.82 17.02
CA ARG B 179 29.37 -25.52 18.30
C ARG B 179 30.86 -25.46 18.03
N PRO B 180 31.48 -24.33 18.35
CA PRO B 180 32.90 -24.23 18.07
C PRO B 180 33.71 -25.18 18.98
N LYS B 181 34.93 -25.48 18.54
CA LYS B 181 35.83 -26.29 19.34
C LYS B 181 36.55 -25.41 20.33
N LEU B 182 36.57 -25.90 21.55
CA LEU B 182 37.34 -25.24 22.64
C LEU B 182 38.63 -26.03 22.95
N SER B 183 38.77 -27.23 22.39
CA SER B 183 39.96 -28.06 22.58
C SER B 183 40.16 -28.89 21.34
N THR B 184 41.39 -29.36 21.09
CA THR B 184 41.58 -30.25 19.97
C THR B 184 41.29 -31.68 20.40
N ASP B 185 41.08 -31.92 21.68
CA ASP B 185 40.66 -33.25 22.11
C ASP B 185 39.15 -33.32 22.25
N ALA B 186 38.51 -34.25 21.59
CA ALA B 186 37.02 -34.30 21.51
C ALA B 186 36.41 -34.47 22.89
N ALA B 187 36.98 -35.38 23.71
CA ALA B 187 36.45 -35.60 25.05
C ALA B 187 36.54 -34.36 25.94
N GLU B 188 37.66 -33.64 25.92
CA GLU B 188 37.81 -32.45 26.74
C GLU B 188 36.81 -31.38 26.21
N ASP B 189 36.71 -31.26 24.91
CA ASP B 189 35.78 -30.25 24.31
C ASP B 189 34.41 -30.51 24.88
N ALA B 190 33.96 -31.78 24.89
CA ALA B 190 32.60 -32.14 25.35
C ALA B 190 32.44 -31.78 26.83
N ARG B 191 33.47 -32.06 27.62
CA ARG B 191 33.48 -31.80 29.08
CA ARG B 191 33.35 -31.82 29.04
C ARG B 191 33.27 -30.32 29.33
N ILE B 192 34.04 -29.52 28.59
CA ILE B 192 34.09 -28.09 28.78
C ILE B 192 32.71 -27.54 28.45
N TRP B 193 32.15 -27.95 27.30
CA TRP B 193 30.87 -27.42 26.92
C TRP B 193 29.78 -27.82 27.87
N LYS B 194 29.81 -29.04 28.36
CA LYS B 194 28.73 -29.45 29.25
C LYS B 194 28.73 -28.59 30.55
N ASP B 195 29.91 -28.31 31.07
CA ASP B 195 30.01 -27.41 32.23
C ASP B 195 29.54 -25.98 31.93
N LEU B 196 29.96 -25.45 30.78
CA LEU B 196 29.63 -24.05 30.48
C LEU B 196 28.13 -23.91 30.19
N TYR B 197 27.57 -24.79 29.40
CA TYR B 197 26.15 -24.71 29.11
C TYR B 197 25.33 -24.85 30.34
N ALA B 198 25.75 -25.70 31.27
CA ALA B 198 24.99 -25.84 32.49
C ALA B 198 24.98 -24.51 33.24
N GLN B 199 26.11 -23.86 33.32
CA GLN B 199 26.18 -22.61 34.05
C GLN B 199 25.51 -21.42 33.35
N ALA B 200 25.61 -21.44 31.99
CA ALA B 200 24.93 -20.41 31.19
C ALA B 200 23.41 -20.53 31.33
N LYS B 201 22.90 -21.76 31.33
CA LYS B 201 21.46 -21.96 31.53
C LYS B 201 20.99 -21.52 32.89
N GLU B 202 21.88 -21.68 33.88
CA GLU B 202 21.49 -21.27 35.23
C GLU B 202 21.51 -19.75 35.30
N ILE B 203 22.48 -19.07 34.64
CA ILE B 203 22.59 -17.63 34.73
C ILE B 203 21.36 -16.99 34.09
N ILE B 204 20.97 -17.47 32.89
CA ILE B 204 19.88 -16.89 32.15
C ILE B 204 18.49 -17.41 32.47
N GLY B 205 18.44 -18.57 33.10
CA GLY B 205 17.24 -19.16 33.60
C GLY B 205 16.45 -19.90 32.49
N THR B 206 17.11 -20.75 31.71
CA THR B 206 16.43 -21.53 30.61
C THR B 206 15.36 -22.49 31.14
N SER B 207 14.17 -22.56 30.50
CA SER B 207 13.14 -23.55 30.77
C SER B 207 12.47 -23.99 29.49
N THR B 208 12.18 -25.27 29.40
CA THR B 208 11.39 -25.85 28.34
C THR B 208 9.95 -26.18 28.83
N THR B 209 9.57 -25.79 30.05
CA THR B 209 8.30 -26.24 30.60
C THR B 209 7.27 -25.14 30.84
N GLU B 210 7.58 -23.90 30.43
CA GLU B 210 6.68 -22.80 30.81
C GLU B 210 5.44 -22.71 29.94
N PHE B 211 5.31 -23.53 28.90
CA PHE B 211 4.11 -23.54 28.08
C PHE B 211 3.46 -24.90 28.11
N ASP B 212 3.75 -25.68 29.15
CA ASP B 212 3.22 -27.03 29.23
C ASP B 212 1.75 -27.14 29.46
N HIS B 213 1.12 -26.08 29.95
CA HIS B 213 -0.33 -25.98 30.07
C HIS B 213 -1.01 -25.02 29.14
N SER B 214 -0.40 -24.81 27.97
CA SER B 214 -1.04 -24.12 26.87
C SER B 214 -1.68 -25.15 25.91
N ILE B 215 -2.97 -24.95 25.55
CA ILE B 215 -3.63 -25.75 24.61
C ILE B 215 -2.96 -25.62 23.27
N ARG B 216 -2.70 -24.38 22.87
CA ARG B 216 -2.09 -24.18 21.53
C ARG B 216 -0.72 -24.84 21.43
N HIS B 217 0.10 -24.70 22.45
CA HIS B 217 1.41 -25.29 22.42
C HIS B 217 1.30 -26.78 22.32
N ASN B 218 0.52 -27.43 23.19
CA ASN B 218 0.42 -28.85 23.14
C ASN B 218 -0.23 -29.36 21.83
N LEU B 219 -1.27 -28.69 21.34
CA LEU B 219 -1.89 -28.98 20.07
C LEU B 219 -0.84 -29.04 18.92
N VAL B 220 -0.01 -28.02 18.83
CA VAL B 220 0.95 -27.90 17.74
C VAL B 220 2.04 -28.96 17.92
N LEU B 221 2.57 -29.04 19.14
CA LEU B 221 3.70 -29.93 19.41
C LEU B 221 3.28 -31.39 19.15
N ARG B 222 2.16 -31.79 19.74
CA ARG B 222 1.75 -33.18 19.64
C ARG B 222 1.27 -33.56 18.28
N LYS B 223 0.53 -32.68 17.63
CA LYS B 223 0.13 -32.94 16.30
C LYS B 223 1.29 -33.08 15.33
N TYR B 224 2.25 -32.18 15.40
CA TYR B 224 3.41 -32.31 14.56
C TYR B 224 4.15 -33.62 14.81
N ASN B 225 4.38 -33.97 16.04
CA ASN B 225 5.05 -35.24 16.27
C ASN B 225 4.26 -36.44 15.75
N ASP B 226 2.95 -36.43 15.92
CA ASP B 226 2.10 -37.51 15.34
C ASP B 226 2.17 -37.60 13.81
N ILE B 227 2.16 -36.45 13.15
CA ILE B 227 2.26 -36.36 11.68
C ILE B 227 3.57 -36.86 11.25
N PHE B 228 4.64 -36.37 11.84
CA PHE B 228 5.96 -36.70 11.37
C PHE B 228 6.47 -38.09 11.79
N GLN B 229 5.78 -38.75 12.71
CA GLN B 229 6.06 -40.17 12.97
C GLN B 229 5.64 -41.01 11.81
N LYS B 230 4.61 -40.59 11.08
CA LYS B 230 4.13 -41.35 9.92
C LYS B 230 4.90 -41.07 8.60
N GLU B 231 5.82 -40.13 8.57
CA GLU B 231 6.53 -39.88 7.30
C GLU B 231 7.89 -40.60 7.08
N ASN B 232 8.26 -40.65 5.79
CA ASN B 232 9.49 -41.32 5.28
C ASN B 232 10.78 -40.82 5.94
N VAL B 233 10.86 -39.51 6.19
CA VAL B 233 11.91 -38.90 7.04
C VAL B 233 11.23 -38.35 8.33
N ILE B 234 11.70 -38.84 9.48
CA ILE B 234 11.22 -38.53 10.78
C ILE B 234 11.81 -37.13 11.23
N ARG B 235 11.02 -36.31 11.88
CA ARG B 235 11.51 -35.01 12.33
C ARG B 235 10.94 -34.87 13.73
N GLU B 236 11.74 -34.41 14.64
CA GLU B 236 11.37 -34.35 16.03
C GLU B 236 11.04 -32.91 16.45
N PHE B 237 9.85 -32.73 17.01
CA PHE B 237 9.47 -31.42 17.51
C PHE B 237 9.57 -31.38 19.02
N SER B 238 10.05 -30.28 19.58
CA SER B 238 10.29 -30.20 21.03
C SER B 238 9.99 -28.82 21.52
N PRO B 239 9.79 -28.67 22.83
CA PRO B 239 9.58 -27.28 23.34
C PRO B 239 10.83 -26.42 23.14
N LEU B 240 10.60 -25.19 22.73
CA LEU B 240 11.66 -24.23 22.55
C LEU B 240 12.18 -23.87 23.97
N PRO B 241 13.50 -23.97 24.20
CA PRO B 241 14.03 -23.54 25.50
C PRO B 241 13.96 -22.00 25.54
N LEU B 242 13.39 -21.50 26.59
CA LEU B 242 13.18 -20.07 26.73
C LEU B 242 13.68 -19.58 28.13
N ALA B 243 14.34 -18.43 28.11
CA ALA B 243 14.75 -17.77 29.36
C ALA B 243 13.56 -16.97 29.94
N CYS B 244 12.70 -17.66 30.66
CA CYS B 244 11.47 -17.07 31.20
C CYS B 244 10.89 -17.98 32.28
N HIS B 245 10.00 -17.46 33.09
CA HIS B 245 9.23 -18.27 33.97
C HIS B 245 7.83 -17.80 34.07
N ARG B 246 6.87 -18.73 34.05
CA ARG B 246 5.51 -18.34 34.16
C ARG B 246 5.22 -18.05 35.64
N LEU B 247 4.40 -17.04 35.89
CA LEU B 247 4.18 -16.57 37.23
C LEU B 247 3.08 -17.22 37.99
N THR B 248 3.03 -16.96 39.29
CA THR B 248 2.03 -17.61 40.13
C THR B 248 0.61 -17.34 39.63
N ASP B 249 0.38 -16.19 38.99
CA ASP B 249 -0.81 -16.00 38.14
C ASP B 249 -0.42 -16.47 36.76
N PRO B 250 -0.96 -17.64 36.32
CA PRO B 250 -0.37 -18.17 35.08
C PRO B 250 -0.66 -17.36 33.84
N ASP B 251 -1.55 -16.32 33.87
CA ASP B 251 -1.76 -15.40 32.69
C ASP B 251 -0.48 -14.59 32.36
N TYR B 252 0.50 -14.62 33.25
CA TYR B 252 1.69 -13.75 33.10
C TYR B 252 2.95 -14.55 33.08
N VAL B 253 3.94 -14.07 32.29
CA VAL B 253 5.25 -14.69 32.25
C VAL B 253 6.25 -13.61 32.55
N GLU B 254 7.30 -13.95 33.29
CA GLU B 254 8.44 -13.06 33.38
C GLU B 254 9.49 -13.52 32.42
N TRP B 255 9.69 -12.69 31.37
CA TRP B 255 10.75 -12.91 30.35
C TRP B 255 12.07 -12.46 30.96
N HIS B 256 13.11 -13.23 30.83
CA HIS B 256 14.34 -12.90 31.47
C HIS B 256 15.20 -11.98 30.67
N ALA B 257 15.98 -11.15 31.40
CA ALA B 257 16.87 -10.18 30.76
C ALA B 257 18.10 -9.90 31.64
N THR B 258 18.82 -8.82 31.36
CA THR B 258 20.08 -8.53 32.10
C THR B 258 19.82 -8.26 33.54
N ASP B 259 18.59 -7.81 33.83
CA ASP B 259 18.22 -7.55 35.28
C ASP B 259 18.51 -8.72 36.18
N ARG B 260 18.23 -9.95 35.72
CA ARG B 260 18.47 -11.06 36.59
C ARG B 260 19.96 -11.34 36.75
N ILE B 261 20.75 -10.96 35.76
CA ILE B 261 22.22 -11.12 35.87
C ILE B 261 22.86 -10.05 36.83
N LEU B 262 22.41 -8.81 36.74
CA LEU B 262 22.87 -7.71 37.53
C LEU B 262 22.27 -7.60 38.93
N GLU B 263 21.19 -8.34 39.19
CA GLU B 263 20.33 -8.14 40.34
C GLU B 263 21.11 -7.92 41.62
N GLU B 264 21.95 -8.89 41.99
CA GLU B 264 22.67 -8.80 43.26
C GLU B 264 23.68 -7.71 43.34
N LEU B 265 24.19 -7.21 42.22
CA LEU B 265 25.04 -6.05 42.21
C LEU B 265 24.31 -4.77 42.57
N PHE B 266 23.00 -4.81 42.56
CA PHE B 266 22.19 -3.73 43.06
C PHE B 266 21.61 -4.02 44.47
N THR B 267 21.19 -5.25 44.71
CA THR B 267 20.45 -5.54 45.97
C THR B 267 21.33 -5.81 47.16
N ASP B 268 22.57 -6.22 46.91
CA ASP B 268 23.53 -6.67 47.96
C ASP B 268 24.50 -5.56 48.20
N PRO B 269 24.47 -4.96 49.39
CA PRO B 269 25.31 -3.75 49.55
C PRO B 269 26.81 -4.02 49.40
N VAL B 270 27.25 -5.24 49.71
CA VAL B 270 28.67 -5.56 49.60
C VAL B 270 29.06 -5.63 48.11
N LYS B 271 28.26 -6.30 47.33
CA LYS B 271 28.53 -6.39 45.89
C LYS B 271 28.38 -5.02 45.25
N ARG B 272 27.38 -4.25 45.63
CA ARG B 272 27.24 -2.92 45.10
C ARG B 272 28.39 -2.05 45.30
N GLY B 273 29.09 -2.14 46.43
CA GLY B 273 30.29 -1.32 46.62
C GLY B 273 31.49 -1.70 45.74
N ARG B 274 31.45 -2.84 45.04
CA ARG B 274 32.51 -3.23 44.16
C ARG B 274 32.07 -3.04 42.68
N PHE B 275 30.91 -2.48 42.41
CA PHE B 275 30.41 -2.35 41.06
C PHE B 275 30.00 -0.87 40.76
N THR B 276 30.48 -0.36 39.65
CA THR B 276 30.13 1.00 39.22
C THR B 276 29.57 0.84 37.82
N LEU B 277 28.40 1.45 37.56
CA LEU B 277 27.79 1.38 36.25
C LEU B 277 27.54 2.83 35.77
N LEU B 278 28.24 3.24 34.72
CA LEU B 278 28.13 4.59 34.22
C LEU B 278 27.30 4.52 32.91
N THR B 279 26.08 5.01 33.00
CA THR B 279 25.25 5.08 31.84
C THR B 279 25.47 6.40 31.00
N ASN B 280 25.05 6.35 29.72
CA ASN B 280 25.26 7.46 28.79
C ASN B 280 26.72 7.80 28.74
N HIS B 281 27.55 6.76 28.85
CA HIS B 281 29.00 6.88 28.75
C HIS B 281 29.50 6.00 27.59
N ARG B 282 30.10 6.62 26.60
CA ARG B 282 30.60 5.92 25.44
C ARG B 282 32.05 5.45 25.72
N CYS B 283 32.37 4.17 25.52
CA CYS B 283 33.77 3.78 25.38
C CYS B 283 34.17 4.15 23.94
N THR B 284 34.99 5.17 23.80
CA THR B 284 35.36 5.69 22.50
C THR B 284 36.41 4.77 21.87
N LYS B 285 37.34 4.38 22.69
CA LYS B 285 38.53 3.60 22.29
C LYS B 285 39.29 3.16 23.53
N LEU B 286 40.13 2.17 23.34
CA LEU B 286 41.11 1.76 24.30
C LEU B 286 42.43 2.32 23.78
N VAL B 287 43.30 2.71 24.71
CA VAL B 287 44.62 3.24 24.41
C VAL B 287 45.62 2.16 24.81
N PHE B 288 46.55 1.90 23.89
CA PHE B 288 47.44 0.79 24.08
C PHE B 288 48.84 1.29 24.47
N LYS B 289 49.65 0.35 24.97
CA LYS B 289 51.06 0.65 25.36
C LYS B 289 51.86 1.15 24.12
N HIS B 290 51.68 0.51 22.97
CA HIS B 290 52.32 0.90 21.70
C HIS B 290 51.47 0.41 20.57
N TYR B 291 51.86 0.75 19.35
CA TYR B 291 51.06 0.51 18.17
C TYR B 291 51.82 -0.30 17.11
N ARG B 292 52.69 -1.21 17.58
CA ARG B 292 53.47 -2.04 16.72
C ARG B 292 52.79 -3.38 16.54
N PRO B 293 52.43 -3.72 15.31
CA PRO B 293 51.82 -5.02 15.07
C PRO B 293 52.67 -6.24 15.36
N GLY B 294 52.06 -7.31 15.84
CA GLY B 294 52.78 -8.59 16.03
C GLY B 294 53.56 -8.74 17.33
N GLU B 295 53.53 -7.74 18.20
CA GLU B 295 54.35 -7.71 19.37
C GLU B 295 53.46 -7.70 20.54
N GLU B 296 53.92 -8.31 21.62
CA GLU B 296 53.16 -8.26 22.88
C GLU B 296 52.85 -6.82 23.28
N ASN B 297 51.63 -6.65 23.78
CA ASN B 297 51.08 -5.31 24.03
C ASN B 297 50.16 -5.38 25.24
N GLU B 298 49.57 -4.27 25.57
CA GLU B 298 48.72 -4.17 26.69
C GLU B 298 47.82 -2.96 26.52
N VAL B 299 46.63 -3.01 27.11
CA VAL B 299 45.81 -1.83 27.18
C VAL B 299 46.31 -1.00 28.36
N ASP B 300 46.49 0.30 28.13
CA ASP B 300 46.87 1.23 29.21
C ASP B 300 45.68 1.93 29.88
N TYR B 301 44.65 2.26 29.11
CA TYR B 301 43.44 2.81 29.68
C TYR B 301 42.33 2.83 28.62
N ALA B 302 41.08 3.00 29.10
CA ALA B 302 39.91 3.20 28.26
C ALA B 302 39.58 4.68 28.25
N LEU B 303 39.30 5.19 27.03
CA LEU B 303 38.91 6.58 26.85
C LEU B 303 37.38 6.61 26.75
N VAL B 304 36.73 7.23 27.73
CA VAL B 304 35.28 7.18 27.88
C VAL B 304 34.76 8.62 27.89
N GLU B 305 33.61 8.86 27.23
CA GLU B 305 33.05 10.18 27.24
C GLU B 305 31.65 10.18 27.78
N ASP B 306 31.35 11.06 28.71
CA ASP B 306 30.06 11.20 29.21
C ASP B 306 29.23 11.97 28.20
N LEU B 307 28.19 11.35 27.69
CA LEU B 307 27.35 11.96 26.63
C LEU B 307 26.31 12.89 27.14
N LEU B 308 25.98 12.87 28.43
CA LEU B 308 24.98 13.86 28.91
C LEU B 308 25.65 15.12 29.40
N PRO B 309 25.00 16.26 29.17
CA PRO B 309 25.54 17.52 29.68
C PRO B 309 25.21 17.58 31.16
N HIS B 310 26.01 18.24 31.96
CA HIS B 310 25.59 18.37 33.37
C HIS B 310 25.62 19.81 33.77
N SER B 319 34.24 16.16 30.59
CA SER B 319 33.39 15.02 30.21
C SER B 319 34.16 13.81 29.59
N VAL B 320 35.45 13.97 29.27
CA VAL B 320 36.26 12.90 28.66
C VAL B 320 37.11 12.36 29.78
N LYS B 321 37.13 11.05 29.96
CA LYS B 321 37.70 10.45 31.19
C LYS B 321 38.60 9.28 30.75
N LYS B 322 39.69 9.08 31.47
CA LYS B 322 40.55 7.93 31.25
C LYS B 322 40.21 7.00 32.40
N ILE B 323 39.86 5.77 32.10
CA ILE B 323 39.55 4.77 33.10
C ILE B 323 40.60 3.71 33.05
N TYR B 324 41.24 3.55 34.21
CA TYR B 324 42.33 2.58 34.36
C TYR B 324 41.83 1.34 35.09
N ALA B 325 42.20 0.21 34.58
CA ALA B 325 41.90 -1.04 35.20
C ALA B 325 42.98 -2.02 34.88
N ARG B 326 42.95 -3.15 35.55
CA ARG B 326 43.94 -4.15 35.31
C ARG B 326 43.60 -4.97 34.06
N SER B 327 42.32 -5.15 33.78
CA SER B 327 41.88 -5.87 32.59
C SER B 327 40.67 -5.16 31.95
N TYR B 328 40.44 -5.41 30.65
CA TYR B 328 39.51 -4.68 29.86
C TYR B 328 38.71 -5.67 29.07
N VAL B 329 37.39 -5.53 29.09
CA VAL B 329 36.51 -6.41 28.36
C VAL B 329 35.65 -5.46 27.47
N VAL B 330 35.63 -5.76 26.18
CA VAL B 330 34.76 -5.11 25.22
C VAL B 330 33.66 -6.09 24.89
N ALA B 331 32.46 -5.75 25.35
CA ALA B 331 31.24 -6.57 25.26
C ALA B 331 30.11 -5.65 24.80
N CYS B 332 30.34 -5.09 23.61
CA CYS B 332 29.45 -4.07 23.05
C CYS B 332 28.55 -4.64 21.91
N GLY B 333 28.42 -5.95 21.81
CA GLY B 333 27.70 -6.60 20.69
C GLY B 333 28.59 -6.73 19.49
N ALA B 334 28.09 -7.47 18.50
CA ALA B 334 28.94 -7.90 17.43
C ALA B 334 29.42 -6.71 16.54
N VAL B 335 28.61 -5.72 16.25
CA VAL B 335 29.06 -4.61 15.47
C VAL B 335 29.99 -3.71 16.35
N ALA B 336 29.46 -3.28 17.46
CA ALA B 336 30.11 -2.28 18.24
C ALA B 336 31.37 -2.70 18.95
N THR B 337 31.55 -3.98 19.25
CA THR B 337 32.78 -4.46 19.82
C THR B 337 33.91 -4.26 18.80
N ALA B 338 33.65 -4.67 17.56
CA ALA B 338 34.56 -4.44 16.48
C ALA B 338 34.77 -2.94 16.26
N GLN B 339 33.75 -2.16 16.41
CA GLN B 339 33.85 -0.75 16.18
C GLN B 339 34.84 -0.06 17.16
N VAL B 340 34.65 -0.38 18.42
CA VAL B 340 35.57 0.13 19.52
C VAL B 340 37.01 -0.26 19.24
N LEU B 341 37.20 -1.54 18.87
CA LEU B 341 38.56 -2.02 18.64
C LEU B 341 39.13 -1.40 17.39
N ALA B 342 38.32 -1.19 16.34
CA ALA B 342 38.80 -0.44 15.12
C ALA B 342 39.20 1.01 15.43
N ASN B 343 38.35 1.68 16.22
CA ASN B 343 38.59 3.05 16.60
C ASN B 343 39.90 3.19 17.41
N SER B 344 40.22 2.12 18.13
CA SER B 344 41.39 2.07 19.04
C SER B 344 42.67 1.99 18.20
N HIS B 345 42.56 1.66 16.90
CA HIS B 345 43.74 1.70 16.04
C HIS B 345 44.17 3.09 15.64
N ILE B 346 43.38 4.08 16.01
CA ILE B 346 43.72 5.48 15.80
C ILE B 346 44.25 5.99 17.18
N PRO B 347 45.55 6.16 17.33
CA PRO B 347 46.01 6.56 18.68
C PRO B 347 45.42 7.94 19.09
N PRO B 348 45.35 8.25 20.39
CA PRO B 348 44.95 9.63 20.72
C PRO B 348 46.00 10.71 20.35
N ASP B 349 45.60 11.97 20.36
CA ASP B 349 46.54 13.13 20.12
C ASP B 349 47.50 13.56 21.26
N GLU B 366 41.19 9.48 0.30
CA GLU B 366 40.08 8.69 -0.28
C GLU B 366 38.86 8.74 0.68
N ARG B 367 37.75 9.27 0.18
CA ARG B 367 36.63 9.63 1.01
C ARG B 367 36.10 8.36 1.71
N ASP B 368 36.16 7.24 1.01
CA ASP B 368 35.57 6.01 1.47
C ASP B 368 36.63 5.15 2.13
N ALA B 369 37.77 5.69 2.49
CA ALA B 369 38.82 4.86 3.13
C ALA B 369 38.33 4.27 4.47
N THR B 370 38.73 3.04 4.77
CA THR B 370 38.40 2.39 6.03
C THR B 370 39.60 2.33 6.96
N ILE B 371 39.35 2.06 8.21
CA ILE B 371 40.40 2.06 9.24
C ILE B 371 41.13 0.73 9.16
N PRO B 372 42.43 0.78 8.90
CA PRO B 372 43.24 -0.47 8.90
C PRO B 372 43.40 -0.94 10.33
N THR B 373 43.36 -2.25 10.58
CA THR B 373 43.44 -2.73 11.95
C THR B 373 44.59 -3.79 12.05
N PRO B 374 45.84 -3.32 11.84
CA PRO B 374 47.02 -4.25 11.76
C PRO B 374 47.37 -4.82 13.13
N LEU B 375 46.95 -4.22 14.20
CA LEU B 375 47.15 -4.84 15.49
C LEU B 375 46.30 -6.04 15.73
N MET B 376 45.12 -6.12 15.05
CA MET B 376 44.12 -7.18 15.16
C MET B 376 43.67 -7.52 13.74
N PRO B 377 44.54 -8.13 12.99
CA PRO B 377 44.27 -8.19 11.53
C PRO B 377 43.05 -8.98 11.11
N MET B 378 42.52 -9.87 11.95
CA MET B 378 41.32 -10.65 11.60
C MET B 378 40.04 -9.97 12.08
N LEU B 379 40.14 -8.76 12.65
CA LEU B 379 38.97 -8.08 13.12
C LEU B 379 38.01 -7.83 11.96
N GLY B 380 36.76 -8.14 12.21
CA GLY B 380 35.74 -7.91 11.18
C GLY B 380 35.79 -8.81 9.95
N LYS B 381 36.61 -9.83 9.97
CA LYS B 381 36.72 -10.78 8.86
C LYS B 381 35.95 -12.07 9.25
N TYR B 382 35.53 -12.81 8.25
CA TYR B 382 34.81 -14.09 8.44
C TYR B 382 33.45 -13.87 9.07
N ILE B 383 32.84 -12.71 8.84
CA ILE B 383 31.58 -12.46 9.47
C ILE B 383 30.49 -13.40 8.96
N THR B 384 29.57 -13.71 9.84
CA THR B 384 28.43 -14.60 9.51
C THR B 384 27.12 -13.93 9.92
N GLU B 385 26.07 -14.22 9.17
CA GLU B 385 24.73 -13.81 9.59
C GLU B 385 23.74 -14.81 9.01
N GLN B 386 22.57 -14.93 9.61
CA GLN B 386 21.65 -15.98 9.26
C GLN B 386 20.59 -15.51 8.25
N PRO B 387 20.41 -16.23 7.16
CA PRO B 387 19.27 -15.98 6.31
C PRO B 387 18.04 -16.43 7.09
N MET B 388 16.88 -15.84 6.88
CA MET B 388 15.67 -16.18 7.61
C MET B 388 14.46 -16.17 6.72
N THR B 389 13.61 -17.19 6.86
CA THR B 389 12.35 -17.22 6.20
C THR B 389 11.23 -17.16 7.23
N PHE B 390 10.09 -16.67 6.80
CA PHE B 390 8.96 -16.44 7.69
C PHE B 390 7.69 -16.63 7.01
N CYS B 391 6.70 -17.12 7.76
CA CYS B 391 5.33 -17.12 7.31
C CYS B 391 4.43 -17.22 8.56
N GLN B 392 3.15 -16.97 8.39
CA GLN B 392 2.16 -17.31 9.37
C GLN B 392 1.07 -18.15 8.74
N VAL B 393 0.45 -18.99 9.54
CA VAL B 393 -0.72 -19.69 9.12
C VAL B 393 -1.91 -19.49 10.05
N VAL B 394 -3.06 -19.79 9.50
CA VAL B 394 -4.32 -19.98 10.24
C VAL B 394 -4.46 -21.44 10.40
N LEU B 395 -4.72 -21.92 11.63
CA LEU B 395 -4.95 -23.33 11.87
C LEU B 395 -6.12 -23.90 11.16
N ASP B 396 -5.99 -25.14 10.74
CA ASP B 396 -7.07 -25.85 10.10
C ASP B 396 -8.30 -25.97 10.99
N SER B 397 -9.44 -25.84 10.33
CA SER B 397 -10.74 -25.94 10.99
C SER B 397 -10.87 -27.31 11.72
N SER B 398 -10.35 -28.37 11.06
CA SER B 398 -10.37 -29.73 11.61
C SER B 398 -9.66 -29.83 12.96
N LEU B 399 -8.67 -29.01 13.20
CA LEU B 399 -7.97 -29.02 14.48
C LEU B 399 -8.83 -28.48 15.60
N MET B 400 -9.89 -27.75 15.29
CA MET B 400 -10.74 -27.25 16.35
C MET B 400 -11.47 -28.42 17.00
N GLU B 401 -11.80 -29.43 16.21
CA GLU B 401 -12.39 -30.67 16.77
C GLU B 401 -11.42 -31.44 17.69
N VAL B 402 -10.14 -31.39 17.39
CA VAL B 402 -9.13 -31.95 18.24
C VAL B 402 -9.13 -31.16 19.54
N VAL B 403 -9.21 -29.82 19.45
CA VAL B 403 -9.35 -29.02 20.71
C VAL B 403 -10.54 -29.43 21.58
N ARG B 404 -11.66 -29.67 20.94
CA ARG B 404 -12.87 -30.11 21.69
C ARG B 404 -12.80 -31.51 22.22
N ASN B 405 -12.00 -32.37 21.62
CA ASN B 405 -11.92 -33.79 21.94
C ASN B 405 -10.55 -34.36 21.65
N PRO B 406 -9.56 -34.03 22.49
CA PRO B 406 -8.18 -34.36 22.17
C PRO B 406 -7.89 -35.86 22.38
N PRO B 407 -7.10 -36.48 21.51
CA PRO B 407 -6.91 -37.92 21.67
C PRO B 407 -5.83 -38.35 22.64
N TRP B 408 -4.93 -37.47 23.10
CA TRP B 408 -3.75 -37.88 23.91
C TRP B 408 -4.11 -37.96 25.39
N PRO B 409 -3.49 -38.91 26.15
CA PRO B 409 -3.82 -39.01 27.60
C PRO B 409 -3.17 -37.87 28.46
N GLY B 410 -3.65 -37.74 29.69
CA GLY B 410 -3.09 -36.79 30.66
C GLY B 410 -3.50 -35.35 30.42
N LEU B 411 -4.65 -35.14 29.78
CA LEU B 411 -5.08 -33.80 29.32
C LEU B 411 -6.35 -33.34 29.96
N ASP B 412 -6.65 -33.81 31.15
CA ASP B 412 -7.81 -33.26 31.79
C ASP B 412 -7.78 -31.74 32.06
N TRP B 413 -6.60 -31.15 32.31
CA TRP B 413 -6.53 -29.67 32.42
C TRP B 413 -7.02 -29.00 31.18
N TRP B 414 -6.77 -29.66 30.04
CA TRP B 414 -7.17 -29.10 28.70
C TRP B 414 -8.63 -29.20 28.52
N LYS B 415 -9.15 -30.40 28.80
CA LYS B 415 -10.61 -30.56 28.74
C LYS B 415 -11.39 -29.62 29.59
N GLU B 416 -10.93 -29.37 30.81
CA GLU B 416 -11.59 -28.46 31.70
C GLU B 416 -11.61 -27.00 31.25
N LYS B 417 -10.46 -26.55 30.77
CA LYS B 417 -10.36 -25.20 30.19
C LYS B 417 -11.30 -25.00 29.01
N VAL B 418 -11.34 -25.97 28.12
CA VAL B 418 -12.21 -25.93 26.96
C VAL B 418 -13.67 -25.92 27.35
N ALA B 419 -14.04 -26.75 28.32
CA ALA B 419 -15.42 -26.84 28.77
C ALA B 419 -15.79 -25.53 29.38
N ARG B 420 -14.89 -24.93 30.17
CA ARG B 420 -15.22 -23.62 30.74
C ARG B 420 -15.49 -22.57 29.64
N HIS B 421 -14.62 -22.54 28.63
CA HIS B 421 -14.75 -21.53 27.60
C HIS B 421 -16.04 -21.76 26.80
N VAL B 422 -16.34 -23.00 26.41
CA VAL B 422 -17.48 -23.32 25.58
C VAL B 422 -18.78 -23.01 26.34
N GLU B 423 -18.77 -23.13 27.66
CA GLU B 423 -19.98 -22.80 28.37
C GLU B 423 -20.10 -21.27 28.63
N ALA B 424 -18.98 -20.57 28.78
CA ALA B 424 -18.98 -19.11 28.88
C ALA B 424 -19.29 -18.41 27.51
N PHE B 425 -18.85 -18.99 26.37
CA PHE B 425 -19.02 -18.43 25.03
C PHE B 425 -19.49 -19.43 24.04
N PRO B 426 -20.76 -19.83 24.14
CA PRO B 426 -21.22 -20.94 23.34
C PRO B 426 -21.35 -20.55 21.87
N ASN B 427 -21.36 -19.26 21.55
CA ASN B 427 -21.37 -18.86 20.13
C ASN B 427 -19.99 -18.62 19.47
N ASP B 428 -18.95 -18.89 20.22
CA ASP B 428 -17.61 -18.69 19.69
C ASP B 428 -17.26 -19.86 18.80
N PRO B 429 -16.97 -19.61 17.53
CA PRO B 429 -16.53 -20.74 16.70
C PRO B 429 -15.22 -21.30 17.09
N ILE B 430 -14.41 -20.60 17.87
CA ILE B 430 -13.11 -21.13 18.27
C ILE B 430 -13.21 -21.62 19.74
N PRO B 431 -12.92 -22.88 20.01
CA PRO B 431 -13.03 -23.46 21.39
C PRO B 431 -11.80 -23.30 22.24
N ILE B 432 -10.72 -22.76 21.66
CA ILE B 432 -9.53 -22.39 22.44
C ILE B 432 -9.89 -21.29 23.45
N PRO B 433 -9.51 -21.44 24.74
CA PRO B 433 -9.84 -20.28 25.65
C PRO B 433 -9.14 -18.99 25.31
N PHE B 434 -9.69 -17.91 25.75
CA PHE B 434 -9.19 -16.62 25.37
C PHE B 434 -7.85 -16.37 25.91
N ARG B 435 -7.49 -16.84 27.04
CA ARG B 435 -6.05 -16.25 27.14
C ARG B 435 -4.98 -17.32 26.94
N ASP B 436 -5.27 -18.29 26.08
CA ASP B 436 -4.37 -19.41 26.00
C ASP B 436 -3.01 -18.98 25.46
N PRO B 437 -1.91 -19.33 26.14
CA PRO B 437 -0.56 -18.91 25.59
C PRO B 437 -0.29 -19.46 24.25
N GLU B 438 0.52 -18.74 23.48
CA GLU B 438 0.90 -19.23 22.23
C GLU B 438 1.82 -20.47 22.24
N PRO B 439 1.90 -21.12 21.13
CA PRO B 439 2.88 -22.22 21.08
C PRO B 439 4.31 -21.78 21.15
N GLN B 440 5.19 -22.66 21.64
CA GLN B 440 6.66 -22.36 21.69
C GLN B 440 7.42 -23.63 21.36
N VAL B 441 7.51 -23.91 20.08
CA VAL B 441 7.94 -25.18 19.52
C VAL B 441 9.16 -24.97 18.68
N THR B 442 10.07 -25.96 18.70
CA THR B 442 11.25 -25.96 17.87
C THR B 442 11.50 -27.32 17.23
N ILE B 443 12.32 -27.30 16.18
CA ILE B 443 12.96 -28.56 15.72
C ILE B 443 14.43 -28.27 15.85
N LYS B 444 15.15 -29.09 16.60
CA LYS B 444 16.59 -28.78 16.73
C LYS B 444 17.36 -29.03 15.46
N PHE B 445 18.37 -28.19 15.20
CA PHE B 445 19.26 -28.31 14.07
C PHE B 445 19.85 -29.75 14.04
N THR B 446 19.90 -30.31 12.84
CA THR B 446 20.63 -31.55 12.51
C THR B 446 21.42 -31.32 11.24
N GLU B 447 22.43 -32.17 10.97
CA GLU B 447 23.12 -32.05 9.68
C GLU B 447 22.28 -32.41 8.52
N GLU B 448 21.26 -33.25 8.68
CA GLU B 448 20.41 -33.60 7.60
C GLU B 448 19.44 -32.44 7.25
N HIS B 449 19.03 -31.59 8.22
CA HIS B 449 18.17 -30.41 7.99
C HIS B 449 18.76 -29.21 8.75
N PRO B 450 19.84 -28.62 8.18
CA PRO B 450 20.78 -27.81 8.92
C PRO B 450 20.29 -26.31 8.99
N TRP B 451 19.15 -26.16 9.68
CA TRP B 451 18.65 -24.84 10.05
C TRP B 451 17.92 -24.95 11.34
N HIS B 452 17.52 -23.80 11.93
CA HIS B 452 16.84 -23.74 13.19
C HIS B 452 15.43 -23.26 13.00
N VAL B 453 14.49 -23.96 13.58
CA VAL B 453 13.04 -23.80 13.34
C VAL B 453 12.40 -23.31 14.63
N GLN B 454 11.63 -22.21 14.56
CA GLN B 454 10.80 -21.77 15.66
C GLN B 454 9.35 -21.70 15.15
N ILE B 455 8.42 -22.19 15.97
CA ILE B 455 7.01 -22.29 15.57
C ILE B 455 6.32 -21.74 16.79
N HIS B 456 5.82 -20.51 16.71
CA HIS B 456 5.51 -19.80 17.89
C HIS B 456 4.65 -18.66 17.56
N ARG B 457 4.60 -17.63 18.42
CA ARG B 457 4.12 -16.39 18.00
C ARG B 457 5.07 -15.44 18.65
N ASP B 458 5.37 -14.44 17.82
CA ASP B 458 5.87 -13.08 18.16
C ASP B 458 4.77 -12.04 17.90
N ALA B 459 4.84 -10.93 18.63
CA ALA B 459 4.06 -9.76 18.26
C ALA B 459 4.20 -9.50 16.72
N PHE B 460 3.09 -9.09 16.08
CA PHE B 460 3.04 -8.87 14.59
C PHE B 460 2.03 -7.82 14.28
N SER B 461 2.27 -7.10 13.21
CA SER B 461 1.46 -5.97 12.85
C SER B 461 0.56 -6.39 11.68
N TYR B 462 -0.69 -6.76 11.99
CA TYR B 462 -1.69 -7.17 11.01
C TYR B 462 -2.13 -6.09 10.05
N GLY B 463 -2.07 -6.41 8.75
CA GLY B 463 -2.69 -5.56 7.75
C GLY B 463 -4.23 -5.66 7.73
N ALA B 464 -4.77 -4.88 6.78
CA ALA B 464 -6.20 -4.64 6.55
C ALA B 464 -6.99 -5.90 6.17
N VAL B 465 -6.32 -6.88 5.54
CA VAL B 465 -6.94 -8.18 5.25
C VAL B 465 -6.74 -9.08 6.50
N ALA B 466 -5.48 -9.31 6.90
CA ALA B 466 -5.19 -10.22 8.00
C ALA B 466 -5.71 -9.77 9.42
N GLU B 467 -5.97 -8.48 9.73
CA GLU B 467 -6.45 -8.24 11.13
C GLU B 467 -7.92 -8.66 11.35
N ASN B 468 -8.56 -9.16 10.31
CA ASN B 468 -9.89 -9.70 10.52
C ASN B 468 -9.92 -11.11 11.14
N MET B 469 -8.75 -11.67 11.44
CA MET B 469 -8.61 -13.05 11.95
C MET B 469 -8.26 -13.07 13.46
N ASP B 470 -8.78 -14.01 14.16
CA ASP B 470 -8.59 -14.19 15.61
C ASP B 470 -7.22 -14.75 15.88
N THR B 471 -6.55 -14.11 16.83
CA THR B 471 -5.20 -14.40 17.25
C THR B 471 -4.97 -15.84 17.76
N ARG B 472 -6.02 -16.46 18.33
CA ARG B 472 -5.89 -17.74 18.81
C ARG B 472 -5.55 -18.80 17.79
N VAL B 473 -5.88 -18.57 16.53
CA VAL B 473 -5.67 -19.64 15.52
C VAL B 473 -4.54 -19.26 14.55
N ILE B 474 -3.72 -18.28 14.90
CA ILE B 474 -2.55 -17.93 14.09
C ILE B 474 -1.32 -18.60 14.73
N VAL B 475 -0.41 -19.09 13.87
CA VAL B 475 0.88 -19.67 14.28
C VAL B 475 1.93 -19.11 13.32
N ASP B 476 3.06 -18.69 13.90
CA ASP B 476 4.15 -18.11 13.09
C ASP B 476 5.26 -19.10 12.95
N TYR B 477 6.02 -18.97 11.87
CA TYR B 477 7.13 -19.82 11.58
C TYR B 477 8.30 -18.94 11.27
N ARG B 478 9.46 -19.23 11.91
CA ARG B 478 10.68 -18.56 11.57
C ARG B 478 11.79 -19.54 11.46
N PHE B 479 12.42 -19.64 10.29
CA PHE B 479 13.43 -20.62 10.02
C PHE B 479 14.72 -19.78 9.79
N PHE B 480 15.77 -20.16 10.48
CA PHE B 480 17.06 -19.48 10.39
C PHE B 480 18.10 -20.45 9.86
N GLY B 481 18.86 -20.00 8.86
CA GLY B 481 19.88 -20.77 8.27
C GLY B 481 21.29 -20.33 8.82
N TYR B 482 22.34 -20.99 8.36
CA TYR B 482 23.68 -20.55 8.71
C TYR B 482 24.42 -20.11 7.44
N THR B 483 25.44 -19.30 7.65
CA THR B 483 26.40 -18.99 6.59
C THR B 483 27.80 -19.38 6.98
N GLU B 484 28.51 -19.93 6.02
CA GLU B 484 29.90 -20.37 6.18
C GLU B 484 30.76 -19.14 6.46
N PRO B 485 31.72 -19.24 7.44
CA PRO B 485 32.72 -18.16 7.60
C PRO B 485 33.65 -18.08 6.40
N GLN B 486 33.79 -16.92 5.81
CA GLN B 486 34.62 -16.70 4.64
C GLN B 486 35.37 -15.44 4.88
N GLU B 487 36.68 -15.45 4.61
CA GLU B 487 37.53 -14.35 4.92
C GLU B 487 37.11 -13.02 4.25
N ALA B 488 36.60 -13.12 3.02
CA ALA B 488 36.14 -11.97 2.25
C ALA B 488 34.85 -11.32 2.76
N ASN B 489 34.10 -12.01 3.61
CA ASN B 489 32.92 -11.41 4.19
C ASN B 489 33.41 -10.55 5.36
N GLU B 490 33.11 -9.25 5.32
CA GLU B 490 33.70 -8.42 6.31
C GLU B 490 32.85 -7.26 6.72
N LEU B 491 33.15 -6.86 7.94
CA LEU B 491 32.68 -5.61 8.53
C LEU B 491 33.86 -4.68 8.65
N VAL B 492 33.78 -3.50 8.08
CA VAL B 492 34.85 -2.56 8.09
C VAL B 492 34.31 -1.21 8.61
N PHE B 493 35.20 -0.34 9.02
CA PHE B 493 34.80 0.91 9.65
C PHE B 493 35.41 2.10 8.90
N GLN B 494 34.56 3.06 8.60
CA GLN B 494 34.95 4.19 7.79
C GLN B 494 35.78 5.21 8.54
N GLN B 495 36.84 5.69 7.89
CA GLN B 495 37.65 6.77 8.50
C GLN B 495 36.91 8.11 8.55
N HIS B 496 36.06 8.37 7.58
CA HIS B 496 35.54 9.71 7.38
C HIS B 496 34.08 9.83 7.54
N TYR B 497 33.39 8.74 7.85
CA TYR B 497 31.93 8.80 8.09
C TYR B 497 31.77 8.31 9.50
N ARG B 498 30.79 8.87 10.22
CA ARG B 498 30.52 8.43 11.61
C ARG B 498 29.06 8.19 11.86
N ASP B 499 28.75 7.32 12.81
CA ASP B 499 27.40 7.08 13.22
C ASP B 499 26.90 8.24 14.13
N ALA B 500 25.69 8.06 14.68
CA ALA B 500 25.01 9.15 15.42
C ALA B 500 25.69 9.42 16.76
N TYR B 501 26.52 8.45 17.19
CA TYR B 501 27.31 8.57 18.39
C TYR B 501 28.80 8.89 18.17
N ASP B 502 29.13 9.42 16.98
CA ASP B 502 30.45 9.83 16.62
C ASP B 502 31.46 8.68 16.60
N MET B 503 30.99 7.47 16.43
CA MET B 503 31.88 6.30 16.29
C MET B 503 31.98 5.96 14.73
N PRO B 504 33.04 5.33 14.35
CA PRO B 504 33.29 5.07 12.88
C PRO B 504 32.14 4.31 12.30
N GLN B 505 31.65 4.79 11.16
CA GLN B 505 30.50 4.23 10.47
C GLN B 505 30.78 2.78 10.07
N PRO B 506 29.94 1.81 10.46
CA PRO B 506 30.16 0.43 9.95
C PRO B 506 29.71 0.25 8.51
N THR B 507 30.46 -0.59 7.78
CA THR B 507 30.08 -0.95 6.42
C THR B 507 30.21 -2.43 6.29
N PHE B 508 29.23 -3.04 5.66
CA PHE B 508 29.18 -4.46 5.49
C PHE B 508 29.57 -4.80 4.01
N LYS B 509 30.32 -5.89 3.87
CA LYS B 509 30.58 -6.47 2.53
C LYS B 509 30.29 -7.98 2.74
N PHE B 510 29.06 -8.37 2.52
CA PHE B 510 28.60 -9.71 2.85
C PHE B 510 27.98 -10.38 1.63
N THR B 511 28.53 -11.54 1.23
CA THR B 511 27.89 -12.33 0.15
C THR B 511 27.91 -13.80 0.56
N MET B 512 26.76 -14.47 0.54
CA MET B 512 26.66 -15.86 0.92
C MET B 512 27.31 -16.74 -0.13
N SER B 513 27.76 -17.88 0.27
CA SER B 513 28.39 -18.86 -0.64
C SER B 513 27.37 -19.64 -1.45
N GLN B 514 27.81 -20.37 -2.49
CA GLN B 514 26.88 -21.22 -3.23
C GLN B 514 26.18 -22.27 -2.31
N ASP B 515 26.91 -22.89 -1.38
CA ASP B 515 26.35 -23.87 -0.43
C ASP B 515 25.37 -23.21 0.54
N ASP B 516 25.66 -22.00 0.97
CA ASP B 516 24.77 -21.22 1.85
C ASP B 516 23.39 -21.04 1.10
N ARG B 517 23.48 -20.69 -0.14
CA ARG B 517 22.28 -20.46 -1.01
C ARG B 517 21.47 -21.68 -1.18
N ALA B 518 22.17 -22.79 -1.37
CA ALA B 518 21.48 -24.05 -1.60
C ALA B 518 20.74 -24.52 -0.36
N ARG B 519 21.39 -24.38 0.79
CA ARG B 519 20.70 -24.64 2.04
C ARG B 519 19.53 -23.71 2.28
N ALA B 520 19.67 -22.44 1.97
CA ALA B 520 18.59 -21.47 2.14
C ALA B 520 17.37 -21.89 1.30
N ARG B 521 17.57 -22.33 0.08
CA ARG B 521 16.44 -22.85 -0.72
C ARG B 521 15.77 -24.04 -0.05
N ARG B 522 16.58 -24.99 0.41
CA ARG B 522 16.01 -26.16 1.08
C ARG B 522 15.21 -25.77 2.31
N MET B 523 15.75 -24.78 3.03
CA MET B 523 15.11 -24.26 4.19
C MET B 523 13.70 -23.69 3.90
N MET B 524 13.59 -22.89 2.85
CA MET B 524 12.31 -22.33 2.41
C MET B 524 11.33 -23.46 2.06
N ASP B 525 11.81 -24.47 1.32
CA ASP B 525 11.01 -25.60 1.01
C ASP B 525 10.46 -26.29 2.24
N ASP B 526 11.33 -26.48 3.23
CA ASP B 526 11.00 -27.15 4.47
C ASP B 526 9.96 -26.39 5.22
N MET B 527 10.10 -25.07 5.26
CA MET B 527 9.12 -24.20 5.93
C MET B 527 7.72 -24.30 5.31
N CYS B 528 7.65 -24.33 3.97
CA CYS B 528 6.37 -24.47 3.30
C CYS B 528 5.76 -25.82 3.66
N ASN B 529 6.59 -26.87 3.58
CA ASN B 529 6.11 -28.24 3.80
C ASN B 529 5.55 -28.35 5.22
N ILE B 530 6.30 -27.82 6.19
CA ILE B 530 5.93 -27.97 7.59
C ILE B 530 4.72 -27.14 7.93
N ALA B 531 4.68 -25.87 7.50
CA ALA B 531 3.61 -24.99 7.87
C ALA B 531 2.25 -25.52 7.39
N LEU B 532 2.27 -26.10 6.21
CA LEU B 532 1.03 -26.53 5.52
C LEU B 532 0.44 -27.83 6.10
N LYS B 533 1.17 -28.45 7.00
CA LYS B 533 0.64 -29.68 7.71
C LYS B 533 -0.48 -29.32 8.66
N ILE B 534 -0.51 -28.10 9.18
CA ILE B 534 -1.52 -27.79 10.21
C ILE B 534 -2.33 -26.53 9.93
N GLY B 535 -1.94 -25.77 8.89
CA GLY B 535 -2.70 -24.61 8.57
C GLY B 535 -2.38 -24.10 7.19
N GLY B 536 -3.03 -23.01 6.83
CA GLY B 536 -2.89 -22.35 5.54
C GLY B 536 -2.43 -20.96 5.69
N TYR B 537 -1.64 -20.53 4.71
CA TYR B 537 -1.00 -19.22 4.91
C TYR B 537 -1.97 -18.08 5.12
N LEU B 538 -1.63 -17.26 6.11
CA LEU B 538 -2.40 -16.04 6.31
C LEU B 538 -2.08 -14.98 5.28
N PRO B 539 -3.09 -14.41 4.66
CA PRO B 539 -2.88 -13.38 3.68
C PRO B 539 -1.99 -12.26 4.23
N GLY B 540 -0.96 -11.90 3.46
CA GLY B 540 0.01 -10.94 3.83
C GLY B 540 1.18 -11.52 4.57
N SER B 541 1.16 -12.82 5.02
CA SER B 541 2.30 -13.44 5.70
C SER B 541 2.63 -14.78 5.04
N GLU B 542 2.57 -14.78 3.71
CA GLU B 542 2.92 -15.97 2.91
C GLU B 542 4.49 -16.10 2.94
N PRO B 543 4.99 -17.28 2.59
CA PRO B 543 6.39 -17.62 2.76
C PRO B 543 7.31 -16.62 2.06
N GLN B 544 8.27 -16.11 2.85
CA GLN B 544 9.12 -15.05 2.31
C GLN B 544 10.44 -15.04 3.04
N PHE B 545 11.49 -14.60 2.35
CA PHE B 545 12.74 -14.23 2.98
C PHE B 545 12.64 -12.86 3.61
N MET B 546 13.31 -12.69 4.72
CA MET B 546 13.40 -11.35 5.34
C MET B 546 14.68 -10.64 4.93
N THR B 547 14.74 -9.33 5.18
CA THR B 547 15.89 -8.55 4.83
C THR B 547 17.14 -9.12 5.53
N PRO B 548 18.27 -9.27 4.83
CA PRO B 548 19.48 -9.79 5.49
C PRO B 548 19.84 -8.91 6.69
N GLY B 549 20.18 -9.61 7.77
CA GLY B 549 20.50 -8.92 9.01
C GLY B 549 19.38 -8.83 9.99
N LEU B 550 18.15 -9.07 9.57
CA LEU B 550 17.03 -9.02 10.53
C LEU B 550 17.11 -9.97 11.66
N ALA B 551 17.78 -11.10 11.51
CA ALA B 551 17.98 -12.00 12.62
C ALA B 551 18.72 -11.41 13.78
N LEU B 552 19.58 -10.46 13.51
CA LEU B 552 20.48 -9.83 14.52
C LEU B 552 21.45 -10.79 15.13
N HIS B 553 21.75 -11.86 14.40
CA HIS B 553 22.65 -12.89 14.94
C HIS B 553 24.00 -12.87 14.28
N LEU B 554 24.37 -11.70 13.84
CA LEU B 554 25.68 -11.40 13.29
C LEU B 554 26.76 -11.98 14.20
N ALA B 555 27.75 -12.66 13.63
CA ALA B 555 28.84 -13.26 14.40
C ALA B 555 30.13 -13.23 13.72
N GLY B 556 31.18 -13.60 14.45
CA GLY B 556 32.47 -13.71 13.84
C GLY B 556 33.19 -12.39 13.61
N THR B 557 32.75 -11.29 14.19
CA THR B 557 33.40 -10.00 14.01
C THR B 557 34.66 -9.83 14.86
N THR B 558 34.77 -10.65 15.93
CA THR B 558 35.99 -10.69 16.78
C THR B 558 36.19 -12.15 17.13
N ARG B 559 36.34 -12.96 16.09
CA ARG B 559 36.15 -14.38 16.27
C ARG B 559 37.30 -15.02 17.15
N CYS B 560 36.89 -15.95 18.06
CA CYS B 560 37.78 -16.54 19.00
C CYS B 560 37.81 -18.07 18.83
N GLY B 561 39.02 -18.59 18.91
CA GLY B 561 39.20 -20.04 18.69
C GLY B 561 40.66 -20.46 18.69
N LEU B 562 40.89 -21.71 18.30
CA LEU B 562 42.20 -22.36 18.43
C LEU B 562 43.13 -21.99 17.30
N ASP B 563 42.58 -21.60 16.13
CA ASP B 563 43.42 -21.29 15.01
C ASP B 563 43.86 -19.86 15.12
N THR B 564 45.06 -19.67 15.66
CA THR B 564 45.58 -18.33 15.95
C THR B 564 45.69 -17.42 14.73
N GLN B 565 46.00 -17.98 13.55
CA GLN B 565 46.20 -17.12 12.39
C GLN B 565 44.88 -16.56 11.81
N LYS B 566 43.74 -17.18 12.13
CA LYS B 566 42.51 -16.79 11.54
C LYS B 566 41.55 -16.21 12.55
N THR B 567 42.01 -15.92 13.78
CA THR B 567 41.09 -15.48 14.84
C THR B 567 41.61 -14.18 15.41
N VAL B 568 40.72 -13.49 16.09
CA VAL B 568 41.09 -12.25 16.86
C VAL B 568 41.48 -12.59 18.26
N GLY B 569 40.86 -13.60 18.89
CA GLY B 569 41.24 -14.00 20.22
C GLY B 569 41.36 -15.52 20.39
N ASN B 570 41.88 -15.93 21.54
CA ASN B 570 41.96 -17.38 21.85
C ASN B 570 40.69 -17.96 22.39
N THR B 571 40.71 -19.24 22.86
CA THR B 571 39.44 -19.80 23.36
C THR B 571 38.95 -19.26 24.68
N HIS B 572 39.75 -18.45 25.37
CA HIS B 572 39.34 -17.64 26.47
C HIS B 572 38.95 -16.22 26.11
N CYS B 573 38.83 -15.95 24.81
CA CYS B 573 38.48 -14.65 24.31
C CYS B 573 39.46 -13.53 24.68
N LYS B 574 40.71 -13.89 24.96
CA LYS B 574 41.76 -12.93 25.11
C LYS B 574 42.26 -12.59 23.71
N VAL B 575 42.35 -11.32 23.43
CA VAL B 575 42.81 -10.85 22.11
C VAL B 575 44.29 -11.14 21.96
N HIS B 576 44.64 -11.63 20.79
CA HIS B 576 46.09 -12.00 20.56
C HIS B 576 47.05 -10.87 20.70
N ASN B 577 48.15 -11.14 21.37
CA ASN B 577 49.19 -10.18 21.65
C ASN B 577 48.83 -9.18 22.78
N PHE B 578 47.66 -9.26 23.38
CA PHE B 578 47.27 -8.30 24.39
C PHE B 578 47.08 -9.05 25.68
N ASN B 579 47.83 -8.70 26.70
CA ASN B 579 47.74 -9.60 27.93
C ASN B 579 46.48 -9.35 28.72
N ASN B 580 45.80 -8.22 28.50
CA ASN B 580 44.75 -7.83 29.42
C ASN B 580 43.48 -7.34 28.69
N LEU B 581 43.25 -7.82 27.47
CA LEU B 581 42.13 -7.36 26.62
C LEU B 581 41.32 -8.56 26.22
N TYR B 582 40.04 -8.55 26.61
CA TYR B 582 39.12 -9.61 26.33
C TYR B 582 37.94 -9.06 25.52
N VAL B 583 37.38 -9.94 24.68
CA VAL B 583 36.10 -9.63 23.99
C VAL B 583 34.95 -10.60 24.39
N GLY B 584 33.73 -10.10 24.17
CA GLY B 584 32.54 -10.91 24.40
C GLY B 584 31.44 -10.66 23.43
N GLY B 585 30.48 -11.56 23.39
CA GLY B 585 29.29 -11.38 22.53
C GLY B 585 29.30 -12.32 21.39
N ASN B 586 28.26 -12.16 20.55
CA ASN B 586 28.17 -13.11 19.39
C ASN B 586 29.27 -13.00 18.41
N GLY B 587 29.95 -11.83 18.43
CA GLY B 587 31.10 -11.70 17.63
C GLY B 587 32.24 -12.66 17.88
N VAL B 588 32.32 -13.26 19.07
CA VAL B 588 33.43 -14.19 19.34
C VAL B 588 33.22 -15.48 18.64
N ILE B 589 31.97 -15.76 18.27
CA ILE B 589 31.63 -17.12 17.76
C ILE B 589 32.20 -17.26 16.36
N GLU B 590 33.00 -18.28 16.13
CA GLU B 590 33.73 -18.43 14.84
C GLU B 590 33.12 -19.40 13.83
N THR B 591 32.04 -20.08 14.18
CA THR B 591 31.36 -21.05 13.30
C THR B 591 30.21 -20.41 12.54
N GLY B 592 29.79 -21.08 11.50
CA GLY B 592 28.48 -20.72 10.90
C GLY B 592 27.41 -21.49 11.68
N PHE B 593 26.51 -20.79 12.33
CA PHE B 593 25.46 -21.51 13.12
C PHE B 593 24.12 -20.92 12.74
N ALA B 594 23.08 -21.66 13.01
CA ALA B 594 21.69 -21.31 12.69
C ALA B 594 20.83 -21.03 13.95
N ALA B 595 21.19 -21.61 15.09
CA ALA B 595 20.43 -21.47 16.32
C ALA B 595 20.73 -20.00 16.96
N ASN B 596 19.90 -19.62 17.87
CA ASN B 596 20.02 -18.33 18.58
C ASN B 596 21.31 -18.40 19.45
N PRO B 597 22.19 -17.39 19.34
CA PRO B 597 23.57 -17.48 19.88
C PRO B 597 23.77 -17.10 21.33
N THR B 598 22.79 -16.45 21.91
CA THR B 598 23.01 -15.81 23.23
C THR B 598 23.52 -16.78 24.27
N LEU B 599 22.95 -17.95 24.38
CA LEU B 599 23.37 -18.89 25.37
C LEU B 599 24.85 -19.28 25.19
N THR B 600 25.25 -19.55 23.92
CA THR B 600 26.63 -19.87 23.64
C THR B 600 27.59 -18.69 23.94
N SER B 601 27.14 -17.46 23.65
CA SER B 601 27.95 -16.31 23.96
C SER B 601 28.14 -16.14 25.46
N ILE B 602 27.11 -16.50 26.25
CA ILE B 602 27.22 -16.52 27.73
C ILE B 602 28.29 -17.53 28.13
N CYS B 603 28.31 -18.72 27.50
CA CYS B 603 29.37 -19.66 27.77
C CYS B 603 30.76 -19.05 27.59
N TYR B 604 30.97 -18.31 26.51
CA TYR B 604 32.27 -17.70 26.30
C TYR B 604 32.54 -16.64 27.35
N ALA B 605 31.54 -15.90 27.76
CA ALA B 605 31.72 -14.88 28.80
C ALA B 605 32.14 -15.51 30.17
N ILE B 606 31.56 -16.68 30.47
CA ILE B 606 31.99 -17.48 31.63
C ILE B 606 33.46 -17.81 31.55
N ARG B 607 33.80 -18.39 30.42
CA ARG B 607 35.14 -18.92 30.17
C ARG B 607 36.15 -17.80 30.23
N ALA B 608 35.82 -16.66 29.61
CA ALA B 608 36.69 -15.46 29.65
C ALA B 608 36.77 -14.90 31.09
N SER B 609 35.62 -14.80 31.78
CA SER B 609 35.65 -14.29 33.12
C SER B 609 36.56 -15.14 34.03
N ASN B 610 36.42 -16.44 33.93
CA ASN B 610 37.28 -17.34 34.66
C ASN B 610 38.76 -17.16 34.40
N ASP B 611 39.14 -16.90 33.17
CA ASP B 611 40.49 -16.54 32.84
C ASP B 611 40.92 -15.23 33.55
N ILE B 612 40.07 -14.21 33.50
CA ILE B 612 40.35 -12.92 34.15
C ILE B 612 40.55 -13.13 35.65
N ILE B 613 39.64 -13.86 36.28
CA ILE B 613 39.70 -14.16 37.72
C ILE B 613 41.01 -14.83 38.07
N ALA B 614 41.39 -15.88 37.32
CA ALA B 614 42.64 -16.60 37.53
C ALA B 614 43.87 -15.74 37.37
N LYS B 615 43.86 -14.87 36.37
CA LYS B 615 45.01 -13.99 36.10
C LYS B 615 45.05 -12.73 36.95
N PHE B 616 43.89 -12.16 37.25
CA PHE B 616 43.81 -10.82 37.84
C PHE B 616 43.16 -10.75 39.24
N GLY B 617 42.78 -11.90 39.79
CA GLY B 617 42.12 -11.95 41.11
C GLY B 617 43.13 -11.95 42.24
N PRO C 13 1.74 9.45 -59.10
CA PRO C 13 1.86 9.60 -57.67
C PRO C 13 0.59 10.22 -57.11
N TYR C 14 0.38 9.99 -55.83
CA TYR C 14 -0.69 10.65 -55.10
C TYR C 14 -0.50 12.15 -55.07
N ASP C 15 -1.56 12.93 -54.84
CA ASP C 15 -1.42 14.32 -54.60
C ASP C 15 -0.82 14.65 -53.22
N VAL C 16 -1.32 13.95 -52.19
CA VAL C 16 -0.94 14.19 -50.79
C VAL C 16 -0.64 12.87 -50.09
N PHE C 17 0.54 12.78 -49.44
CA PHE C 17 0.85 11.69 -48.60
C PHE C 17 0.69 12.24 -47.18
N ILE C 18 -0.01 11.51 -46.29
CA ILE C 18 -0.12 11.88 -44.86
C ILE C 18 0.35 10.76 -43.95
N ALA C 19 1.30 11.01 -43.07
CA ALA C 19 1.71 10.06 -42.06
C ALA C 19 0.91 10.45 -40.81
N GLY C 20 0.09 9.54 -40.32
CA GLY C 20 -0.69 9.69 -39.12
C GLY C 20 -2.18 9.79 -39.39
N SER C 21 -2.97 9.00 -38.63
CA SER C 21 -4.41 8.98 -38.78
C SER C 21 -5.16 9.44 -37.57
N GLY C 22 -4.52 10.29 -36.78
CA GLY C 22 -5.23 11.08 -35.75
C GLY C 22 -6.18 12.08 -36.34
N PRO C 23 -6.81 12.88 -35.47
CA PRO C 23 -7.83 13.82 -35.93
C PRO C 23 -7.22 14.89 -36.85
N ILE C 24 -5.93 15.15 -36.69
CA ILE C 24 -5.25 16.17 -37.49
C ILE C 24 -4.94 15.62 -38.86
N GLY C 25 -4.32 14.44 -38.96
CA GLY C 25 -4.12 13.74 -40.26
C GLY C 25 -5.46 13.59 -40.99
N ALA C 26 -6.49 13.22 -40.23
CA ALA C 26 -7.81 12.98 -40.83
C ALA C 26 -8.35 14.27 -41.40
N THR C 27 -8.13 15.39 -40.71
CA THR C 27 -8.56 16.71 -41.21
C THR C 27 -7.92 17.09 -42.56
N PHE C 28 -6.60 16.91 -42.65
CA PHE C 28 -5.90 17.00 -43.97
C PHE C 28 -6.55 16.10 -45.01
N ALA C 29 -6.82 14.83 -44.64
CA ALA C 29 -7.37 13.86 -45.61
C ALA C 29 -8.70 14.35 -46.07
N LYS C 30 -9.55 14.74 -45.13
CA LYS C 30 -10.92 15.12 -45.48
C LYS C 30 -10.89 16.35 -46.43
N LEU C 31 -10.17 17.38 -46.02
CA LEU C 31 -10.16 18.60 -46.82
C LEU C 31 -9.58 18.39 -48.20
N CYS C 32 -8.49 17.65 -48.24
CA CYS C 32 -7.85 17.39 -49.50
C CYS C 32 -8.70 16.56 -50.45
N VAL C 33 -9.24 15.46 -49.96
CA VAL C 33 -10.14 14.63 -50.79
C VAL C 33 -11.36 15.44 -51.22
N ASP C 34 -11.95 16.23 -50.34
CA ASP C 34 -13.10 17.05 -50.70
C ASP C 34 -12.71 17.98 -51.84
N ALA C 35 -11.46 18.43 -51.90
CA ALA C 35 -11.00 19.29 -52.97
C ALA C 35 -10.51 18.50 -54.22
N ASN C 36 -10.86 17.23 -54.34
CA ASN C 36 -10.53 16.39 -55.49
C ASN C 36 -9.09 15.96 -55.58
N LEU C 37 -8.36 16.04 -54.45
CA LEU C 37 -7.04 15.45 -54.46
C LEU C 37 -6.98 13.98 -54.03
N ARG C 38 -6.05 13.23 -54.59
CA ARG C 38 -5.84 11.87 -54.24
C ARG C 38 -4.86 11.78 -53.05
N VAL C 39 -5.31 11.11 -51.96
CA VAL C 39 -4.58 11.06 -50.70
C VAL C 39 -4.20 9.66 -50.37
N CYS C 40 -2.93 9.48 -49.96
CA CYS C 40 -2.50 8.25 -49.34
C CYS C 40 -2.13 8.54 -47.90
N MET C 41 -2.72 7.81 -46.95
CA MET C 41 -2.47 7.99 -45.50
C MET C 41 -1.90 6.73 -44.95
N VAL C 42 -0.85 6.80 -44.14
CA VAL C 42 -0.29 5.67 -43.52
C VAL C 42 -0.44 5.86 -42.00
N GLU C 43 -0.74 4.77 -41.31
CA GLU C 43 -0.89 4.72 -39.87
C GLU C 43 -0.13 3.52 -39.34
N ILE C 44 0.73 3.78 -38.40
CA ILE C 44 1.59 2.79 -37.83
C ILE C 44 0.88 1.74 -36.99
N GLY C 45 -0.18 2.14 -36.36
CA GLY C 45 -1.02 1.22 -35.59
C GLY C 45 -2.11 0.54 -36.41
N ALA C 46 -2.93 -0.22 -35.70
CA ALA C 46 -4.09 -0.97 -36.30
C ALA C 46 -5.36 -0.15 -36.29
N ALA C 47 -6.27 -0.56 -37.13
CA ALA C 47 -7.68 -0.07 -37.05
C ALA C 47 -8.29 -0.93 -36.00
N ASP C 48 -8.57 -0.39 -34.83
CA ASP C 48 -9.02 -1.21 -33.72
C ASP C 48 -10.30 -0.71 -33.07
N SER C 49 -11.01 0.25 -33.69
CA SER C 49 -12.26 0.71 -33.10
C SER C 49 -13.14 1.18 -34.25
N PHE C 50 -14.35 0.69 -34.36
CA PHE C 50 -15.12 0.93 -35.57
C PHE C 50 -16.53 1.26 -35.24
N THR C 51 -17.14 2.00 -36.14
CA THR C 51 -18.58 2.06 -36.19
C THR C 51 -18.95 1.65 -37.64
N SER C 52 -20.19 1.80 -37.99
CA SER C 52 -20.61 1.46 -39.35
C SER C 52 -21.68 2.45 -39.77
N LYS C 53 -21.71 2.85 -41.06
CA LYS C 53 -22.64 3.86 -41.52
C LYS C 53 -23.06 3.38 -42.92
N PRO C 54 -24.24 3.80 -43.35
CA PRO C 54 -24.78 3.49 -44.68
C PRO C 54 -23.95 4.16 -45.79
N MET C 55 -23.72 3.44 -46.90
CA MET C 55 -23.20 4.01 -48.17
C MET C 55 -24.06 5.18 -48.67
N LYS C 56 -23.44 6.23 -49.23
CA LYS C 56 -24.19 7.42 -49.68
C LYS C 56 -25.25 6.96 -50.69
N VAL C 65 -28.54 -2.66 -40.89
CA VAL C 65 -27.88 -3.02 -39.58
C VAL C 65 -26.36 -2.94 -39.57
N GLN C 66 -25.84 -2.59 -38.40
CA GLN C 66 -24.43 -2.39 -38.28
C GLN C 66 -23.61 -3.55 -38.75
N PHE C 67 -22.59 -3.24 -39.55
CA PHE C 67 -21.65 -4.23 -40.01
C PHE C 67 -22.32 -5.34 -40.79
N GLY C 68 -23.52 -5.07 -41.28
CA GLY C 68 -24.34 -5.96 -42.13
C GLY C 68 -24.10 -5.67 -43.60
N PRO C 69 -25.18 -5.28 -44.38
CA PRO C 69 -25.21 -5.04 -45.84
C PRO C 69 -25.76 -3.65 -46.27
N GLY C 70 -25.04 -2.97 -47.16
CA GLY C 70 -25.37 -1.57 -47.42
C GLY C 70 -24.57 -0.67 -46.44
N GLN C 71 -23.98 -1.27 -45.40
CA GLN C 71 -23.19 -0.51 -44.37
C GLN C 71 -21.70 -0.50 -44.63
N VAL C 72 -21.01 0.61 -44.24
CA VAL C 72 -19.56 0.61 -44.42
C VAL C 72 -18.93 0.71 -43.05
N PRO C 73 -17.88 -0.03 -42.75
CA PRO C 73 -17.15 0.07 -41.51
C PRO C 73 -16.30 1.34 -41.48
N ILE C 74 -16.36 2.12 -40.41
CA ILE C 74 -15.55 3.35 -40.33
C ILE C 74 -14.65 3.28 -39.12
N PRO C 75 -13.37 3.34 -39.32
CA PRO C 75 -12.41 3.25 -38.21
C PRO C 75 -12.21 4.57 -37.46
N GLY C 76 -11.47 4.51 -36.36
CA GLY C 76 -11.27 5.67 -35.52
C GLY C 76 -12.45 6.13 -34.70
N TYR C 77 -13.33 5.22 -34.32
CA TYR C 77 -14.49 5.55 -33.51
C TYR C 77 -14.10 5.61 -32.04
N HIS C 78 -14.76 6.44 -31.26
CA HIS C 78 -14.36 6.64 -29.88
C HIS C 78 -14.77 5.43 -29.07
N LYS C 79 -13.81 4.89 -28.32
CA LYS C 79 -13.97 3.68 -27.56
C LYS C 79 -14.94 3.83 -26.42
N LYS C 80 -15.22 5.05 -25.97
CA LYS C 80 -16.21 5.27 -24.92
C LYS C 80 -17.59 5.27 -25.40
N ASN C 81 -17.79 5.13 -26.73
CA ASN C 81 -19.13 4.98 -27.22
C ASN C 81 -19.71 3.60 -27.04
N GLU C 82 -18.87 2.63 -26.81
CA GLU C 82 -19.34 1.26 -26.56
C GLU C 82 -20.22 1.33 -25.31
N ILE C 83 -21.39 0.75 -25.35
CA ILE C 83 -22.37 0.84 -24.29
C ILE C 83 -21.82 0.43 -22.95
N GLU C 84 -20.98 -0.59 -22.94
CA GLU C 84 -20.48 -1.00 -21.63
C GLU C 84 -19.80 0.14 -20.85
N TYR C 85 -19.11 1.02 -21.55
CA TYR C 85 -18.50 2.10 -20.87
C TYR C 85 -19.41 3.29 -20.57
N GLN C 86 -20.55 3.39 -21.23
CA GLN C 86 -21.54 4.43 -20.84
C GLN C 86 -22.25 3.88 -19.59
N LYS C 87 -22.35 2.57 -19.45
CA LYS C 87 -22.97 1.99 -18.24
C LYS C 87 -22.02 1.91 -17.03
N ASP C 88 -20.75 1.56 -17.25
CA ASP C 88 -19.75 1.39 -16.15
C ASP C 88 -18.52 2.28 -16.53
N ILE C 89 -18.67 3.55 -16.32
CA ILE C 89 -17.77 4.59 -16.72
C ILE C 89 -16.36 4.44 -16.12
N ASP C 90 -16.27 3.99 -14.87
CA ASP C 90 -14.94 3.83 -14.26
C ASP C 90 -14.16 2.69 -14.84
N ARG C 91 -14.79 1.81 -15.62
CA ARG C 91 -13.98 0.79 -16.27
C ARG C 91 -13.18 1.32 -17.42
N PHE C 92 -13.54 2.49 -17.94
CA PHE C 92 -12.84 3.11 -19.09
C PHE C 92 -11.46 3.54 -18.77
N VAL C 93 -11.15 3.70 -17.48
CA VAL C 93 -9.72 3.95 -17.13
C VAL C 93 -8.80 2.95 -17.66
N ASN C 94 -9.24 1.68 -17.62
CA ASN C 94 -8.45 0.60 -18.15
C ASN C 94 -8.18 0.68 -19.67
N VAL C 95 -9.16 1.18 -20.43
CA VAL C 95 -8.96 1.38 -21.78
C VAL C 95 -7.88 2.43 -22.07
N ILE C 96 -7.97 3.53 -21.37
CA ILE C 96 -6.99 4.57 -21.54
C ILE C 96 -5.57 4.08 -21.17
N LYS C 97 -5.46 3.39 -20.04
CA LYS C 97 -4.16 2.87 -19.67
C LYS C 97 -3.65 1.85 -20.67
N GLY C 98 -4.53 1.08 -21.26
CA GLY C 98 -4.13 0.19 -22.30
C GLY C 98 -3.70 0.79 -23.61
N ALA C 99 -4.10 2.03 -23.84
CA ALA C 99 -3.88 2.74 -25.09
C ALA C 99 -2.58 3.55 -25.07
N LEU C 100 -1.98 3.74 -23.90
CA LEU C 100 -0.91 4.74 -23.75
C LEU C 100 0.42 4.01 -23.68
N SER C 101 1.33 4.37 -24.55
CA SER C 101 2.70 3.87 -24.56
C SER C 101 3.70 4.97 -24.10
N THR C 102 4.28 4.82 -22.94
CA THR C 102 5.15 5.83 -22.35
C THR C 102 6.41 6.08 -23.23
N CYS C 103 6.72 7.33 -23.46
CA CYS C 103 7.71 7.72 -24.43
C CYS C 103 9.11 7.41 -23.91
N SER C 104 9.43 7.85 -22.71
CA SER C 104 10.84 7.76 -22.21
C SER C 104 10.88 7.33 -20.76
N ILE C 105 11.38 6.11 -20.53
CA ILE C 105 11.42 5.52 -19.17
C ILE C 105 12.91 5.42 -18.81
N PRO C 106 13.29 6.09 -17.78
CA PRO C 106 14.71 6.06 -17.35
C PRO C 106 15.11 4.74 -16.73
N THR C 107 16.39 4.39 -16.85
CA THR C 107 16.94 3.19 -16.19
C THR C 107 17.01 3.40 -14.71
N SER C 108 17.07 2.28 -14.01
CA SER C 108 17.23 2.32 -12.55
C SER C 108 17.94 1.01 -12.11
N ASN C 109 18.52 1.02 -10.90
CA ASN C 109 19.18 -0.19 -10.48
C ASN C 109 18.86 -0.43 -8.99
N ASN C 110 17.62 -0.48 -8.67
CA ASN C 110 17.18 -0.65 -7.24
C ASN C 110 17.44 -2.07 -6.75
N HIS C 111 17.82 -2.18 -5.52
CA HIS C 111 18.08 -3.43 -4.88
C HIS C 111 16.81 -3.97 -4.25
N ILE C 112 16.46 -5.23 -4.54
CA ILE C 112 15.33 -5.89 -3.89
C ILE C 112 15.94 -6.74 -2.80
N ALA C 113 15.77 -6.30 -1.59
CA ALA C 113 16.53 -6.88 -0.46
C ALA C 113 16.03 -8.22 0.00
N THR C 114 14.79 -8.54 -0.37
CA THR C 114 14.12 -9.80 0.12
C THR C 114 14.00 -10.87 -1.00
N LEU C 115 14.83 -10.75 -2.00
CA LEU C 115 14.95 -11.90 -2.97
C LEU C 115 15.47 -13.13 -2.32
N ASP C 116 15.02 -14.30 -2.76
CA ASP C 116 15.53 -15.55 -2.31
C ASP C 116 17.03 -15.50 -2.76
N PRO C 117 17.95 -15.87 -1.90
CA PRO C 117 19.41 -15.71 -2.17
C PRO C 117 19.90 -16.54 -3.36
N SER C 118 19.16 -17.55 -3.86
CA SER C 118 19.63 -18.33 -5.00
C SER C 118 19.25 -17.76 -6.33
N VAL C 119 18.44 -16.71 -6.39
CA VAL C 119 17.82 -16.22 -7.66
C VAL C 119 18.72 -15.23 -8.33
N VAL C 120 18.53 -15.07 -9.62
CA VAL C 120 19.13 -14.03 -10.42
C VAL C 120 18.89 -12.67 -9.80
N SER C 121 19.96 -11.85 -9.72
CA SER C 121 19.81 -10.51 -9.17
C SER C 121 20.72 -9.51 -9.88
N ASN C 122 20.26 -8.29 -9.95
CA ASN C 122 21.10 -7.20 -10.36
C ASN C 122 22.20 -7.00 -9.29
N SER C 123 23.19 -6.22 -9.64
CA SER C 123 24.25 -5.87 -8.69
C SER C 123 24.75 -4.45 -9.02
N LEU C 124 25.72 -3.97 -8.23
CA LEU C 124 26.20 -2.65 -8.39
C LEU C 124 26.86 -2.52 -9.70
N ASP C 125 27.70 -3.47 -10.07
CA ASP C 125 28.34 -3.31 -11.36
C ASP C 125 27.72 -4.05 -12.51
N LYS C 126 26.66 -4.87 -12.26
CA LYS C 126 25.90 -5.52 -13.34
C LYS C 126 24.40 -5.21 -13.12
N PRO C 127 23.95 -4.03 -13.42
CA PRO C 127 22.56 -3.77 -13.48
C PRO C 127 21.85 -4.57 -14.58
N PHE C 128 20.57 -4.78 -14.40
CA PHE C 128 19.82 -5.38 -15.52
C PHE C 128 19.89 -4.43 -16.77
N ILE C 129 19.84 -5.04 -17.91
CA ILE C 129 19.67 -4.31 -19.17
C ILE C 129 18.26 -4.66 -19.62
N SER C 130 17.40 -3.70 -19.64
CA SER C 130 16.03 -4.11 -19.75
C SER C 130 15.45 -3.42 -20.97
N LEU C 131 14.74 -4.26 -21.71
CA LEU C 131 14.13 -3.85 -22.92
C LEU C 131 13.18 -2.73 -22.52
N GLY C 132 13.21 -1.64 -23.24
CA GLY C 132 12.16 -0.72 -23.10
C GLY C 132 12.53 0.52 -22.27
N LYS C 133 13.77 0.61 -21.80
CA LYS C 133 14.22 1.80 -21.05
C LYS C 133 15.08 2.62 -21.95
N ASN C 134 15.21 3.91 -21.65
CA ASN C 134 16.05 4.84 -22.32
C ASN C 134 17.23 5.22 -21.44
N PRO C 135 18.39 4.67 -21.71
CA PRO C 135 19.58 4.93 -20.85
C PRO C 135 20.04 6.33 -20.96
N ALA C 136 19.61 7.08 -21.99
CA ALA C 136 20.01 8.47 -22.07
C ALA C 136 19.16 9.47 -21.28
N GLN C 137 18.00 9.05 -20.77
CA GLN C 137 17.11 9.98 -20.11
C GLN C 137 17.50 10.25 -18.66
N ASN C 138 17.73 11.53 -18.35
CA ASN C 138 17.89 12.01 -16.99
C ASN C 138 16.49 12.11 -16.40
N PRO C 139 16.23 11.36 -15.33
CA PRO C 139 14.88 11.35 -14.79
C PRO C 139 14.41 12.69 -14.25
N PHE C 140 15.35 13.53 -13.92
CA PHE C 140 15.02 14.82 -13.29
C PHE C 140 14.49 15.91 -14.27
N VAL C 141 14.70 15.68 -15.56
CA VAL C 141 14.32 16.64 -16.59
C VAL C 141 13.45 15.94 -17.60
N ASN C 142 12.81 14.87 -17.14
CA ASN C 142 11.94 14.05 -18.00
C ASN C 142 10.50 14.63 -18.05
N LEU C 143 9.74 14.19 -19.01
CA LEU C 143 8.26 14.22 -18.98
C LEU C 143 7.83 12.75 -18.87
N GLY C 144 7.96 12.26 -17.65
CA GLY C 144 7.77 10.87 -17.36
C GLY C 144 6.47 10.23 -17.70
N ALA C 145 5.38 11.02 -17.80
CA ALA C 145 4.11 10.42 -18.12
C ALA C 145 3.72 10.75 -19.53
N GLU C 146 4.61 11.42 -20.31
CA GLU C 146 4.29 11.72 -21.70
C GLU C 146 4.15 10.36 -22.42
N ALA C 147 3.15 10.17 -23.27
CA ALA C 147 2.94 8.85 -23.85
C ALA C 147 2.26 9.08 -25.18
N VAL C 148 2.18 8.03 -26.00
CA VAL C 148 1.57 8.10 -27.31
C VAL C 148 0.54 6.97 -27.45
N THR C 149 -0.38 7.12 -28.40
CA THR C 149 -1.30 6.06 -28.73
C THR C 149 -1.17 5.76 -30.22
N ARG C 150 -0.97 4.47 -30.54
CA ARG C 150 -0.82 4.09 -31.93
C ARG C 150 -2.03 3.32 -32.33
N GLY C 151 -2.77 3.86 -33.29
CA GLY C 151 -4.00 3.21 -33.77
C GLY C 151 -4.67 4.13 -34.73
N VAL C 152 -5.57 3.66 -35.56
CA VAL C 152 -6.32 4.57 -36.36
C VAL C 152 -7.14 5.45 -35.45
N GLY C 153 -7.03 6.74 -35.72
CA GLY C 153 -7.64 7.80 -34.86
C GLY C 153 -6.78 8.33 -33.74
N GLY C 154 -5.58 7.76 -33.61
CA GLY C 154 -4.64 8.21 -32.62
C GLY C 154 -5.27 8.27 -31.24
N MET C 155 -5.02 9.35 -30.55
CA MET C 155 -5.56 9.51 -29.22
C MET C 155 -6.99 9.85 -29.23
N SER C 156 -7.57 10.23 -30.36
CA SER C 156 -8.98 10.59 -30.38
C SER C 156 -9.96 9.45 -30.09
N THR C 157 -9.47 8.22 -30.05
CA THR C 157 -10.32 7.10 -29.71
C THR C 157 -10.47 6.96 -28.19
N HIS C 158 -9.83 7.84 -27.38
CA HIS C 158 -10.06 7.78 -25.95
C HIS C 158 -10.19 9.18 -25.33
N TRP C 159 -9.85 10.28 -26.03
CA TRP C 159 -9.85 11.59 -25.41
C TRP C 159 -11.11 12.05 -24.77
N THR C 160 -10.98 13.05 -23.90
CA THR C 160 -12.11 13.52 -23.19
C THR C 160 -12.91 14.58 -23.94
N CYS C 161 -12.51 14.94 -25.16
CA CYS C 161 -13.29 15.74 -26.09
C CYS C 161 -13.48 17.20 -25.71
N ALA C 162 -12.68 17.70 -24.81
CA ALA C 162 -12.76 19.13 -24.44
C ALA C 162 -12.13 19.98 -25.53
N THR C 163 -12.91 20.96 -26.02
CA THR C 163 -12.47 21.78 -27.18
C THR C 163 -12.74 23.28 -26.90
N PRO C 164 -12.02 23.82 -25.94
CA PRO C 164 -12.04 25.31 -25.75
C PRO C 164 -11.21 26.02 -26.87
N GLU C 165 -11.46 27.31 -27.05
CA GLU C 165 -10.56 28.19 -27.77
C GLU C 165 -9.42 28.61 -26.85
N PHE C 166 -8.34 29.05 -27.47
CA PHE C 166 -7.23 29.68 -26.77
C PHE C 166 -7.50 31.16 -26.54
N PHE C 167 -6.98 31.64 -25.43
CA PHE C 167 -7.13 33.07 -24.98
C PHE C 167 -6.30 34.02 -25.83
N ALA C 168 -6.94 35.04 -26.33
CA ALA C 168 -6.30 36.13 -27.01
C ALA C 168 -6.51 37.38 -26.15
N PRO C 169 -5.43 38.02 -25.73
CA PRO C 169 -5.65 39.20 -24.92
C PRO C 169 -6.10 40.42 -25.72
N ALA C 170 -6.75 41.37 -25.03
CA ALA C 170 -7.18 42.65 -25.66
C ALA C 170 -6.03 43.40 -26.31
N ASP C 171 -4.90 43.43 -25.67
CA ASP C 171 -3.74 44.05 -26.27
C ASP C 171 -2.94 43.04 -27.08
N PHE C 172 -2.86 43.31 -28.36
CA PHE C 172 -2.17 42.44 -29.26
C PHE C 172 -0.70 42.35 -28.91
N ASN C 173 -0.18 43.33 -28.22
CA ASN C 173 1.23 43.20 -27.76
C ASN C 173 1.42 42.88 -26.27
N ALA C 174 0.41 42.24 -25.66
CA ALA C 174 0.58 41.72 -24.29
C ALA C 174 1.73 40.74 -24.21
N PRO C 175 2.39 40.69 -23.06
CA PRO C 175 3.57 39.81 -22.89
C PRO C 175 3.25 38.31 -22.97
N HIS C 176 2.00 37.94 -22.71
CA HIS C 176 1.61 36.50 -22.87
C HIS C 176 0.30 36.37 -23.60
N ARG C 177 0.21 35.37 -24.47
CA ARG C 177 -1.07 35.01 -25.09
C ARG C 177 -1.06 33.52 -25.22
N GLU C 178 -2.20 32.87 -25.14
CA GLU C 178 -2.31 31.45 -25.55
C GLU C 178 -2.38 31.26 -27.01
N ARG C 179 -3.24 32.07 -27.65
CA ARG C 179 -3.57 31.91 -29.08
C ARG C 179 -2.39 32.48 -29.90
N PRO C 180 -1.75 31.63 -30.68
CA PRO C 180 -0.63 32.24 -31.46
C PRO C 180 -1.09 33.29 -32.47
N LYS C 181 -0.15 34.14 -32.86
CA LYS C 181 -0.34 35.09 -33.99
C LYS C 181 -0.17 34.40 -35.34
N LEU C 182 -1.17 34.65 -36.20
CA LEU C 182 -1.14 34.21 -37.59
C LEU C 182 -0.85 35.38 -38.56
N SER C 183 -0.80 36.61 -38.02
CA SER C 183 -0.53 37.80 -38.80
C SER C 183 0.09 38.80 -37.89
N THR C 184 0.88 39.74 -38.43
CA THR C 184 1.35 40.85 -37.59
C THR C 184 0.27 41.92 -37.43
N ASP C 185 -0.83 41.82 -38.14
CA ASP C 185 -1.87 42.82 -38.01
C ASP C 185 -2.95 42.21 -37.06
N ALA C 186 -3.32 42.91 -35.99
CA ALA C 186 -4.30 42.43 -35.03
C ALA C 186 -5.61 42.09 -35.64
N ALA C 187 -6.13 42.97 -36.49
CA ALA C 187 -7.49 42.81 -37.03
C ALA C 187 -7.51 41.59 -37.97
N GLU C 188 -6.46 41.41 -38.76
CA GLU C 188 -6.36 40.28 -39.68
C GLU C 188 -6.22 38.95 -38.89
N ASP C 189 -5.39 38.98 -37.84
CA ASP C 189 -5.23 37.83 -36.93
C ASP C 189 -6.61 37.44 -36.38
N ALA C 190 -7.40 38.42 -35.95
CA ALA C 190 -8.68 38.12 -35.33
C ALA C 190 -9.67 37.51 -36.35
N ARG C 191 -9.63 38.00 -37.60
CA ARG C 191 -10.52 37.51 -38.68
C ARG C 191 -10.17 36.10 -39.11
N ILE C 192 -8.86 35.78 -39.16
CA ILE C 192 -8.41 34.49 -39.50
C ILE C 192 -8.89 33.49 -38.45
N TRP C 193 -8.66 33.76 -37.16
CA TRP C 193 -8.99 32.80 -36.09
C TRP C 193 -10.48 32.61 -36.00
N LYS C 194 -11.24 33.68 -36.25
CA LYS C 194 -12.69 33.59 -36.12
C LYS C 194 -13.20 32.56 -37.15
N ASP C 195 -12.67 32.66 -38.34
CA ASP C 195 -13.01 31.77 -39.46
C ASP C 195 -12.55 30.33 -39.16
N LEU C 196 -11.31 30.20 -38.66
CA LEU C 196 -10.75 28.86 -38.46
C LEU C 196 -11.45 28.15 -37.34
N TYR C 197 -11.75 28.85 -36.26
CA TYR C 197 -12.35 28.15 -35.12
C TYR C 197 -13.79 27.70 -35.43
N ALA C 198 -14.51 28.51 -36.19
CA ALA C 198 -15.86 28.13 -36.66
C ALA C 198 -15.77 26.86 -37.44
N GLN C 199 -14.82 26.77 -38.33
CA GLN C 199 -14.71 25.59 -39.18
C GLN C 199 -14.29 24.40 -38.37
N ALA C 200 -13.37 24.65 -37.41
CA ALA C 200 -12.79 23.56 -36.61
C ALA C 200 -13.90 22.96 -35.73
N LYS C 201 -14.70 23.85 -35.16
CA LYS C 201 -15.80 23.42 -34.32
C LYS C 201 -16.81 22.58 -35.05
N GLU C 202 -17.01 22.91 -36.31
CA GLU C 202 -17.89 22.11 -37.14
C GLU C 202 -17.28 20.77 -37.53
N ILE C 203 -15.99 20.74 -37.86
CA ILE C 203 -15.30 19.46 -38.14
C ILE C 203 -15.36 18.44 -36.97
N ILE C 204 -15.09 18.94 -35.76
CA ILE C 204 -15.00 18.08 -34.58
C ILE C 204 -16.31 18.01 -33.81
N GLY C 205 -17.25 18.86 -34.15
CA GLY C 205 -18.59 18.86 -33.57
C GLY C 205 -18.73 19.35 -32.18
N THR C 206 -18.12 20.51 -31.87
CA THR C 206 -18.16 21.12 -30.56
C THR C 206 -19.58 21.55 -30.14
N SER C 207 -19.95 21.28 -28.93
CA SER C 207 -21.19 21.82 -28.36
C SER C 207 -20.99 22.17 -26.85
N THR C 208 -21.71 23.17 -26.34
CA THR C 208 -21.72 23.53 -24.94
C THR C 208 -23.04 23.23 -24.25
N THR C 209 -23.95 22.54 -24.92
CA THR C 209 -25.29 22.31 -24.36
C THR C 209 -25.63 20.86 -24.03
N GLU C 210 -24.70 19.93 -24.25
CA GLU C 210 -25.00 18.52 -24.15
C GLU C 210 -25.20 18.05 -22.66
N PHE C 211 -24.92 18.90 -21.68
CA PHE C 211 -25.12 18.53 -20.27
C PHE C 211 -26.12 19.47 -19.57
N ASP C 212 -26.94 20.15 -20.39
CA ASP C 212 -27.80 21.18 -19.90
C ASP C 212 -28.93 20.60 -19.15
N HIS C 213 -29.24 19.32 -19.30
CA HIS C 213 -30.26 18.74 -18.49
C HIS C 213 -29.71 17.76 -17.47
N SER C 214 -28.47 17.96 -17.01
CA SER C 214 -27.95 17.19 -15.89
C SER C 214 -28.15 17.97 -14.62
N ILE C 215 -28.62 17.32 -13.58
CA ILE C 215 -28.78 17.99 -12.30
C ILE C 215 -27.37 18.34 -11.69
N ARG C 216 -26.44 17.39 -11.72
CA ARG C 216 -25.06 17.63 -11.17
C ARG C 216 -24.40 18.76 -11.93
N HIS C 217 -24.57 18.80 -13.25
CA HIS C 217 -23.95 19.87 -14.02
C HIS C 217 -24.53 21.24 -13.65
N ASN C 218 -25.83 21.35 -13.59
CA ASN C 218 -26.46 22.63 -13.24
C ASN C 218 -26.22 23.01 -11.80
N LEU C 219 -26.23 22.04 -10.92
CA LEU C 219 -26.02 22.35 -9.48
C LEU C 219 -24.60 22.97 -9.40
N VAL C 220 -23.62 22.30 -9.99
CA VAL C 220 -22.24 22.77 -9.91
C VAL C 220 -22.02 24.16 -10.49
N LEU C 221 -22.44 24.30 -11.72
CA LEU C 221 -22.29 25.55 -12.47
C LEU C 221 -23.05 26.67 -11.82
N ARG C 222 -24.30 26.46 -11.44
CA ARG C 222 -25.10 27.61 -10.89
C ARG C 222 -24.69 27.98 -9.49
N LYS C 223 -24.31 26.99 -8.67
CA LYS C 223 -23.83 27.26 -7.34
C LYS C 223 -22.45 28.03 -7.36
N TYR C 224 -21.53 27.58 -8.21
CA TYR C 224 -20.27 28.30 -8.27
C TYR C 224 -20.47 29.73 -8.76
N ASN C 225 -21.36 29.93 -9.75
CA ASN C 225 -21.56 31.34 -10.18
C ASN C 225 -22.17 32.18 -9.03
N ASP C 226 -23.10 31.61 -8.28
CA ASP C 226 -23.69 32.34 -7.15
C ASP C 226 -22.66 32.69 -6.09
N ILE C 227 -21.79 31.72 -5.76
CA ILE C 227 -20.81 31.94 -4.76
C ILE C 227 -19.89 33.04 -5.21
N PHE C 228 -19.34 32.93 -6.43
CA PHE C 228 -18.28 33.89 -6.86
C PHE C 228 -18.78 35.29 -7.27
N GLN C 229 -20.09 35.40 -7.44
CA GLN C 229 -20.72 36.72 -7.61
C GLN C 229 -20.61 37.52 -6.32
N LYS C 230 -20.73 36.86 -5.18
CA LYS C 230 -20.64 37.54 -3.86
C LYS C 230 -19.19 37.73 -3.36
N GLU C 231 -18.20 37.72 -4.26
CA GLU C 231 -16.84 37.86 -3.77
C GLU C 231 -16.06 38.93 -4.51
N ASN C 232 -14.98 39.34 -3.83
CA ASN C 232 -14.04 40.41 -4.24
C ASN C 232 -13.58 40.29 -5.66
N VAL C 233 -13.02 39.12 -5.95
CA VAL C 233 -12.54 38.78 -7.28
C VAL C 233 -13.60 37.81 -7.84
N ILE C 234 -14.28 38.29 -8.87
CA ILE C 234 -15.26 37.56 -9.56
C ILE C 234 -14.57 36.52 -10.52
N ARG C 235 -15.17 35.37 -10.58
CA ARG C 235 -14.71 34.31 -11.47
C ARG C 235 -15.97 33.77 -12.13
N GLU C 236 -15.85 33.44 -13.40
CA GLU C 236 -16.99 33.02 -14.21
C GLU C 236 -16.89 31.58 -14.60
N PHE C 237 -17.93 30.81 -14.31
CA PHE C 237 -17.96 29.42 -14.62
C PHE C 237 -18.87 29.24 -15.79
N SER C 238 -18.50 28.35 -16.69
CA SER C 238 -19.25 28.10 -17.90
C SER C 238 -19.20 26.64 -18.28
N PRO C 239 -20.11 26.21 -19.15
CA PRO C 239 -20.02 24.82 -19.62
C PRO C 239 -18.81 24.58 -20.44
N LEU C 240 -18.17 23.46 -20.19
CA LEU C 240 -17.00 23.07 -20.95
C LEU C 240 -17.47 22.71 -22.38
N PRO C 241 -16.84 23.30 -23.42
CA PRO C 241 -17.19 22.91 -24.81
C PRO C 241 -16.66 21.54 -25.11
N LEU C 242 -17.51 20.63 -25.63
CA LEU C 242 -17.11 19.28 -25.80
C LEU C 242 -17.50 18.80 -27.17
N ALA C 243 -16.65 17.97 -27.73
CA ALA C 243 -16.97 17.37 -29.09
C ALA C 243 -17.77 16.09 -28.86
N CYS C 244 -19.11 16.23 -28.70
CA CYS C 244 -19.95 15.12 -28.39
C CYS C 244 -21.36 15.53 -28.72
N HIS C 245 -22.26 14.57 -28.77
CA HIS C 245 -23.69 14.88 -28.79
C HIS C 245 -24.46 13.86 -28.09
N ARG C 246 -25.38 14.32 -27.31
CA ARG C 246 -26.27 13.46 -26.57
C ARG C 246 -27.32 12.89 -27.48
N LEU C 247 -27.58 11.59 -27.30
CA LEU C 247 -28.41 10.85 -28.21
C LEU C 247 -29.87 10.89 -27.80
N THR C 248 -30.71 10.36 -28.67
CA THR C 248 -32.15 10.49 -28.57
C THR C 248 -32.60 9.78 -27.29
N ASP C 249 -31.96 8.64 -26.97
CA ASP C 249 -31.97 8.11 -25.62
C ASP C 249 -30.95 8.93 -24.81
N PRO C 250 -31.43 9.88 -24.01
CA PRO C 250 -30.50 10.79 -23.40
C PRO C 250 -29.54 10.12 -22.40
N ASP C 251 -29.71 8.83 -21.97
CA ASP C 251 -28.68 8.13 -21.11
C ASP C 251 -27.32 7.96 -21.87
N TYR C 252 -27.30 8.16 -23.19
CA TYR C 252 -26.12 7.94 -24.02
C TYR C 252 -25.62 9.21 -24.72
N VAL C 253 -24.32 9.29 -24.84
CA VAL C 253 -23.67 10.31 -25.57
C VAL C 253 -22.76 9.68 -26.62
N GLU C 254 -22.65 10.33 -27.78
CA GLU C 254 -21.72 9.93 -28.75
C GLU C 254 -20.55 10.93 -28.64
N TRP C 255 -19.44 10.41 -28.16
CA TRP C 255 -18.18 11.16 -28.04
C TRP C 255 -17.60 11.19 -29.45
N HIS C 256 -17.08 12.32 -29.90
CA HIS C 256 -16.59 12.42 -31.29
C HIS C 256 -15.17 12.10 -31.43
N ALA C 257 -14.79 11.54 -32.58
CA ALA C 257 -13.45 11.07 -32.78
C ALA C 257 -13.13 11.19 -34.29
N THR C 258 -12.03 10.59 -34.74
CA THR C 258 -11.59 10.67 -36.12
C THR C 258 -12.62 10.08 -37.07
N ASP C 259 -13.47 9.17 -36.57
CA ASP C 259 -14.49 8.56 -37.48
C ASP C 259 -15.41 9.63 -38.06
N ARG C 260 -15.69 10.70 -37.32
CA ARG C 260 -16.58 11.69 -37.94
C ARG C 260 -15.92 12.52 -38.96
N ILE C 261 -14.62 12.62 -38.88
CA ILE C 261 -13.88 13.47 -39.80
C ILE C 261 -13.62 12.66 -41.08
N LEU C 262 -13.38 11.38 -40.93
CA LEU C 262 -13.20 10.51 -42.09
C LEU C 262 -14.43 9.94 -42.74
N GLU C 263 -15.57 10.12 -42.14
CA GLU C 263 -16.75 9.37 -42.51
C GLU C 263 -17.02 9.30 -44.03
N GLU C 264 -17.08 10.47 -44.64
CA GLU C 264 -17.45 10.52 -46.05
C GLU C 264 -16.41 9.94 -46.97
N LEU C 265 -15.15 9.91 -46.54
CA LEU C 265 -14.15 9.21 -47.27
C LEU C 265 -14.40 7.74 -47.41
N PHE C 266 -15.23 7.21 -46.50
CA PHE C 266 -15.63 5.77 -46.56
C PHE C 266 -17.00 5.61 -47.18
N THR C 267 -17.94 6.53 -46.87
CA THR C 267 -19.30 6.33 -47.29
C THR C 267 -19.63 6.81 -48.72
N ASP C 268 -18.84 7.68 -49.28
CA ASP C 268 -19.09 8.27 -50.56
C ASP C 268 -18.12 7.61 -51.49
N PRO C 269 -18.59 6.79 -52.43
CA PRO C 269 -17.69 6.05 -53.32
C PRO C 269 -16.73 6.90 -54.18
N VAL C 270 -17.10 8.11 -54.54
CA VAL C 270 -16.24 8.97 -55.29
C VAL C 270 -15.05 9.42 -54.37
N LYS C 271 -15.33 9.75 -53.11
CA LYS C 271 -14.27 10.15 -52.20
C LYS C 271 -13.45 8.93 -51.87
N ARG C 272 -14.10 7.82 -51.64
CA ARG C 272 -13.36 6.63 -51.27
C ARG C 272 -12.38 6.25 -52.37
N GLY C 273 -12.78 6.49 -53.58
CA GLY C 273 -11.92 6.25 -54.72
C GLY C 273 -10.62 7.12 -54.72
N ARG C 274 -10.62 8.22 -53.98
CA ARG C 274 -9.45 9.07 -53.86
C ARG C 274 -8.66 8.94 -52.57
N PHE C 275 -9.01 8.00 -51.71
CA PHE C 275 -8.40 7.88 -50.40
C PHE C 275 -7.90 6.47 -50.15
N THR C 276 -6.65 6.33 -49.71
CA THR C 276 -6.03 5.06 -49.47
C THR C 276 -5.50 5.21 -48.03
N LEU C 277 -5.94 4.32 -47.16
CA LEU C 277 -5.44 4.20 -45.80
C LEU C 277 -4.67 2.89 -45.56
N LEU C 278 -3.40 2.98 -45.23
CA LEU C 278 -2.57 1.80 -45.01
C LEU C 278 -2.35 1.71 -43.48
N THR C 279 -2.91 0.68 -42.84
CA THR C 279 -2.64 0.54 -41.41
C THR C 279 -1.48 -0.41 -41.18
N ASN C 280 -0.98 -0.42 -39.96
CA ASN C 280 0.23 -1.18 -39.61
C ASN C 280 1.43 -0.81 -40.51
N HIS C 281 1.46 0.43 -40.99
CA HIS C 281 2.53 0.87 -41.91
C HIS C 281 3.22 2.04 -41.24
N ARG C 282 4.50 1.83 -40.96
CA ARG C 282 5.33 2.89 -40.35
C ARG C 282 5.87 3.83 -41.42
N CYS C 283 5.73 5.13 -41.26
CA CYS C 283 6.48 6.11 -42.07
C CYS C 283 7.84 6.21 -41.35
N THR C 284 8.84 5.56 -41.89
CA THR C 284 10.13 5.49 -41.24
C THR C 284 10.89 6.80 -41.37
N LYS C 285 10.81 7.36 -42.58
CA LYS C 285 11.43 8.69 -42.82
C LYS C 285 10.96 9.19 -44.14
N LEU C 286 11.21 10.47 -44.39
CA LEU C 286 10.99 11.06 -45.69
C LEU C 286 12.37 11.17 -46.33
N VAL C 287 12.45 11.08 -47.65
CA VAL C 287 13.74 11.19 -48.33
C VAL C 287 13.68 12.44 -49.15
N PHE C 288 14.73 13.22 -49.03
CA PHE C 288 14.76 14.54 -49.66
C PHE C 288 15.56 14.55 -50.94
N LYS C 289 15.34 15.59 -51.73
CA LYS C 289 16.11 15.83 -52.96
C LYS C 289 17.57 15.94 -52.60
N HIS C 290 17.92 16.66 -51.54
CA HIS C 290 19.35 16.69 -51.13
C HIS C 290 19.35 16.95 -49.62
N TYR C 291 20.55 16.99 -49.06
CA TYR C 291 20.73 17.08 -47.59
C TYR C 291 21.65 18.30 -47.23
N ARG C 292 21.51 19.37 -48.04
CA ARG C 292 22.25 20.64 -47.81
C ARG C 292 21.46 21.62 -47.03
N PRO C 293 21.92 21.87 -45.81
CA PRO C 293 21.15 22.80 -44.98
C PRO C 293 20.98 24.19 -45.59
N GLY C 294 19.84 24.78 -45.28
CA GLY C 294 19.60 26.15 -45.65
C GLY C 294 19.18 26.38 -47.04
N GLU C 295 19.17 25.34 -47.89
CA GLU C 295 18.84 25.56 -49.28
C GLU C 295 17.45 25.06 -49.62
N GLU C 296 16.82 25.65 -50.63
CA GLU C 296 15.48 25.17 -51.06
C GLU C 296 15.60 23.69 -51.32
N ASN C 297 14.59 22.95 -50.90
CA ASN C 297 14.63 21.50 -50.90
C ASN C 297 13.20 20.98 -51.16
N GLU C 298 13.04 19.67 -51.17
CA GLU C 298 11.72 19.11 -51.33
C GLU C 298 11.83 17.62 -50.98
N VAL C 299 10.69 17.04 -50.64
CA VAL C 299 10.63 15.64 -50.40
C VAL C 299 10.50 14.92 -51.68
N ASP C 300 11.29 13.90 -51.84
CA ASP C 300 11.22 13.08 -53.04
C ASP C 300 10.26 11.90 -52.86
N TYR C 301 10.29 11.21 -51.70
CA TYR C 301 9.36 10.13 -51.44
C TYR C 301 9.32 9.86 -49.93
N ALA C 302 8.29 9.14 -49.50
CA ALA C 302 8.27 8.60 -48.12
C ALA C 302 8.70 7.15 -48.09
N LEU C 303 9.52 6.78 -47.12
CA LEU C 303 9.91 5.43 -46.97
C LEU C 303 9.01 4.82 -45.87
N VAL C 304 8.26 3.80 -46.26
CA VAL C 304 7.18 3.24 -45.39
C VAL C 304 7.38 1.75 -45.31
N GLU C 305 7.18 1.20 -44.13
CA GLU C 305 7.44 -0.21 -43.93
C GLU C 305 6.14 -0.84 -43.43
N ASP C 306 5.75 -1.91 -44.07
CA ASP C 306 4.64 -2.72 -43.58
C ASP C 306 5.06 -3.54 -42.37
N LEU C 307 4.40 -3.39 -41.25
CA LEU C 307 4.87 -4.03 -40.02
C LEU C 307 4.21 -5.37 -39.79
N LEU C 308 3.23 -5.69 -40.59
CA LEU C 308 2.56 -7.01 -40.41
C LEU C 308 3.52 -8.15 -40.73
N PRO C 309 3.58 -9.11 -39.82
CA PRO C 309 4.64 -10.10 -39.76
C PRO C 309 4.88 -10.85 -41.03
N HIS C 310 6.13 -11.26 -41.26
CA HIS C 310 6.57 -12.03 -42.48
C HIS C 310 7.95 -12.59 -42.30
N SER C 319 9.16 -5.69 -47.82
CA SER C 319 8.66 -5.00 -46.61
C SER C 319 8.57 -3.44 -46.74
N VAL C 320 9.66 -2.89 -47.32
CA VAL C 320 9.85 -1.44 -47.45
C VAL C 320 9.33 -0.91 -48.80
N LYS C 321 8.54 0.17 -48.77
CA LYS C 321 7.85 0.72 -49.93
C LYS C 321 8.29 2.20 -50.02
N LYS C 322 8.51 2.70 -51.24
CA LYS C 322 8.65 4.15 -51.45
C LYS C 322 7.32 4.68 -51.87
N ILE C 323 6.77 5.63 -51.20
CA ILE C 323 5.49 6.21 -51.65
C ILE C 323 5.74 7.63 -52.15
N TYR C 324 5.41 7.85 -53.43
CA TYR C 324 5.52 9.14 -54.11
C TYR C 324 4.22 9.93 -54.10
N ALA C 325 4.34 11.18 -53.70
CA ALA C 325 3.24 12.15 -53.70
C ALA C 325 3.80 13.53 -54.12
N ARG C 326 2.91 14.42 -54.50
CA ARG C 326 3.29 15.79 -54.78
C ARG C 326 3.58 16.58 -53.52
N SER C 327 2.96 16.21 -52.38
CA SER C 327 3.09 16.90 -51.14
C SER C 327 2.98 15.92 -50.00
N TYR C 328 3.55 16.31 -48.87
CA TYR C 328 3.74 15.39 -47.76
C TYR C 328 3.33 16.10 -46.52
N VAL C 329 2.57 15.40 -45.67
CA VAL C 329 2.13 15.97 -44.38
C VAL C 329 2.51 14.98 -43.27
N VAL C 330 3.25 15.44 -42.28
CA VAL C 330 3.57 14.58 -41.12
C VAL C 330 2.68 15.08 -40.01
N ALA C 331 1.73 14.24 -39.60
CA ALA C 331 0.80 14.50 -38.53
C ALA C 331 0.76 13.28 -37.63
N CYS C 332 1.89 13.05 -36.99
CA CYS C 332 2.03 11.89 -36.14
C CYS C 332 1.95 12.17 -34.66
N GLY C 333 1.44 13.32 -34.27
CA GLY C 333 1.44 13.79 -32.91
C GLY C 333 2.70 14.51 -32.56
N ALA C 334 2.79 15.06 -31.36
CA ALA C 334 3.89 15.98 -31.05
C ALA C 334 5.22 15.31 -31.00
N VAL C 335 5.28 14.10 -30.39
CA VAL C 335 6.52 13.38 -30.29
C VAL C 335 6.93 12.80 -31.63
N ALA C 336 6.01 12.04 -32.18
CA ALA C 336 6.34 11.18 -33.35
C ALA C 336 6.55 12.04 -34.62
N THR C 337 5.93 13.22 -34.72
CA THR C 337 6.12 14.08 -35.88
C THR C 337 7.61 14.51 -35.94
N ALA C 338 8.08 14.99 -34.78
CA ALA C 338 9.53 15.34 -34.64
C ALA C 338 10.41 14.12 -34.85
N GLN C 339 9.99 12.93 -34.38
CA GLN C 339 10.74 11.73 -34.57
C GLN C 339 10.92 11.32 -36.02
N VAL C 340 9.87 11.46 -36.79
CA VAL C 340 9.94 11.12 -38.23
C VAL C 340 10.88 12.12 -38.94
N LEU C 341 10.71 13.38 -38.61
CA LEU C 341 11.58 14.39 -39.25
C LEU C 341 13.04 14.26 -38.83
N ALA C 342 13.30 13.93 -37.57
CA ALA C 342 14.66 13.72 -37.10
C ALA C 342 15.28 12.49 -37.83
N ASN C 343 14.54 11.41 -37.92
CA ASN C 343 15.02 10.23 -38.64
C ASN C 343 15.28 10.48 -40.12
N SER C 344 14.57 11.45 -40.68
CA SER C 344 14.74 11.85 -42.11
C SER C 344 16.06 12.56 -42.36
N HIS C 345 16.71 13.02 -41.30
CA HIS C 345 18.06 13.65 -41.42
C HIS C 345 19.15 12.65 -41.74
N ILE C 346 18.85 11.38 -41.55
CA ILE C 346 19.79 10.34 -41.85
C ILE C 346 19.44 9.82 -43.28
N PRO C 347 20.28 10.13 -44.28
CA PRO C 347 19.87 9.71 -45.64
C PRO C 347 19.86 8.18 -45.73
N PRO C 348 18.98 7.60 -46.56
CA PRO C 348 18.98 6.09 -46.69
C PRO C 348 20.25 5.43 -47.33
N GLU C 366 29.86 9.10 -26.47
CA GLU C 366 29.01 9.18 -27.66
C GLU C 366 27.94 8.02 -27.89
N ARG C 367 27.77 7.07 -26.97
CA ARG C 367 26.62 6.13 -27.13
C ARG C 367 25.30 6.89 -26.92
N ASP C 368 25.35 8.00 -26.17
CA ASP C 368 24.22 8.86 -25.93
C ASP C 368 24.08 9.98 -26.97
N ALA C 369 24.80 9.90 -28.09
CA ALA C 369 24.66 10.93 -29.17
C ALA C 369 23.23 11.07 -29.73
N THR C 370 22.77 12.31 -30.01
CA THR C 370 21.49 12.54 -30.64
C THR C 370 21.65 12.91 -32.07
N ILE C 371 20.61 12.80 -32.80
CA ILE C 371 20.61 13.08 -34.23
C ILE C 371 20.61 14.60 -34.38
N PRO C 372 21.62 15.12 -35.11
CA PRO C 372 21.52 16.59 -35.39
C PRO C 372 20.51 16.83 -36.49
N THR C 373 19.81 17.97 -36.46
CA THR C 373 18.83 18.26 -37.43
C THR C 373 19.11 19.57 -38.16
N PRO C 374 20.22 19.61 -38.90
CA PRO C 374 20.57 20.89 -39.57
C PRO C 374 19.67 21.36 -40.75
N LEU C 375 18.84 20.53 -41.35
CA LEU C 375 17.91 20.95 -42.33
C LEU C 375 16.72 21.68 -41.72
N MET C 376 16.42 21.37 -40.42
CA MET C 376 15.23 21.85 -39.62
C MET C 376 15.74 22.17 -38.18
N PRO C 377 16.57 23.16 -38.06
CA PRO C 377 17.36 23.42 -36.84
C PRO C 377 16.53 23.60 -35.56
N MET C 378 15.27 24.03 -35.68
CA MET C 378 14.41 24.26 -34.51
C MET C 378 13.59 23.06 -34.12
N LEU C 379 13.78 21.90 -34.78
CA LEU C 379 13.04 20.70 -34.45
C LEU C 379 13.24 20.36 -32.98
N GLY C 380 12.13 20.17 -32.26
CA GLY C 380 12.25 19.69 -30.95
C GLY C 380 12.65 20.77 -29.96
N LYS C 381 12.82 22.04 -30.33
CA LYS C 381 13.21 23.05 -29.36
C LYS C 381 12.01 23.88 -28.98
N TYR C 382 12.12 24.54 -27.83
CA TYR C 382 11.01 25.33 -27.27
C TYR C 382 9.79 24.48 -26.85
N ILE C 383 10.01 23.22 -26.51
CA ILE C 383 8.82 22.37 -26.20
C ILE C 383 8.14 22.89 -24.97
N THR C 384 6.82 22.72 -24.93
CA THR C 384 6.01 23.14 -23.77
C THR C 384 5.16 21.92 -23.31
N GLU C 385 4.92 21.83 -22.04
CA GLU C 385 3.94 20.88 -21.50
C GLU C 385 3.31 21.51 -20.27
N GLN C 386 2.12 21.04 -19.91
CA GLN C 386 1.37 21.68 -18.88
C GLN C 386 1.50 20.99 -17.53
N PRO C 387 1.86 21.73 -16.46
CA PRO C 387 1.77 21.21 -15.08
C PRO C 387 0.28 21.04 -14.73
N MET C 388 -0.06 20.03 -13.95
CA MET C 388 -1.43 19.76 -13.59
C MET C 388 -1.56 19.45 -12.17
N THR C 389 -2.62 19.97 -11.55
CA THR C 389 -3.03 19.62 -10.26
C THR C 389 -4.39 18.97 -10.33
N PHE C 390 -4.67 18.16 -9.35
CA PHE C 390 -5.84 17.28 -9.34
C PHE C 390 -6.31 17.09 -7.97
N CYS C 391 -7.62 17.04 -7.83
CA CYS C 391 -8.27 16.51 -6.63
C CYS C 391 -9.69 16.03 -6.94
N GLN C 392 -10.30 15.37 -5.97
CA GLN C 392 -11.71 15.14 -5.98
C GLN C 392 -12.34 15.52 -4.65
N VAL C 393 -13.62 15.89 -4.69
CA VAL C 393 -14.36 16.18 -3.51
C VAL C 393 -15.61 15.37 -3.49
N VAL C 394 -16.15 15.26 -2.28
CA VAL C 394 -17.51 14.82 -2.00
C VAL C 394 -18.35 16.06 -1.77
N LEU C 395 -19.44 16.22 -2.53
CA LEU C 395 -20.34 17.32 -2.34
C LEU C 395 -20.83 17.49 -0.91
N ASP C 396 -20.96 18.76 -0.51
CA ASP C 396 -21.53 19.02 0.79
C ASP C 396 -22.98 18.51 0.92
N SER C 397 -23.25 18.05 2.13
CA SER C 397 -24.57 17.48 2.49
C SER C 397 -25.64 18.59 2.31
N SER C 398 -25.31 19.83 2.63
CA SER C 398 -26.23 20.98 2.43
C SER C 398 -26.67 21.15 0.99
N LEU C 399 -25.87 20.74 0.01
CA LEU C 399 -26.30 20.81 -1.37
C LEU C 399 -27.34 19.81 -1.79
N MET C 400 -27.48 18.74 -1.05
CA MET C 400 -28.55 17.81 -1.32
C MET C 400 -29.94 18.45 -1.06
N GLU C 401 -30.02 19.38 -0.12
CA GLU C 401 -31.23 20.17 0.07
C GLU C 401 -31.51 21.08 -1.13
N VAL C 402 -30.45 21.57 -1.80
CA VAL C 402 -30.58 22.39 -3.00
C VAL C 402 -31.13 21.50 -4.14
N VAL C 403 -30.68 20.26 -4.20
CA VAL C 403 -31.23 19.29 -5.16
C VAL C 403 -32.70 19.04 -4.89
N ARG C 404 -33.09 18.92 -3.62
CA ARG C 404 -34.51 18.72 -3.33
CA ARG C 404 -34.50 18.73 -3.26
C ARG C 404 -35.35 19.97 -3.51
N ASN C 405 -34.75 21.15 -3.49
CA ASN C 405 -35.48 22.46 -3.62
C ASN C 405 -34.66 23.55 -4.22
N PRO C 406 -34.36 23.48 -5.51
CA PRO C 406 -33.47 24.39 -6.17
C PRO C 406 -34.11 25.79 -6.23
N PRO C 407 -33.33 26.87 -6.03
CA PRO C 407 -33.79 28.26 -6.04
C PRO C 407 -33.88 28.89 -7.44
N TRP C 408 -33.29 28.31 -8.49
CA TRP C 408 -33.20 29.01 -9.78
C TRP C 408 -34.46 28.81 -10.57
N PRO C 409 -34.86 29.78 -11.40
CA PRO C 409 -36.10 29.56 -12.16
C PRO C 409 -35.84 28.67 -13.39
N GLY C 410 -36.92 28.05 -13.92
CA GLY C 410 -36.86 27.24 -15.19
C GLY C 410 -36.36 25.80 -15.03
N LEU C 411 -36.67 25.21 -13.89
CA LEU C 411 -36.08 23.97 -13.52
C LEU C 411 -37.13 22.96 -13.25
N ASP C 412 -38.28 23.05 -13.93
CA ASP C 412 -39.27 22.01 -13.75
C ASP C 412 -38.81 20.59 -14.12
N TRP C 413 -37.97 20.46 -15.15
CA TRP C 413 -37.33 19.19 -15.58
C TRP C 413 -36.57 18.56 -14.41
N TRP C 414 -35.83 19.38 -13.67
CA TRP C 414 -35.08 18.92 -12.54
C TRP C 414 -35.95 18.47 -11.40
N LYS C 415 -36.90 19.29 -11.01
CA LYS C 415 -37.86 18.89 -9.93
C LYS C 415 -38.57 17.60 -10.24
N GLU C 416 -39.00 17.40 -11.47
CA GLU C 416 -39.65 16.14 -11.88
C GLU C 416 -38.73 14.88 -11.80
N LYS C 417 -37.48 15.00 -12.28
CA LYS C 417 -36.49 13.93 -12.14
C LYS C 417 -36.23 13.57 -10.68
N VAL C 418 -36.08 14.58 -9.82
CA VAL C 418 -35.90 14.35 -8.40
C VAL C 418 -37.12 13.75 -7.73
N ALA C 419 -38.33 14.23 -8.06
CA ALA C 419 -39.52 13.61 -7.50
C ALA C 419 -39.63 12.13 -7.91
N ARG C 420 -39.30 11.81 -9.15
CA ARG C 420 -39.42 10.41 -9.58
C ARG C 420 -38.38 9.54 -8.82
N HIS C 421 -37.18 10.12 -8.61
CA HIS C 421 -36.15 9.37 -7.95
C HIS C 421 -36.58 9.07 -6.55
N VAL C 422 -37.01 10.10 -5.85
CA VAL C 422 -37.33 9.99 -4.44
C VAL C 422 -38.53 9.10 -4.16
N GLU C 423 -39.49 9.10 -5.08
CA GLU C 423 -40.63 8.20 -4.95
C GLU C 423 -40.17 6.77 -5.18
N ALA C 424 -39.28 6.51 -6.15
CA ALA C 424 -38.88 5.11 -6.46
C ALA C 424 -37.86 4.55 -5.40
N PHE C 425 -37.07 5.46 -4.79
CA PHE C 425 -36.03 5.14 -3.80
C PHE C 425 -36.11 5.98 -2.59
N PRO C 426 -37.21 5.80 -1.81
CA PRO C 426 -37.36 6.74 -0.70
C PRO C 426 -36.32 6.61 0.44
N ASN C 427 -35.62 5.48 0.57
CA ASN C 427 -34.56 5.37 1.56
C ASN C 427 -33.16 5.81 1.04
N ASP C 428 -33.07 6.25 -0.21
CA ASP C 428 -31.76 6.77 -0.73
C ASP C 428 -31.43 8.08 -0.08
N PRO C 429 -30.29 8.18 0.58
CA PRO C 429 -30.00 9.51 1.11
C PRO C 429 -29.58 10.56 0.07
N ILE C 430 -29.25 10.12 -1.15
CA ILE C 430 -28.86 11.05 -2.21
C ILE C 430 -30.06 11.22 -3.14
N PRO C 431 -30.54 12.45 -3.29
CA PRO C 431 -31.72 12.73 -4.13
C PRO C 431 -31.45 12.91 -5.59
N ILE C 432 -30.18 12.83 -5.99
CA ILE C 432 -29.79 12.93 -7.37
C ILE C 432 -30.17 11.59 -8.03
N PRO C 433 -30.80 11.65 -9.23
CA PRO C 433 -31.18 10.44 -9.94
C PRO C 433 -30.02 9.60 -10.31
N PHE C 434 -30.28 8.33 -10.35
CA PHE C 434 -29.25 7.43 -10.70
C PHE C 434 -28.59 7.67 -12.04
N ARG C 435 -29.26 7.97 -13.08
CA ARG C 435 -28.22 8.01 -14.17
C ARG C 435 -27.82 9.42 -14.51
N ASP C 436 -27.86 10.32 -13.51
CA ASP C 436 -27.68 11.75 -13.79
C ASP C 436 -26.26 11.97 -14.35
N PRO C 437 -26.14 12.70 -15.46
CA PRO C 437 -24.76 12.87 -16.04
C PRO C 437 -23.86 13.74 -15.21
N GLU C 438 -22.53 13.63 -15.37
CA GLU C 438 -21.62 14.33 -14.56
C GLU C 438 -21.58 15.79 -14.96
N PRO C 439 -21.09 16.63 -14.09
CA PRO C 439 -20.89 18.01 -14.41
C PRO C 439 -19.79 18.13 -15.46
N GLN C 440 -19.90 19.18 -16.26
CA GLN C 440 -18.91 19.46 -17.34
C GLN C 440 -18.72 20.98 -17.38
N VAL C 441 -17.92 21.47 -16.44
CA VAL C 441 -17.79 22.87 -16.07
C VAL C 441 -16.32 23.34 -16.25
N THR C 442 -16.17 24.61 -16.67
CA THR C 442 -14.84 25.17 -16.86
C THR C 442 -14.83 26.60 -16.34
N ILE C 443 -13.62 27.07 -16.08
CA ILE C 443 -13.39 28.53 -15.94
C ILE C 443 -12.40 28.85 -17.08
N LYS C 444 -12.79 29.71 -17.97
CA LYS C 444 -11.90 30.09 -19.07
C LYS C 444 -10.62 30.80 -18.56
N PHE C 445 -9.50 30.40 -19.13
CA PHE C 445 -8.22 31.05 -18.87
C PHE C 445 -8.40 32.58 -19.00
N THR C 446 -7.79 33.29 -18.06
CA THR C 446 -7.65 34.79 -18.14
C THR C 446 -6.21 35.10 -17.71
N GLU C 447 -5.70 36.28 -18.01
CA GLU C 447 -4.33 36.58 -17.56
C GLU C 447 -4.24 36.83 -16.09
N GLU C 448 -5.33 37.16 -15.46
CA GLU C 448 -5.29 37.28 -14.00
C GLU C 448 -5.20 35.94 -13.25
N HIS C 449 -5.77 34.88 -13.83
CA HIS C 449 -5.70 33.47 -13.26
C HIS C 449 -5.36 32.56 -14.40
N PRO C 450 -4.06 32.57 -14.83
CA PRO C 450 -3.65 32.03 -16.09
C PRO C 450 -3.42 30.49 -16.07
N TRP C 451 -4.52 29.80 -15.89
CA TRP C 451 -4.58 28.35 -16.02
C TRP C 451 -5.93 27.97 -16.51
N HIS C 452 -6.09 26.69 -16.93
CA HIS C 452 -7.37 26.18 -17.45
C HIS C 452 -7.93 25.25 -16.41
N VAL C 453 -9.18 25.38 -16.12
CA VAL C 453 -9.90 24.62 -15.06
C VAL C 453 -10.95 23.76 -15.66
N GLN C 454 -11.01 22.48 -15.22
CA GLN C 454 -12.08 21.56 -15.62
C GLN C 454 -12.64 20.99 -14.31
N ILE C 455 -13.95 20.98 -14.20
CA ILE C 455 -14.67 20.61 -12.96
C ILE C 455 -15.68 19.64 -13.54
N HIS C 456 -15.46 18.35 -13.32
CA HIS C 456 -16.09 17.29 -14.11
C HIS C 456 -16.00 15.96 -13.49
N ARG C 457 -16.27 14.89 -14.26
CA ARG C 457 -15.81 13.62 -13.90
C ARG C 457 -15.17 13.08 -15.16
N ASP C 458 -14.01 12.48 -14.89
CA ASP C 458 -13.38 11.41 -15.68
C ASP C 458 -13.54 10.06 -14.94
N ALA C 459 -13.64 8.99 -15.72
CA ALA C 459 -13.27 7.67 -15.23
C ALA C 459 -12.06 7.73 -14.24
N PHE C 460 -12.20 6.98 -13.13
CA PHE C 460 -11.18 6.99 -12.01
C PHE C 460 -11.23 5.65 -11.26
N SER C 461 -10.07 5.20 -10.86
CA SER C 461 -9.91 3.92 -10.17
C SER C 461 -9.84 4.15 -8.61
N TYR C 462 -10.96 3.94 -7.88
CA TYR C 462 -11.05 4.18 -6.41
C TYR C 462 -10.32 3.15 -5.57
N GLY C 463 -9.46 3.62 -4.66
CA GLY C 463 -8.90 2.80 -3.58
C GLY C 463 -9.96 2.27 -2.59
N ALA C 464 -9.45 1.53 -1.61
CA ALA C 464 -10.26 0.75 -0.63
C ALA C 464 -11.07 1.57 0.37
N VAL C 465 -10.64 2.83 0.57
CA VAL C 465 -11.37 3.84 1.34
C VAL C 465 -12.42 4.51 0.38
N ALA C 466 -11.95 5.10 -0.72
CA ALA C 466 -12.78 5.99 -1.50
C ALA C 466 -13.91 5.24 -2.24
N GLU C 467 -13.74 3.94 -2.55
CA GLU C 467 -14.80 3.13 -3.27
C GLU C 467 -16.10 2.90 -2.43
N ASN C 468 -16.05 3.26 -1.18
CA ASN C 468 -17.25 3.23 -0.34
C ASN C 468 -18.21 4.39 -0.60
N MET C 469 -17.80 5.39 -1.40
CA MET C 469 -18.60 6.58 -1.58
C MET C 469 -19.42 6.39 -2.89
N ASP C 470 -20.61 6.93 -2.94
CA ASP C 470 -21.46 6.98 -4.12
C ASP C 470 -20.98 7.96 -5.14
N THR C 471 -20.92 7.54 -6.37
CA THR C 471 -20.39 8.38 -7.46
C THR C 471 -21.14 9.66 -7.81
N ARG C 472 -22.43 9.71 -7.46
CA ARG C 472 -23.25 10.81 -7.78
C ARG C 472 -22.80 12.08 -7.00
N VAL C 473 -22.05 11.91 -5.92
CA VAL C 473 -21.69 13.08 -5.11
C VAL C 473 -20.17 13.35 -5.20
N ILE C 474 -19.47 12.76 -6.16
CA ILE C 474 -18.04 13.06 -6.36
C ILE C 474 -17.89 14.01 -7.54
N VAL C 475 -16.99 14.99 -7.42
CA VAL C 475 -16.67 15.92 -8.49
C VAL C 475 -15.15 15.95 -8.57
N ASP C 476 -14.58 15.97 -9.77
CA ASP C 476 -13.16 15.99 -10.01
C ASP C 476 -12.76 17.41 -10.46
N TYR C 477 -11.51 17.78 -10.15
CA TYR C 477 -10.93 19.05 -10.48
C TYR C 477 -9.63 18.81 -11.13
N ARG C 478 -9.42 19.38 -12.33
CA ARG C 478 -8.16 19.30 -12.99
C ARG C 478 -7.77 20.69 -13.41
N PHE C 479 -6.65 21.19 -12.94
CA PHE C 479 -6.21 22.50 -13.28
C PHE C 479 -4.89 22.32 -14.05
N PHE C 480 -4.86 22.88 -15.27
CA PHE C 480 -3.71 22.81 -16.12
C PHE C 480 -3.06 24.22 -16.24
N GLY C 481 -1.77 24.28 -16.06
CA GLY C 481 -0.99 25.52 -16.19
C GLY C 481 -0.29 25.59 -17.54
N TYR C 482 0.38 26.69 -17.84
CA TYR C 482 1.25 26.70 -19.04
C TYR C 482 2.72 26.82 -18.68
N THR C 483 3.58 26.48 -19.65
CA THR C 483 5.01 26.73 -19.48
C THR C 483 5.43 27.59 -20.60
N GLU C 484 6.30 28.53 -20.29
CA GLU C 484 6.89 29.41 -21.31
C GLU C 484 7.76 28.63 -22.28
N PRO C 485 7.68 28.93 -23.57
CA PRO C 485 8.62 28.39 -24.54
C PRO C 485 10.00 28.87 -24.30
N GLN C 486 10.94 27.96 -24.12
CA GLN C 486 12.35 28.30 -23.88
C GLN C 486 13.13 27.38 -24.80
N GLU C 487 14.17 27.94 -25.43
CA GLU C 487 14.87 27.22 -26.45
C GLU C 487 15.60 26.01 -25.88
N ALA C 488 16.11 26.12 -24.67
CA ALA C 488 16.82 25.02 -24.01
C ALA C 488 15.86 23.82 -23.60
N ASN C 489 14.55 23.98 -23.56
CA ASN C 489 13.64 22.85 -23.30
C ASN C 489 13.42 22.09 -24.64
N GLU C 490 13.87 20.84 -24.65
CA GLU C 490 13.94 20.14 -25.90
C GLU C 490 13.56 18.72 -25.85
N LEU C 491 13.18 18.24 -27.02
CA LEU C 491 12.96 16.85 -27.36
C LEU C 491 13.99 16.53 -28.37
N VAL C 492 14.85 15.56 -28.05
CA VAL C 492 15.88 15.10 -28.93
C VAL C 492 15.73 13.59 -29.17
N PHE C 493 16.42 13.14 -30.15
CA PHE C 493 16.31 11.74 -30.61
C PHE C 493 17.64 11.04 -30.64
N GLN C 494 17.64 9.86 -30.05
CA GLN C 494 18.93 9.17 -29.88
C GLN C 494 19.40 8.44 -31.15
N GLN C 495 20.68 8.51 -31.44
CA GLN C 495 21.23 7.80 -32.60
C GLN C 495 21.39 6.30 -32.35
N HIS C 496 21.56 5.84 -31.10
CA HIS C 496 21.94 4.42 -30.86
C HIS C 496 20.93 3.73 -29.97
N TYR C 497 19.86 4.37 -29.64
CA TYR C 497 18.78 3.74 -28.86
C TYR C 497 17.54 3.87 -29.70
N ARG C 498 16.71 2.83 -29.70
CA ARG C 498 15.44 2.91 -30.48
C ARG C 498 14.25 2.50 -29.68
N ASP C 499 13.06 2.96 -30.06
CA ASP C 499 11.81 2.53 -29.41
C ASP C 499 11.37 1.18 -30.00
N ALA C 500 10.22 0.64 -29.57
CA ALA C 500 9.81 -0.71 -29.91
C ALA C 500 9.41 -0.81 -31.38
N TYR C 501 9.21 0.34 -32.02
CA TYR C 501 8.95 0.34 -33.46
C TYR C 501 10.17 0.69 -34.33
N ASP C 502 11.34 0.60 -33.74
CA ASP C 502 12.59 0.84 -34.42
C ASP C 502 12.83 2.25 -34.86
N MET C 503 12.18 3.21 -34.22
CA MET C 503 12.37 4.59 -34.52
C MET C 503 13.29 5.19 -33.38
N PRO C 504 13.94 6.29 -33.67
CA PRO C 504 14.93 6.84 -32.68
C PRO C 504 14.27 7.13 -31.41
N GLN C 505 14.92 6.72 -30.32
CA GLN C 505 14.32 6.88 -28.97
C GLN C 505 14.24 8.38 -28.58
N PRO C 506 13.05 8.86 -28.18
CA PRO C 506 12.89 10.24 -27.71
C PRO C 506 13.49 10.43 -26.32
N THR C 507 14.16 11.58 -26.09
CA THR C 507 14.68 11.95 -24.81
C THR C 507 14.22 13.36 -24.57
N PHE C 508 13.77 13.62 -23.36
CA PHE C 508 13.32 14.92 -22.96
C PHE C 508 14.32 15.61 -22.11
N LYS C 509 14.46 16.91 -22.32
CA LYS C 509 15.22 17.79 -21.43
C LYS C 509 14.36 19.02 -21.11
N PHE C 510 13.57 18.93 -20.06
CA PHE C 510 12.53 19.85 -19.78
C PHE C 510 12.71 20.36 -18.36
N THR C 511 12.80 21.67 -18.23
CA THR C 511 12.79 22.26 -16.90
C THR C 511 11.94 23.55 -16.99
N MET C 512 11.01 23.69 -16.11
CA MET C 512 10.20 24.87 -16.02
C MET C 512 10.92 26.08 -15.54
N SER C 513 10.41 27.22 -15.95
CA SER C 513 11.03 28.50 -15.51
C SER C 513 10.61 28.91 -14.13
N GLN C 514 11.26 29.92 -13.60
CA GLN C 514 10.82 30.44 -12.29
C GLN C 514 9.38 30.99 -12.30
N ASP C 515 9.00 31.72 -13.37
CA ASP C 515 7.64 32.14 -13.50
C ASP C 515 6.64 31.04 -13.67
N ASP C 516 6.97 29.97 -14.39
CA ASP C 516 6.14 28.81 -14.50
C ASP C 516 5.84 28.17 -13.12
N ARG C 517 6.89 28.09 -12.29
CA ARG C 517 6.76 27.52 -10.98
C ARG C 517 5.87 28.41 -10.10
N ALA C 518 6.08 29.70 -10.15
CA ALA C 518 5.30 30.66 -9.35
C ALA C 518 3.82 30.54 -9.74
N ARG C 519 3.54 30.46 -11.03
CA ARG C 519 2.12 30.28 -11.47
C ARG C 519 1.56 28.93 -10.99
N ALA C 520 2.43 27.92 -11.01
CA ALA C 520 1.97 26.55 -10.63
C ALA C 520 1.56 26.55 -9.12
N ARG C 521 2.29 27.28 -8.29
CA ARG C 521 1.88 27.39 -6.87
C ARG C 521 0.55 28.11 -6.69
N ARG C 522 0.40 29.24 -7.41
CA ARG C 522 -0.84 29.93 -7.39
C ARG C 522 -2.03 29.08 -7.87
N MET C 523 -1.79 28.25 -8.86
CA MET C 523 -2.76 27.35 -9.39
C MET C 523 -3.22 26.33 -8.40
N MET C 524 -2.29 25.75 -7.71
CA MET C 524 -2.61 24.82 -6.62
C MET C 524 -3.41 25.48 -5.53
N ASP C 525 -2.97 26.69 -5.11
CA ASP C 525 -3.79 27.43 -4.20
C ASP C 525 -5.23 27.68 -4.63
N ASP C 526 -5.36 28.00 -5.90
CA ASP C 526 -6.66 28.28 -6.52
C ASP C 526 -7.53 27.06 -6.52
N MET C 527 -6.93 25.91 -6.84
CA MET C 527 -7.70 24.64 -6.83
C MET C 527 -8.23 24.33 -5.44
N CYS C 528 -7.40 24.51 -4.43
CA CYS C 528 -7.84 24.22 -3.09
C CYS C 528 -8.97 25.16 -2.67
N ASN C 529 -8.84 26.45 -2.97
CA ASN C 529 -9.89 27.46 -2.72
C ASN C 529 -11.24 27.14 -3.39
N ILE C 530 -11.17 26.78 -4.64
CA ILE C 530 -12.37 26.53 -5.46
C ILE C 530 -13.06 25.27 -5.03
N ALA C 531 -12.30 24.19 -4.91
CA ALA C 531 -12.89 22.84 -4.60
C ALA C 531 -13.61 22.86 -3.23
N LEU C 532 -13.01 23.55 -2.27
CA LEU C 532 -13.58 23.58 -0.92
C LEU C 532 -14.85 24.45 -0.74
N LYS C 533 -15.21 25.15 -1.80
CA LYS C 533 -16.50 25.91 -1.76
C LYS C 533 -17.68 25.00 -1.78
N ILE C 534 -17.60 23.83 -2.43
CA ILE C 534 -18.83 22.98 -2.60
C ILE C 534 -18.69 21.58 -2.02
N GLY C 535 -17.48 21.25 -1.58
CA GLY C 535 -17.23 19.94 -1.13
C GLY C 535 -15.95 19.82 -0.36
N GLY C 536 -15.71 18.60 0.13
CA GLY C 536 -14.54 18.32 0.91
C GLY C 536 -13.73 17.17 0.29
N TYR C 537 -12.41 17.20 0.44
CA TYR C 537 -11.55 16.29 -0.35
C TYR C 537 -11.88 14.84 -0.07
N LEU C 538 -12.00 14.06 -1.11
CA LEU C 538 -12.20 12.65 -0.98
C LEU C 538 -10.89 11.94 -0.54
N PRO C 539 -10.90 11.18 0.50
CA PRO C 539 -9.71 10.52 0.90
C PRO C 539 -9.06 9.74 -0.28
N GLY C 540 -7.75 9.94 -0.43
CA GLY C 540 -6.98 9.43 -1.56
C GLY C 540 -6.88 10.30 -2.75
N SER C 541 -7.69 11.34 -2.82
CA SER C 541 -7.69 12.28 -3.95
C SER C 541 -7.59 13.74 -3.46
N GLU C 542 -6.73 13.87 -2.46
CA GLU C 542 -6.45 15.21 -1.93
C GLU C 542 -5.56 15.94 -2.95
N PRO C 543 -5.50 17.26 -2.85
CA PRO C 543 -4.74 18.10 -3.81
C PRO C 543 -3.34 17.66 -4.04
N GLN C 544 -2.99 17.49 -5.31
CA GLN C 544 -1.68 16.93 -5.66
C GLN C 544 -1.33 17.34 -7.03
N PHE C 545 -0.05 17.49 -7.27
CA PHE C 545 0.50 17.59 -8.61
C PHE C 545 0.55 16.22 -9.26
N MET C 546 0.37 16.20 -10.55
CA MET C 546 0.51 14.92 -11.32
C MET C 546 1.91 14.82 -11.96
N THR C 547 2.28 13.65 -12.43
CA THR C 547 3.59 13.42 -13.05
C THR C 547 3.68 14.31 -14.32
N PRO C 548 4.78 14.99 -14.53
CA PRO C 548 4.92 15.80 -15.72
C PRO C 548 4.71 14.99 -16.99
N GLY C 549 3.96 15.57 -17.92
CA GLY C 549 3.66 14.85 -19.13
C GLY C 549 2.28 14.19 -19.13
N LEU C 550 1.65 14.04 -17.97
CA LEU C 550 0.39 13.31 -17.92
C LEU C 550 -0.75 14.04 -18.67
N ALA C 551 -0.65 15.32 -18.88
CA ALA C 551 -1.65 16.10 -19.66
C ALA C 551 -1.70 15.68 -21.11
N LEU C 552 -0.59 15.20 -21.62
CA LEU C 552 -0.38 14.79 -23.01
C LEU C 552 -0.54 15.98 -23.98
N HIS C 553 -0.31 17.14 -23.46
CA HIS C 553 -0.51 18.36 -24.25
C HIS C 553 0.81 18.92 -24.73
N LEU C 554 1.82 18.10 -24.76
CA LEU C 554 3.13 18.45 -25.31
C LEU C 554 2.89 19.26 -26.63
N ALA C 555 3.60 20.40 -26.75
CA ALA C 555 3.51 21.27 -27.90
C ALA C 555 4.86 21.84 -28.23
N GLY C 556 4.91 22.46 -29.37
CA GLY C 556 6.13 23.14 -29.78
C GLY C 556 7.27 22.31 -30.32
N THR C 557 7.03 21.05 -30.60
CA THR C 557 8.03 20.22 -31.13
C THR C 557 8.33 20.44 -32.64
N THR C 558 7.39 21.06 -33.37
CA THR C 558 7.60 21.40 -34.76
C THR C 558 6.90 22.76 -34.92
N ARG C 559 7.37 23.75 -34.16
CA ARG C 559 6.61 24.93 -33.95
C ARG C 559 6.49 25.78 -35.20
N CYS C 560 5.31 26.35 -35.38
CA CYS C 560 4.97 27.06 -36.59
C CYS C 560 4.63 28.49 -36.29
N GLY C 561 5.13 29.43 -37.13
CA GLY C 561 4.84 30.82 -36.73
C GLY C 561 5.49 31.79 -37.70
N LEU C 562 5.39 33.07 -37.34
CA LEU C 562 5.90 34.16 -38.17
C LEU C 562 7.41 34.35 -38.01
N ASP C 563 7.96 33.99 -36.87
CA ASP C 563 9.43 34.19 -36.68
C ASP C 563 10.23 33.05 -37.27
N THR C 564 10.62 33.19 -38.52
CA THR C 564 11.24 32.05 -39.25
C THR C 564 12.43 31.44 -38.54
N GLN C 565 13.28 32.28 -37.96
CA GLN C 565 14.53 31.75 -37.39
C GLN C 565 14.25 30.84 -36.16
N LYS C 566 13.12 31.02 -35.47
CA LYS C 566 12.86 30.30 -34.24
C LYS C 566 11.74 29.25 -34.43
N THR C 567 11.33 29.03 -35.68
CA THR C 567 10.22 28.08 -35.99
C THR C 567 10.72 27.01 -36.92
N VAL C 568 9.98 25.92 -36.93
CA VAL C 568 10.17 24.85 -37.90
C VAL C 568 9.39 25.15 -39.19
N GLY C 569 8.21 25.73 -39.03
CA GLY C 569 7.39 26.04 -40.21
C GLY C 569 6.76 27.41 -40.14
N ASN C 570 6.14 27.81 -41.27
CA ASN C 570 5.52 29.08 -41.30
C ASN C 570 4.08 29.02 -40.78
N THR C 571 3.31 30.09 -40.95
CA THR C 571 1.93 30.04 -40.38
C THR C 571 0.92 29.13 -41.15
N HIS C 572 1.33 28.65 -42.30
CA HIS C 572 0.61 27.60 -43.05
C HIS C 572 1.18 26.20 -42.78
N CYS C 573 2.05 26.12 -41.77
CA CYS C 573 2.65 24.88 -41.36
C CYS C 573 3.55 24.23 -42.42
N LYS C 574 4.00 25.01 -43.37
CA LYS C 574 4.92 24.50 -44.35
C LYS C 574 6.33 24.57 -43.73
N VAL C 575 7.05 23.48 -43.75
CA VAL C 575 8.40 23.43 -43.19
C VAL C 575 9.37 24.34 -44.00
N HIS C 576 10.13 25.19 -43.29
CA HIS C 576 11.01 26.14 -43.99
C HIS C 576 12.00 25.45 -44.90
N ASN C 577 12.15 26.04 -46.09
CA ASN C 577 13.03 25.52 -47.14
C ASN C 577 12.51 24.28 -47.89
N PHE C 578 11.32 23.81 -47.56
CA PHE C 578 10.76 22.69 -48.27
C PHE C 578 9.47 23.13 -48.96
N ASN C 579 9.42 22.99 -50.27
CA ASN C 579 8.27 23.49 -50.94
C ASN C 579 7.03 22.55 -50.79
N ASN C 580 7.19 21.33 -50.29
CA ASN C 580 6.10 20.32 -50.33
C ASN C 580 5.93 19.53 -49.05
N LEU C 581 6.36 20.12 -47.94
CA LEU C 581 6.40 19.43 -46.63
C LEU C 581 5.70 20.25 -45.63
N TYR C 582 4.68 19.60 -45.00
CA TYR C 582 3.87 20.26 -43.98
C TYR C 582 3.82 19.38 -42.71
N VAL C 583 3.61 20.05 -41.58
CA VAL C 583 3.45 19.45 -40.29
C VAL C 583 2.10 19.72 -39.72
N GLY C 584 1.66 18.84 -38.83
CA GLY C 584 0.42 19.03 -38.11
C GLY C 584 0.47 18.48 -36.67
N GLY C 585 -0.47 18.96 -35.84
CA GLY C 585 -0.67 18.48 -34.47
C GLY C 585 -0.30 19.55 -33.50
N ASN C 586 -0.34 19.18 -32.24
CA ASN C 586 -0.05 20.08 -31.16
C ASN C 586 1.37 20.56 -31.21
N GLY C 587 2.24 19.81 -31.86
CA GLY C 587 3.62 20.28 -32.04
C GLY C 587 3.81 21.55 -32.82
N VAL C 588 2.79 22.00 -33.58
CA VAL C 588 2.90 23.21 -34.37
C VAL C 588 2.66 24.47 -33.52
N ILE C 589 2.03 24.31 -32.37
CA ILE C 589 1.64 25.46 -31.51
C ILE C 589 2.90 25.97 -30.80
N GLU C 590 3.16 27.23 -30.99
CA GLU C 590 4.38 27.87 -30.54
C GLU C 590 4.31 28.62 -29.23
N THR C 591 3.13 28.75 -28.65
CA THR C 591 2.92 29.53 -27.46
C THR C 591 2.92 28.62 -26.25
N GLY C 592 2.97 29.24 -25.09
CA GLY C 592 2.69 28.45 -23.89
C GLY C 592 1.20 28.65 -23.58
N PHE C 593 0.48 27.57 -23.58
CA PHE C 593 -0.96 27.57 -23.36
C PHE C 593 -1.30 26.52 -22.30
N ALA C 594 -2.45 26.77 -21.69
CA ALA C 594 -3.03 25.98 -20.62
C ALA C 594 -4.21 25.13 -21.03
N ALA C 595 -4.98 25.61 -21.98
CA ALA C 595 -6.20 24.96 -22.43
C ALA C 595 -5.93 23.75 -23.32
N ASN C 596 -6.95 22.92 -23.54
CA ASN C 596 -6.80 21.70 -24.35
C ASN C 596 -6.53 22.10 -25.84
N PRO C 597 -5.50 21.53 -26.49
CA PRO C 597 -5.04 22.08 -27.76
C PRO C 597 -5.70 21.60 -29.04
N THR C 598 -6.44 20.49 -28.93
CA THR C 598 -6.90 19.80 -30.17
C THR C 598 -7.64 20.73 -31.17
N LEU C 599 -8.56 21.55 -30.64
CA LEU C 599 -9.34 22.44 -31.51
C LEU C 599 -8.43 23.45 -32.25
N THR C 600 -7.43 23.99 -31.54
CA THR C 600 -6.46 24.90 -32.18
C THR C 600 -5.57 24.20 -33.19
N SER C 601 -5.20 22.95 -32.89
CA SER C 601 -4.43 22.21 -33.84
C SER C 601 -5.20 21.91 -35.12
N ILE C 602 -6.49 21.61 -34.96
CA ILE C 602 -7.39 21.51 -36.15
C ILE C 602 -7.44 22.76 -36.97
N CYS C 603 -7.51 23.97 -36.36
CA CYS C 603 -7.44 25.24 -37.08
C CYS C 603 -6.17 25.27 -37.95
N TYR C 604 -5.02 24.87 -37.39
CA TYR C 604 -3.80 24.81 -38.20
C TYR C 604 -3.78 23.82 -39.29
N ALA C 605 -4.47 22.71 -39.10
CA ALA C 605 -4.66 21.74 -40.18
C ALA C 605 -5.49 22.22 -41.35
N ILE C 606 -6.49 22.97 -41.00
CA ILE C 606 -7.37 23.65 -42.01
C ILE C 606 -6.53 24.65 -42.82
N ARG C 607 -5.82 25.51 -42.12
CA ARG C 607 -4.95 26.47 -42.74
C ARG C 607 -3.93 25.81 -43.66
N ALA C 608 -3.25 24.77 -43.19
CA ALA C 608 -2.28 24.07 -43.98
C ALA C 608 -2.93 23.37 -45.16
N SER C 609 -4.06 22.70 -44.94
CA SER C 609 -4.77 22.03 -46.06
C SER C 609 -5.05 23.03 -47.21
N ASN C 610 -5.55 24.19 -46.83
CA ASN C 610 -5.93 25.23 -47.80
C ASN C 610 -4.69 25.72 -48.57
N ASP C 611 -3.52 25.74 -47.92
CA ASP C 611 -2.32 26.05 -48.59
C ASP C 611 -1.95 24.92 -49.60
N ILE C 612 -2.11 23.67 -49.18
CA ILE C 612 -1.76 22.56 -50.03
C ILE C 612 -2.75 22.54 -51.22
N ILE C 613 -4.00 22.90 -50.95
CA ILE C 613 -5.05 22.86 -52.04
C ILE C 613 -4.77 24.02 -53.04
N ALA C 614 -4.43 25.20 -52.54
CA ALA C 614 -4.02 26.34 -53.39
C ALA C 614 -2.79 26.05 -54.27
N LYS C 615 -1.80 25.30 -53.77
CA LYS C 615 -0.54 25.09 -54.45
C LYS C 615 -0.51 23.87 -55.31
N PHE C 616 -1.12 22.79 -54.87
CA PHE C 616 -0.99 21.49 -55.55
C PHE C 616 -2.35 21.02 -56.12
N GLY C 617 -3.41 21.83 -55.91
CA GLY C 617 -4.80 21.47 -56.35
C GLY C 617 -5.05 21.69 -57.86
N PRO D 13 -38.88 -17.71 -41.11
CA PRO D 13 -38.00 -17.91 -39.98
C PRO D 13 -36.63 -18.43 -40.39
N TYR D 14 -35.64 -18.05 -39.62
CA TYR D 14 -34.30 -18.63 -39.70
C TYR D 14 -34.35 -20.10 -39.36
N ASP D 15 -33.35 -20.82 -39.79
CA ASP D 15 -33.26 -22.22 -39.31
C ASP D 15 -32.77 -22.27 -37.86
N VAL D 16 -31.83 -21.38 -37.49
CA VAL D 16 -31.25 -21.39 -36.15
C VAL D 16 -31.10 -19.97 -35.70
N PHE D 17 -31.50 -19.71 -34.48
CA PHE D 17 -31.24 -18.43 -33.80
C PHE D 17 -30.22 -18.79 -32.74
N ILE D 18 -29.21 -17.94 -32.59
CA ILE D 18 -28.15 -18.12 -31.56
C ILE D 18 -28.02 -16.85 -30.75
N ALA D 19 -28.15 -16.97 -29.44
CA ALA D 19 -27.81 -15.85 -28.53
C ALA D 19 -26.36 -16.06 -28.09
N GLY D 20 -25.52 -15.06 -28.39
CA GLY D 20 -24.16 -15.03 -27.96
C GLY D 20 -23.17 -15.35 -29.11
N SER D 21 -22.09 -14.57 -29.16
CA SER D 21 -21.11 -14.67 -30.27
C SER D 21 -19.69 -14.92 -29.73
N GLY D 22 -19.62 -15.61 -28.63
CA GLY D 22 -18.39 -16.24 -28.16
C GLY D 22 -18.02 -17.42 -29.06
N PRO D 23 -16.91 -18.08 -28.71
CA PRO D 23 -16.42 -19.19 -29.53
C PRO D 23 -17.41 -20.33 -29.64
N ILE D 24 -18.20 -20.49 -28.58
CA ILE D 24 -19.24 -21.58 -28.66
C ILE D 24 -20.38 -21.20 -29.59
N GLY D 25 -21.01 -20.04 -29.42
CA GLY D 25 -21.97 -19.54 -30.39
C GLY D 25 -21.47 -19.57 -31.80
N ALA D 26 -20.24 -19.13 -31.98
CA ALA D 26 -19.63 -19.11 -33.31
C ALA D 26 -19.48 -20.54 -33.91
N THR D 27 -19.17 -21.53 -33.09
CA THR D 27 -19.05 -22.91 -33.53
C THR D 27 -20.40 -23.36 -34.08
N PHE D 28 -21.47 -23.10 -33.33
CA PHE D 28 -22.84 -23.38 -33.82
C PHE D 28 -23.06 -22.70 -35.15
N ALA D 29 -22.73 -21.41 -35.24
CA ALA D 29 -23.02 -20.71 -36.47
C ALA D 29 -22.27 -21.30 -37.63
N LYS D 30 -20.98 -21.56 -37.42
CA LYS D 30 -20.13 -22.10 -38.47
C LYS D 30 -20.65 -23.45 -38.98
N LEU D 31 -20.90 -24.35 -38.03
CA LEU D 31 -21.31 -25.67 -38.42
C LEU D 31 -22.67 -25.64 -39.09
N CYS D 32 -23.58 -24.85 -38.54
CA CYS D 32 -24.92 -24.79 -39.17
C CYS D 32 -24.95 -24.12 -40.52
N VAL D 33 -24.21 -22.99 -40.68
CA VAL D 33 -24.07 -22.40 -42.03
C VAL D 33 -23.42 -23.31 -43.06
N ASP D 34 -22.42 -24.04 -42.62
CA ASP D 34 -21.75 -25.01 -43.49
C ASP D 34 -22.67 -26.14 -43.93
N ALA D 35 -23.68 -26.46 -43.10
CA ALA D 35 -24.77 -27.39 -43.42
C ALA D 35 -25.97 -26.77 -44.20
N ASN D 36 -25.77 -25.58 -44.74
CA ASN D 36 -26.73 -24.83 -45.50
C ASN D 36 -27.89 -24.37 -44.72
N LEU D 37 -27.73 -24.17 -43.41
CA LEU D 37 -28.79 -23.58 -42.64
C LEU D 37 -28.63 -22.05 -42.56
N ARG D 38 -29.76 -21.38 -42.39
CA ARG D 38 -29.80 -19.93 -42.25
C ARG D 38 -29.81 -19.59 -40.78
N VAL D 39 -28.83 -18.78 -40.38
CA VAL D 39 -28.56 -18.57 -38.96
C VAL D 39 -28.65 -17.03 -38.64
N CYS D 40 -29.32 -16.69 -37.57
CA CYS D 40 -29.31 -15.35 -37.04
C CYS D 40 -28.71 -15.41 -35.66
N MET D 41 -27.66 -14.65 -35.44
CA MET D 41 -26.93 -14.56 -34.18
C MET D 41 -27.07 -13.19 -33.60
N VAL D 42 -27.40 -13.12 -32.31
CA VAL D 42 -27.48 -11.80 -31.64
C VAL D 42 -26.40 -11.76 -30.58
N GLU D 43 -25.74 -10.61 -30.43
CA GLU D 43 -24.71 -10.37 -29.45
C GLU D 43 -25.01 -9.02 -28.76
N ILE D 44 -25.09 -9.11 -27.45
CA ILE D 44 -25.47 -7.98 -26.61
C ILE D 44 -24.46 -6.88 -26.61
N GLY D 45 -23.21 -7.24 -26.76
CA GLY D 45 -22.13 -6.24 -26.82
C GLY D 45 -21.84 -5.74 -28.22
N ALA D 46 -20.77 -4.98 -28.29
CA ALA D 46 -20.35 -4.37 -29.57
C ALA D 46 -19.29 -5.25 -30.27
N ALA D 47 -19.17 -5.06 -31.56
CA ALA D 47 -17.96 -5.52 -32.29
C ALA D 47 -16.83 -4.54 -31.98
N ASP D 48 -15.80 -5.00 -31.25
CA ASP D 48 -14.79 -4.07 -30.83
C ASP D 48 -13.35 -4.60 -31.04
N SER D 49 -13.18 -5.70 -31.76
CA SER D 49 -11.82 -6.10 -32.14
C SER D 49 -11.91 -6.76 -33.55
N PHE D 50 -11.08 -6.42 -34.51
CA PHE D 50 -11.25 -6.83 -35.91
C PHE D 50 -9.95 -7.24 -36.52
N THR D 51 -10.03 -8.17 -37.48
CA THR D 51 -8.98 -8.35 -38.43
C THR D 51 -9.63 -8.13 -39.81
N SER D 52 -8.90 -8.36 -40.85
CA SER D 52 -9.46 -8.17 -42.18
C SER D 52 -8.96 -9.28 -43.05
N LYS D 53 -9.77 -9.80 -43.97
CA LYS D 53 -9.34 -10.86 -44.85
C LYS D 53 -9.96 -10.62 -46.21
N PRO D 54 -9.33 -11.16 -47.23
CA PRO D 54 -9.86 -10.88 -48.56
C PRO D 54 -11.18 -11.62 -48.73
N MET D 55 -12.09 -10.97 -49.43
CA MET D 55 -13.35 -11.57 -49.82
C MET D 55 -13.02 -12.65 -50.87
N LYS D 56 -13.58 -13.83 -50.75
CA LYS D 56 -13.38 -14.87 -51.78
C LYS D 56 -13.91 -14.40 -53.18
N VAL D 65 -5.38 -4.43 -49.57
CA VAL D 65 -4.85 -3.87 -48.26
C VAL D 65 -5.87 -4.03 -47.12
N GLN D 66 -5.41 -4.38 -45.91
CA GLN D 66 -6.32 -4.50 -44.76
C GLN D 66 -7.31 -3.38 -44.65
N PHE D 67 -8.54 -3.78 -44.41
CA PHE D 67 -9.71 -2.87 -44.36
C PHE D 67 -9.87 -1.93 -45.57
N GLY D 68 -9.16 -2.17 -46.65
CA GLY D 68 -9.38 -1.52 -47.94
C GLY D 68 -10.25 -2.40 -48.89
N PRO D 69 -9.93 -2.41 -50.20
CA PRO D 69 -10.81 -2.89 -51.29
C PRO D 69 -10.79 -4.40 -51.62
N GLY D 70 -11.94 -5.04 -51.58
CA GLY D 70 -11.96 -6.46 -51.62
C GLY D 70 -11.58 -7.13 -50.30
N GLN D 71 -11.38 -6.38 -49.24
CA GLN D 71 -11.23 -7.04 -47.94
C GLN D 71 -12.50 -6.90 -47.12
N VAL D 72 -12.70 -7.77 -46.13
CA VAL D 72 -13.92 -7.73 -45.29
C VAL D 72 -13.40 -7.75 -43.87
N PRO D 73 -13.89 -6.85 -43.04
CA PRO D 73 -13.51 -6.90 -41.65
C PRO D 73 -14.17 -8.10 -40.94
N ILE D 74 -13.43 -8.74 -40.04
CA ILE D 74 -13.92 -9.92 -39.35
C ILE D 74 -13.83 -9.58 -37.83
N PRO D 75 -14.97 -9.49 -37.15
CA PRO D 75 -14.94 -9.23 -35.69
C PRO D 75 -14.61 -10.43 -34.87
N GLY D 76 -14.43 -10.19 -33.58
CA GLY D 76 -14.02 -11.27 -32.66
C GLY D 76 -12.57 -11.67 -32.72
N TYR D 77 -11.69 -10.78 -33.14
CA TYR D 77 -10.27 -11.02 -33.26
C TYR D 77 -9.58 -10.86 -31.91
N HIS D 78 -8.57 -11.66 -31.62
CA HIS D 78 -7.91 -11.55 -30.35
C HIS D 78 -7.21 -10.22 -30.20
N LYS D 79 -7.51 -9.54 -29.13
CA LYS D 79 -6.91 -8.24 -28.85
C LYS D 79 -5.45 -8.24 -28.63
N LYS D 80 -4.88 -9.37 -28.21
CA LYS D 80 -3.44 -9.46 -27.98
C LYS D 80 -2.66 -9.56 -29.33
N ASN D 81 -3.40 -9.75 -30.45
CA ASN D 81 -2.77 -9.80 -31.77
C ASN D 81 -2.34 -8.45 -32.30
N GLU D 82 -2.83 -7.36 -31.73
CA GLU D 82 -2.38 -6.02 -32.17
C GLU D 82 -0.91 -5.92 -31.82
N ILE D 83 -0.13 -5.38 -32.73
CA ILE D 83 1.30 -5.31 -32.64
C ILE D 83 1.73 -4.60 -31.30
N GLU D 84 0.99 -3.59 -30.93
CA GLU D 84 1.29 -2.74 -29.74
C GLU D 84 1.46 -3.76 -28.55
N TYR D 85 0.58 -4.77 -28.44
CA TYR D 85 0.61 -5.71 -27.34
C TYR D 85 1.61 -6.84 -27.55
N GLN D 86 2.00 -7.13 -28.79
CA GLN D 86 3.03 -8.12 -28.93
C GLN D 86 4.33 -7.45 -28.52
N LYS D 87 4.44 -6.13 -28.76
CA LYS D 87 5.64 -5.41 -28.37
C LYS D 87 5.68 -5.02 -26.87
N ASP D 88 4.54 -4.81 -26.23
CA ASP D 88 4.48 -4.33 -24.81
C ASP D 88 3.45 -5.23 -24.09
N ILE D 89 3.84 -6.46 -23.78
CA ILE D 89 2.90 -7.48 -23.36
C ILE D 89 2.23 -7.07 -22.01
N ASP D 90 3.00 -6.41 -21.19
CA ASP D 90 2.48 -6.10 -19.81
C ASP D 90 1.36 -5.11 -19.83
N ARG D 91 1.25 -4.35 -20.91
CA ARG D 91 0.16 -3.41 -21.02
C ARG D 91 -1.20 -4.13 -21.24
N PHE D 92 -1.21 -5.41 -21.67
CA PHE D 92 -2.45 -6.06 -22.03
C PHE D 92 -3.26 -6.41 -20.79
N VAL D 93 -2.65 -6.31 -19.62
CA VAL D 93 -3.45 -6.53 -18.39
C VAL D 93 -4.59 -5.53 -18.32
N ASN D 94 -4.36 -4.31 -18.82
CA ASN D 94 -5.38 -3.30 -18.84
C ASN D 94 -6.56 -3.63 -19.73
N VAL D 95 -6.27 -4.31 -20.83
CA VAL D 95 -7.30 -4.73 -21.79
C VAL D 95 -8.15 -5.75 -21.09
N ILE D 96 -7.57 -6.71 -20.37
CA ILE D 96 -8.34 -7.68 -19.74
C ILE D 96 -9.22 -7.04 -18.68
N LYS D 97 -8.61 -6.23 -17.87
CA LYS D 97 -9.39 -5.55 -16.86
C LYS D 97 -10.53 -4.75 -17.45
N GLY D 98 -10.29 -4.04 -18.54
CA GLY D 98 -11.33 -3.27 -19.18
C GLY D 98 -12.48 -4.12 -19.72
N ALA D 99 -12.21 -5.41 -19.98
CA ALA D 99 -13.15 -6.29 -20.68
C ALA D 99 -14.08 -7.02 -19.65
N LEU D 100 -13.72 -7.03 -18.38
CA LEU D 100 -14.37 -7.91 -17.39
C LEU D 100 -15.36 -7.14 -16.56
N SER D 101 -16.60 -7.63 -16.49
CA SER D 101 -17.63 -6.98 -15.72
C SER D 101 -18.05 -7.94 -14.59
N THR D 102 -17.80 -7.57 -13.33
CA THR D 102 -17.99 -8.49 -12.18
C THR D 102 -19.49 -8.84 -12.00
N CYS D 103 -19.83 -10.10 -11.77
CA CYS D 103 -21.22 -10.51 -11.76
C CYS D 103 -22.05 -10.06 -10.56
N SER D 104 -21.48 -10.22 -9.37
CA SER D 104 -22.22 -10.01 -8.13
C SER D 104 -21.32 -9.35 -7.10
N ILE D 105 -21.61 -8.11 -6.77
CA ILE D 105 -20.83 -7.32 -5.84
C ILE D 105 -21.74 -7.03 -4.64
N PRO D 106 -21.39 -7.55 -3.45
CA PRO D 106 -22.32 -7.36 -2.32
C PRO D 106 -22.31 -5.93 -1.87
N THR D 107 -23.37 -5.55 -1.18
CA THR D 107 -23.45 -4.23 -0.62
C THR D 107 -22.52 -4.18 0.57
N SER D 108 -22.18 -2.96 1.05
CA SER D 108 -21.43 -2.80 2.26
C SER D 108 -21.80 -1.41 2.80
N ASN D 109 -21.53 -1.22 4.06
CA ASN D 109 -21.78 0.08 4.65
C ASN D 109 -20.66 0.50 5.54
N ASN D 110 -19.46 0.63 4.98
CA ASN D 110 -18.26 0.88 5.75
C ASN D 110 -18.20 2.35 6.11
N HIS D 111 -17.79 2.62 7.33
CA HIS D 111 -17.60 4.01 7.78
C HIS D 111 -16.28 4.53 7.26
N ILE D 112 -16.26 5.73 6.66
CA ILE D 112 -15.00 6.36 6.23
C ILE D 112 -14.74 7.43 7.28
N ALA D 113 -13.81 7.16 8.18
CA ALA D 113 -13.70 8.00 9.39
C ALA D 113 -13.09 9.37 9.00
N THR D 114 -12.36 9.48 7.86
CA THR D 114 -11.68 10.73 7.56
C THR D 114 -12.34 11.59 6.51
N LEU D 115 -13.62 11.39 6.26
CA LEU D 115 -14.33 12.27 5.40
C LEU D 115 -14.39 13.69 6.09
N ASP D 116 -14.41 14.70 5.26
CA ASP D 116 -14.61 16.09 5.71
C ASP D 116 -16.01 16.03 6.36
N PRO D 117 -16.11 16.58 7.53
CA PRO D 117 -17.38 16.48 8.26
C PRO D 117 -18.61 17.18 7.62
N SER D 118 -18.45 18.04 6.64
CA SER D 118 -19.56 18.65 5.96
C SER D 118 -20.14 17.88 4.74
N VAL D 119 -19.52 16.81 4.36
CA VAL D 119 -19.92 16.11 3.14
C VAL D 119 -20.98 15.05 3.29
N VAL D 120 -21.61 14.69 2.17
CA VAL D 120 -22.55 13.61 2.10
C VAL D 120 -21.90 12.37 2.65
N SER D 121 -22.59 11.70 3.58
CA SER D 121 -22.07 10.47 4.16
C SER D 121 -23.14 9.41 4.37
N ASN D 122 -22.72 8.16 4.35
CA ASN D 122 -23.59 7.05 4.83
C ASN D 122 -23.67 7.08 6.34
N SER D 123 -24.63 6.40 6.90
CA SER D 123 -24.74 6.23 8.35
C SER D 123 -25.22 4.85 8.64
N LEU D 124 -25.30 4.49 9.91
CA LEU D 124 -25.72 3.13 10.30
C LEU D 124 -27.12 2.90 9.83
N ASP D 125 -28.00 3.85 10.05
CA ASP D 125 -29.40 3.82 9.54
C ASP D 125 -29.70 4.12 8.10
N LYS D 126 -28.84 4.86 7.43
CA LYS D 126 -29.07 5.32 6.09
C LYS D 126 -27.78 5.02 5.30
N PRO D 127 -27.63 3.76 4.88
CA PRO D 127 -26.58 3.39 4.00
C PRO D 127 -26.78 4.01 2.62
N PHE D 128 -25.71 4.05 1.83
CA PHE D 128 -25.89 4.38 0.42
C PHE D 128 -26.66 3.30 -0.30
N ILE D 129 -27.39 3.71 -1.33
CA ILE D 129 -28.00 2.80 -2.29
C ILE D 129 -27.25 3.08 -3.58
N SER D 130 -26.45 2.12 -4.01
CA SER D 130 -25.54 2.40 -5.06
C SER D 130 -25.76 1.50 -6.14
N LEU D 131 -25.80 2.09 -7.35
CA LEU D 131 -26.00 1.29 -8.50
C LEU D 131 -24.86 0.28 -8.57
N GLY D 132 -25.20 -0.89 -9.03
CA GLY D 132 -24.20 -1.89 -9.38
C GLY D 132 -23.88 -2.88 -8.26
N LYS D 133 -24.58 -2.79 -7.13
CA LYS D 133 -24.36 -3.72 -6.03
C LYS D 133 -25.56 -4.65 -5.93
N ASN D 134 -25.32 -5.85 -5.40
CA ASN D 134 -26.35 -6.84 -5.24
C ASN D 134 -26.70 -7.02 -3.79
N PRO D 135 -27.85 -6.45 -3.34
CA PRO D 135 -28.19 -6.55 -1.95
C PRO D 135 -28.49 -7.95 -1.49
N ALA D 136 -28.79 -8.86 -2.42
CA ALA D 136 -29.10 -10.24 -2.04
C ALA D 136 -27.84 -11.12 -1.78
N GLN D 137 -26.69 -10.66 -2.22
CA GLN D 137 -25.49 -11.52 -2.20
C GLN D 137 -24.92 -11.61 -0.81
N ASN D 138 -24.84 -12.79 -0.29
CA ASN D 138 -24.03 -13.04 0.91
C ASN D 138 -22.57 -13.15 0.54
N PRO D 139 -21.73 -12.33 1.10
CA PRO D 139 -20.29 -12.34 0.63
C PRO D 139 -19.55 -13.64 0.92
N PHE D 140 -19.99 -14.36 1.93
CA PHE D 140 -19.28 -15.56 2.35
C PHE D 140 -19.51 -16.79 1.49
N VAL D 141 -20.55 -16.74 0.62
CA VAL D 141 -20.82 -17.80 -0.34
C VAL D 141 -20.78 -17.33 -1.75
N ASN D 142 -20.12 -16.21 -1.98
CA ASN D 142 -19.98 -15.60 -3.29
C ASN D 142 -18.88 -16.21 -4.11
N LEU D 143 -18.98 -16.00 -5.43
CA LEU D 143 -17.80 -16.06 -6.36
C LEU D 143 -17.47 -14.64 -6.76
N GLY D 144 -16.77 -13.98 -5.85
CA GLY D 144 -16.68 -12.50 -5.92
C GLY D 144 -15.87 -12.00 -7.12
N ALA D 145 -15.08 -12.86 -7.79
CA ALA D 145 -14.27 -12.48 -8.95
C ALA D 145 -14.87 -13.01 -10.24
N GLU D 146 -16.00 -13.75 -10.15
CA GLU D 146 -16.70 -14.17 -11.40
C GLU D 146 -17.12 -12.94 -12.16
N ALA D 147 -16.87 -12.92 -13.45
CA ALA D 147 -17.06 -11.82 -14.31
C ALA D 147 -17.42 -12.29 -15.76
N VAL D 148 -18.00 -11.40 -16.51
CA VAL D 148 -18.40 -11.64 -17.91
C VAL D 148 -17.75 -10.60 -18.82
N THR D 149 -17.64 -10.92 -20.12
CA THR D 149 -17.22 -10.00 -21.15
C THR D 149 -18.29 -9.92 -22.23
N ARG D 150 -18.76 -8.72 -22.48
CA ARG D 150 -19.82 -8.53 -23.51
C ARG D 150 -19.19 -7.91 -24.71
N GLY D 151 -19.17 -8.62 -25.82
CA GLY D 151 -18.61 -8.11 -27.07
C GLY D 151 -18.59 -9.26 -28.06
N VAL D 152 -18.42 -8.97 -29.34
CA VAL D 152 -18.34 -10.01 -30.31
C VAL D 152 -17.09 -10.83 -30.02
N GLY D 153 -17.26 -12.16 -29.95
CA GLY D 153 -16.16 -13.07 -29.60
C GLY D 153 -16.12 -13.34 -28.09
N GLY D 154 -16.98 -12.69 -27.28
CA GLY D 154 -17.03 -13.00 -25.87
C GLY D 154 -15.63 -12.83 -25.21
N MET D 155 -15.33 -13.75 -24.32
CA MET D 155 -14.02 -13.74 -23.64
C MET D 155 -12.86 -14.20 -24.56
N SER D 156 -13.18 -14.74 -25.76
CA SER D 156 -12.11 -15.21 -26.65
C SER D 156 -11.29 -14.10 -27.17
N THR D 157 -11.71 -12.86 -27.01
CA THR D 157 -10.85 -11.71 -27.46
C THR D 157 -9.72 -11.33 -26.48
N HIS D 158 -9.70 -11.94 -25.31
CA HIS D 158 -8.58 -11.75 -24.37
C HIS D 158 -8.06 -13.03 -23.77
N TRP D 159 -8.64 -14.24 -24.01
CA TRP D 159 -8.29 -15.41 -23.21
C TRP D 159 -6.85 -15.85 -23.49
N THR D 160 -6.31 -16.67 -22.61
CA THR D 160 -4.93 -17.13 -22.74
C THR D 160 -4.80 -18.36 -23.60
N CYS D 161 -5.87 -18.80 -24.23
CA CYS D 161 -5.83 -19.80 -25.30
C CYS D 161 -5.39 -21.19 -24.89
N ALA D 162 -5.44 -21.55 -23.60
CA ALA D 162 -5.00 -22.90 -23.19
C ALA D 162 -6.12 -23.89 -23.48
N THR D 163 -5.83 -24.98 -24.17
CA THR D 163 -6.85 -25.91 -24.57
C THR D 163 -6.39 -27.34 -24.29
N PRO D 164 -6.23 -27.67 -23.01
CA PRO D 164 -6.06 -29.11 -22.70
C PRO D 164 -7.33 -29.94 -22.83
N GLU D 165 -7.17 -31.26 -22.99
CA GLU D 165 -8.34 -32.17 -22.79
C GLU D 165 -8.58 -32.40 -21.30
N PHE D 166 -9.75 -32.92 -21.01
CA PHE D 166 -10.09 -33.38 -19.69
C PHE D 166 -9.69 -34.80 -19.48
N PHE D 167 -9.29 -35.05 -18.28
CA PHE D 167 -8.88 -36.37 -17.82
C PHE D 167 -9.97 -37.44 -17.66
N ALA D 168 -9.72 -38.59 -18.28
CA ALA D 168 -10.61 -39.79 -18.21
C ALA D 168 -9.79 -40.87 -17.51
N PRO D 169 -10.19 -41.31 -16.31
CA PRO D 169 -9.44 -42.33 -15.61
C PRO D 169 -9.46 -43.68 -16.29
N ALA D 170 -8.43 -44.48 -16.08
CA ALA D 170 -8.40 -45.85 -16.62
C ALA D 170 -9.63 -46.66 -16.22
N ASP D 171 -10.07 -46.51 -15.00
CA ASP D 171 -11.32 -47.15 -14.51
C ASP D 171 -12.51 -46.25 -14.79
N PHE D 172 -13.37 -46.72 -15.68
CA PHE D 172 -14.59 -46.02 -16.02
C PHE D 172 -15.53 -45.72 -14.88
N ASN D 173 -15.49 -46.54 -13.85
CA ASN D 173 -16.31 -46.37 -12.65
C ASN D 173 -15.53 -45.74 -11.52
N ALA D 174 -14.43 -45.03 -11.83
CA ALA D 174 -13.69 -44.30 -10.80
C ALA D 174 -14.63 -43.28 -10.12
N PRO D 175 -14.45 -43.04 -8.81
CA PRO D 175 -15.33 -42.13 -8.11
C PRO D 175 -15.22 -40.68 -8.65
N HIS D 176 -14.12 -40.32 -9.30
CA HIS D 176 -14.07 -38.98 -9.93
C HIS D 176 -13.52 -39.06 -11.30
N ARG D 177 -14.02 -38.22 -12.20
CA ARG D 177 -13.46 -38.06 -13.54
C ARG D 177 -13.58 -36.60 -13.88
N GLU D 178 -12.66 -36.02 -14.66
CA GLU D 178 -12.93 -34.70 -15.24
C GLU D 178 -13.79 -34.73 -16.49
N ARG D 179 -13.55 -35.66 -17.36
CA ARG D 179 -14.26 -35.72 -18.67
C ARG D 179 -15.66 -36.34 -18.48
N PRO D 180 -16.70 -35.61 -18.82
CA PRO D 180 -18.01 -36.25 -18.60
C PRO D 180 -18.22 -37.48 -19.47
N LYS D 181 -19.17 -38.30 -19.06
CA LYS D 181 -19.55 -39.47 -19.86
C LYS D 181 -20.59 -39.04 -20.92
N LEU D 182 -20.34 -39.55 -22.12
CA LEU D 182 -21.23 -39.34 -23.20
C LEU D 182 -21.90 -40.66 -23.52
N SER D 183 -21.48 -41.77 -22.89
CA SER D 183 -22.06 -43.10 -23.09
C SER D 183 -21.83 -43.79 -21.79
N THR D 184 -22.67 -44.77 -21.49
CA THR D 184 -22.37 -45.65 -20.38
C THR D 184 -21.40 -46.80 -20.68
N ASP D 185 -20.95 -46.91 -21.92
CA ASP D 185 -20.02 -47.98 -22.29
C ASP D 185 -18.63 -47.28 -22.46
N ALA D 186 -17.60 -47.75 -21.76
CA ALA D 186 -16.29 -47.04 -21.73
C ALA D 186 -15.72 -46.89 -23.13
N ALA D 187 -15.84 -47.95 -23.94
CA ALA D 187 -15.16 -47.96 -25.27
C ALA D 187 -15.88 -47.00 -26.21
N GLU D 188 -17.19 -46.98 -26.19
CA GLU D 188 -17.95 -46.00 -26.96
C GLU D 188 -17.72 -44.52 -26.53
N ASP D 189 -17.74 -44.28 -25.24
CA ASP D 189 -17.40 -42.96 -24.71
C ASP D 189 -16.04 -42.53 -25.25
N ALA D 190 -15.06 -43.40 -25.16
CA ALA D 190 -13.69 -43.09 -25.63
C ALA D 190 -13.67 -42.73 -27.13
N ARG D 191 -14.41 -43.45 -27.93
CA ARG D 191 -14.43 -43.20 -29.36
C ARG D 191 -15.10 -41.87 -29.67
N ILE D 192 -16.21 -41.57 -28.98
CA ILE D 192 -16.90 -40.34 -29.23
C ILE D 192 -15.97 -39.12 -28.87
N TRP D 193 -15.31 -39.17 -27.71
CA TRP D 193 -14.47 -38.05 -27.31
C TRP D 193 -13.23 -37.95 -28.17
N LYS D 194 -12.64 -39.07 -28.64
CA LYS D 194 -11.49 -38.93 -29.53
C LYS D 194 -11.90 -38.17 -30.81
N ASP D 195 -13.07 -38.45 -31.37
CA ASP D 195 -13.64 -37.78 -32.54
CA ASP D 195 -13.46 -37.73 -32.55
C ASP D 195 -13.85 -36.28 -32.24
N LEU D 196 -14.55 -35.98 -31.17
CA LEU D 196 -14.93 -34.63 -30.83
C LEU D 196 -13.68 -33.78 -30.57
N TYR D 197 -12.79 -34.27 -29.73
CA TYR D 197 -11.61 -33.49 -29.45
C TYR D 197 -10.77 -33.21 -30.71
N ALA D 198 -10.60 -34.19 -31.59
CA ALA D 198 -9.90 -33.92 -32.87
C ALA D 198 -10.54 -32.77 -33.64
N GLN D 199 -11.89 -32.75 -33.72
CA GLN D 199 -12.57 -31.69 -34.47
C GLN D 199 -12.51 -30.33 -33.75
N ALA D 200 -12.65 -30.37 -32.43
CA ALA D 200 -12.58 -29.14 -31.55
C ALA D 200 -11.21 -28.48 -31.72
N LYS D 201 -10.17 -29.29 -31.66
CA LYS D 201 -8.80 -28.79 -31.89
C LYS D 201 -8.55 -28.17 -33.22
N GLU D 202 -9.20 -28.67 -34.27
CA GLU D 202 -9.05 -28.07 -35.57
C GLU D 202 -9.85 -26.77 -35.63
N ILE D 203 -11.04 -26.74 -35.03
CA ILE D 203 -11.84 -25.51 -35.06
C ILE D 203 -11.10 -24.37 -34.38
N ILE D 204 -10.55 -24.66 -33.20
CA ILE D 204 -9.87 -23.57 -32.44
C ILE D 204 -8.34 -23.47 -32.69
N GLY D 205 -7.78 -24.49 -33.34
CA GLY D 205 -6.42 -24.47 -33.83
C GLY D 205 -5.35 -24.72 -32.75
N THR D 206 -5.58 -25.74 -31.92
CA THR D 206 -4.69 -26.08 -30.77
C THR D 206 -3.37 -26.57 -31.36
N SER D 207 -2.29 -26.22 -30.69
CA SER D 207 -0.93 -26.74 -30.97
C SER D 207 -0.13 -26.84 -29.74
N THR D 208 0.74 -27.85 -29.66
CA THR D 208 1.64 -27.96 -28.55
C THR D 208 3.06 -27.59 -28.87
N THR D 209 3.33 -27.05 -30.03
CA THR D 209 4.70 -26.84 -30.44
C THR D 209 5.12 -25.38 -30.68
N GLU D 210 4.29 -24.43 -30.36
CA GLU D 210 4.56 -23.05 -30.71
C GLU D 210 5.59 -22.33 -29.87
N PHE D 211 6.02 -22.96 -28.77
CA PHE D 211 7.07 -22.39 -27.93
C PHE D 211 8.28 -23.32 -27.88
N ASP D 212 8.41 -24.29 -28.79
CA ASP D 212 9.49 -25.24 -28.72
C ASP D 212 10.89 -24.75 -29.04
N HIS D 213 11.03 -23.57 -29.58
CA HIS D 213 12.27 -22.89 -29.73
C HIS D 213 12.46 -21.63 -28.90
N SER D 214 11.76 -21.61 -27.79
CA SER D 214 12.00 -20.68 -26.68
C SER D 214 13.03 -21.28 -25.73
N ILE D 215 14.06 -20.50 -25.43
CA ILE D 215 15.02 -20.95 -24.41
C ILE D 215 14.34 -21.12 -23.01
N ARG D 216 13.58 -20.13 -22.61
CA ARG D 216 12.86 -20.16 -21.31
C ARG D 216 11.95 -21.38 -21.20
N HIS D 217 11.20 -21.64 -22.25
CA HIS D 217 10.32 -22.80 -22.30
C HIS D 217 11.13 -24.06 -22.13
N ASN D 218 12.12 -24.25 -22.95
CA ASN D 218 12.95 -25.47 -22.88
C ASN D 218 13.72 -25.61 -21.58
N LEU D 219 14.20 -24.52 -21.03
CA LEU D 219 14.92 -24.57 -19.77
C LEU D 219 13.95 -25.08 -18.70
N VAL D 220 12.75 -24.51 -18.59
CA VAL D 220 11.81 -24.89 -17.58
C VAL D 220 11.35 -26.38 -17.79
N LEU D 221 10.94 -26.70 -18.97
CA LEU D 221 10.45 -28.05 -19.24
C LEU D 221 11.46 -29.12 -19.05
N ARG D 222 12.67 -28.91 -19.58
CA ARG D 222 13.70 -29.93 -19.52
C ARG D 222 14.27 -30.06 -18.12
N LYS D 223 14.43 -28.94 -17.37
CA LYS D 223 15.00 -29.05 -16.04
C LYS D 223 13.94 -29.74 -15.21
N TYR D 224 12.64 -29.44 -15.38
CA TYR D 224 11.67 -30.02 -14.47
C TYR D 224 11.53 -31.54 -14.74
N ASN D 225 11.54 -31.94 -15.99
CA ASN D 225 11.54 -33.38 -16.27
C ASN D 225 12.77 -34.08 -15.73
N ASP D 226 13.93 -33.46 -15.85
CA ASP D 226 15.15 -34.07 -15.29
C ASP D 226 15.04 -34.29 -13.80
N ILE D 227 14.50 -33.30 -13.10
CA ILE D 227 14.31 -33.39 -11.67
C ILE D 227 13.31 -34.46 -11.33
N PHE D 228 12.15 -34.41 -11.94
CA PHE D 228 11.06 -35.24 -11.49
C PHE D 228 11.19 -36.69 -12.00
N GLN D 229 12.00 -36.91 -13.03
CA GLN D 229 12.25 -38.30 -13.48
C GLN D 229 12.99 -39.04 -12.38
N LYS D 230 13.78 -38.35 -11.58
CA LYS D 230 14.57 -38.98 -10.51
C LYS D 230 13.81 -39.05 -9.13
N GLU D 231 12.59 -38.55 -9.01
CA GLU D 231 11.98 -38.46 -7.67
C GLU D 231 11.17 -39.72 -7.45
N ASN D 232 10.92 -40.06 -6.18
CA ASN D 232 10.17 -41.31 -5.84
C ASN D 232 8.85 -41.33 -6.55
N VAL D 233 8.17 -40.19 -6.45
CA VAL D 233 6.93 -39.96 -7.21
C VAL D 233 7.22 -39.14 -8.52
N ILE D 234 7.11 -39.81 -9.66
CA ILE D 234 7.34 -39.20 -10.98
C ILE D 234 6.23 -38.27 -11.40
N ARG D 235 6.59 -37.13 -11.94
CA ARG D 235 5.55 -36.17 -12.40
C ARG D 235 6.08 -35.80 -13.79
N GLU D 236 5.22 -35.79 -14.80
CA GLU D 236 5.61 -35.45 -16.17
C GLU D 236 5.20 -34.05 -16.53
N PHE D 237 6.11 -33.29 -17.07
CA PHE D 237 5.88 -31.98 -17.52
C PHE D 237 5.78 -31.98 -19.05
N SER D 238 4.87 -31.20 -19.59
CA SER D 238 4.60 -31.21 -21.01
C SER D 238 4.29 -29.82 -21.47
N PRO D 239 4.34 -29.55 -22.77
CA PRO D 239 3.90 -28.22 -23.21
C PRO D 239 2.43 -28.06 -23.06
N LEU D 240 2.04 -26.87 -22.69
CA LEU D 240 0.60 -26.49 -22.56
C LEU D 240 0.04 -26.37 -23.95
N PRO D 241 -1.02 -27.12 -24.28
CA PRO D 241 -1.64 -26.95 -25.60
C PRO D 241 -2.30 -25.60 -25.67
N LEU D 242 -2.05 -24.90 -26.76
CA LEU D 242 -2.51 -23.55 -26.96
C LEU D 242 -3.12 -23.32 -28.31
N ALA D 243 -4.22 -22.59 -28.31
CA ALA D 243 -4.88 -22.16 -29.57
C ALA D 243 -4.21 -20.91 -30.12
N CYS D 244 -3.09 -21.14 -30.78
CA CYS D 244 -2.31 -20.08 -31.39
C CYS D 244 -1.35 -20.64 -32.41
N HIS D 245 -0.79 -19.76 -33.23
CA HIS D 245 0.39 -20.17 -34.01
C HIS D 245 1.40 -19.07 -34.09
N ARG D 246 2.68 -19.42 -33.99
CA ARG D 246 3.78 -18.52 -34.19
C ARG D 246 3.94 -18.13 -35.62
N LEU D 247 4.18 -16.86 -35.92
CA LEU D 247 4.13 -16.43 -37.28
C LEU D 247 5.49 -16.63 -37.93
N THR D 248 5.60 -16.39 -39.23
CA THR D 248 6.89 -16.63 -39.94
C THR D 248 7.94 -15.63 -39.53
N ASP D 249 7.53 -14.51 -38.95
CA ASP D 249 8.45 -13.75 -38.13
C ASP D 249 8.23 -14.27 -36.69
N PRO D 250 9.15 -15.07 -36.13
CA PRO D 250 8.86 -15.84 -34.95
C PRO D 250 8.82 -14.93 -33.74
N ASP D 251 8.99 -13.60 -33.87
CA ASP D 251 8.75 -12.70 -32.68
C ASP D 251 7.22 -12.50 -32.40
N TYR D 252 6.37 -12.89 -33.29
CA TYR D 252 4.95 -12.69 -33.21
C TYR D 252 4.20 -14.01 -33.16
N VAL D 253 3.12 -13.99 -32.41
CA VAL D 253 2.17 -15.13 -32.31
C VAL D 253 0.81 -14.62 -32.64
N GLU D 254 0.08 -15.37 -33.43
CA GLU D 254 -1.32 -15.11 -33.61
C GLU D 254 -2.12 -15.97 -32.63
N TRP D 255 -2.77 -15.32 -31.66
CA TRP D 255 -3.63 -15.97 -30.69
C TRP D 255 -4.99 -16.11 -31.31
N HIS D 256 -5.59 -17.31 -31.18
CA HIS D 256 -6.83 -17.59 -31.84
C HIS D 256 -7.98 -17.14 -31.03
N ALA D 257 -9.08 -16.80 -31.73
CA ALA D 257 -10.28 -16.30 -31.12
C ALA D 257 -11.44 -16.60 -32.11
N THR D 258 -12.59 -16.01 -31.85
CA THR D 258 -13.81 -16.23 -32.62
C THR D 258 -13.66 -15.91 -34.07
N ASP D 259 -12.76 -15.00 -34.41
CA ASP D 259 -12.56 -14.63 -35.83
C ASP D 259 -12.17 -15.84 -36.71
N ARG D 260 -11.42 -16.79 -36.18
CA ARG D 260 -11.08 -17.94 -37.01
C ARG D 260 -12.26 -18.83 -37.26
N ILE D 261 -13.19 -18.82 -36.33
CA ILE D 261 -14.39 -19.72 -36.40
C ILE D 261 -15.39 -19.07 -37.37
N LEU D 262 -15.54 -17.75 -37.25
CA LEU D 262 -16.54 -16.99 -38.11
C LEU D 262 -16.00 -16.61 -39.48
N GLU D 263 -14.72 -16.78 -39.73
CA GLU D 263 -14.08 -16.17 -40.87
C GLU D 263 -14.86 -16.35 -42.21
N GLU D 264 -15.23 -17.59 -42.54
CA GLU D 264 -15.86 -17.82 -43.81
C GLU D 264 -17.27 -17.34 -43.91
N LEU D 265 -17.93 -17.16 -42.77
CA LEU D 265 -19.25 -16.54 -42.78
C LEU D 265 -19.22 -15.11 -43.17
N PHE D 266 -18.01 -14.52 -43.13
CA PHE D 266 -17.79 -13.19 -43.67
C PHE D 266 -17.13 -13.18 -45.06
N THR D 267 -16.23 -14.09 -45.35
CA THR D 267 -15.43 -13.99 -46.58
C THR D 267 -16.05 -14.69 -47.76
N ASP D 268 -16.88 -15.68 -47.47
CA ASP D 268 -17.50 -16.50 -48.52
C ASP D 268 -18.88 -15.94 -48.80
N PRO D 269 -19.10 -15.45 -49.98
CA PRO D 269 -20.36 -14.78 -50.21
C PRO D 269 -21.59 -15.71 -50.13
N VAL D 270 -21.43 -16.98 -50.42
CA VAL D 270 -22.58 -17.90 -50.22
C VAL D 270 -22.91 -18.09 -48.76
N LYS D 271 -21.87 -18.28 -47.94
CA LYS D 271 -22.10 -18.44 -46.50
C LYS D 271 -22.54 -17.17 -45.85
N ARG D 272 -21.96 -16.06 -46.26
CA ARG D 272 -22.40 -14.75 -45.75
C ARG D 272 -23.86 -14.48 -45.96
N GLY D 273 -24.41 -14.96 -47.07
CA GLY D 273 -25.83 -14.81 -47.37
C GLY D 273 -26.72 -15.63 -46.48
N ARG D 274 -26.15 -16.60 -45.77
CA ARG D 274 -26.92 -17.39 -44.78
C ARG D 274 -26.70 -16.99 -43.31
N PHE D 275 -25.94 -15.93 -43.06
CA PHE D 275 -25.60 -15.55 -41.71
C PHE D 275 -25.89 -14.09 -41.42
N THR D 276 -26.61 -13.85 -40.34
CA THR D 276 -26.86 -12.48 -39.91
C THR D 276 -26.33 -12.37 -38.50
N LEU D 277 -25.54 -11.34 -38.27
CA LEU D 277 -25.04 -11.04 -36.95
C LEU D 277 -25.55 -9.69 -36.48
N LEU D 278 -26.31 -9.67 -35.42
CA LEU D 278 -26.84 -8.43 -34.92
C LEU D 278 -26.04 -8.06 -33.63
N THR D 279 -25.28 -6.97 -33.67
CA THR D 279 -24.56 -6.53 -32.48
C THR D 279 -25.34 -5.47 -31.69
N ASN D 280 -24.94 -5.30 -30.41
CA ASN D 280 -25.66 -4.46 -29.47
C ASN D 280 -27.16 -4.86 -29.43
N HIS D 281 -27.47 -6.15 -29.56
CA HIS D 281 -28.78 -6.67 -29.45
C HIS D 281 -28.86 -7.70 -28.33
N ARG D 282 -29.67 -7.38 -27.33
CA ARG D 282 -29.91 -8.23 -26.20
C ARG D 282 -30.94 -9.28 -26.51
N CYS D 283 -30.61 -10.55 -26.28
CA CYS D 283 -31.62 -11.60 -26.14
C CYS D 283 -32.18 -11.47 -24.76
N THR D 284 -33.36 -10.83 -24.66
CA THR D 284 -33.90 -10.57 -23.35
C THR D 284 -34.51 -11.83 -22.78
N LYS D 285 -35.20 -12.55 -23.61
CA LYS D 285 -35.78 -13.81 -23.17
C LYS D 285 -36.26 -14.58 -24.41
N LEU D 286 -36.50 -15.88 -24.20
CA LEU D 286 -37.16 -16.75 -25.16
C LEU D 286 -38.59 -16.83 -24.68
N VAL D 287 -39.52 -16.77 -25.62
CA VAL D 287 -40.95 -16.91 -25.31
C VAL D 287 -41.36 -18.32 -25.80
N PHE D 288 -42.00 -19.02 -24.89
CA PHE D 288 -42.35 -20.40 -25.05
C PHE D 288 -43.80 -20.58 -25.48
N LYS D 289 -44.11 -21.74 -26.07
CA LYS D 289 -45.48 -22.10 -26.46
C LYS D 289 -46.39 -22.00 -25.21
N HIS D 290 -45.92 -22.43 -24.06
CA HIS D 290 -46.72 -22.35 -22.81
C HIS D 290 -45.76 -22.42 -21.67
N TYR D 291 -46.29 -22.28 -20.46
CA TYR D 291 -45.53 -22.15 -19.20
C TYR D 291 -45.86 -23.20 -18.19
N ARG D 292 -46.22 -24.39 -18.67
CA ARG D 292 -46.54 -25.51 -17.82
C ARG D 292 -45.33 -26.47 -17.71
N PRO D 293 -44.88 -26.69 -16.49
CA PRO D 293 -43.66 -27.49 -16.32
C PRO D 293 -43.96 -28.95 -16.45
N GLY D 294 -42.92 -29.66 -16.89
CA GLY D 294 -42.91 -31.09 -16.93
C GLY D 294 -43.42 -31.75 -18.17
N GLU D 295 -44.01 -30.97 -19.09
CA GLU D 295 -44.56 -31.51 -20.34
C GLU D 295 -43.84 -30.89 -21.51
N GLU D 296 -44.01 -31.48 -22.69
CA GLU D 296 -43.35 -31.07 -23.89
C GLU D 296 -43.63 -29.63 -24.17
N ASN D 297 -42.59 -28.88 -24.60
CA ASN D 297 -42.67 -27.45 -24.83
C ASN D 297 -41.83 -27.05 -26.04
N GLU D 298 -41.92 -25.77 -26.50
CA GLU D 298 -41.14 -25.34 -27.67
C GLU D 298 -40.94 -23.86 -27.48
N VAL D 299 -39.86 -23.38 -28.04
CA VAL D 299 -39.66 -21.93 -28.12
C VAL D 299 -40.46 -21.39 -29.23
N ASP D 300 -41.27 -20.37 -28.97
CA ASP D 300 -42.07 -19.73 -30.08
C ASP D 300 -41.30 -18.63 -30.83
N TYR D 301 -40.54 -17.82 -30.11
CA TYR D 301 -39.68 -16.80 -30.71
C TYR D 301 -38.67 -16.34 -29.63
N ALA D 302 -37.71 -15.57 -30.09
CA ALA D 302 -36.81 -14.84 -29.20
C ALA D 302 -37.20 -13.35 -29.15
N LEU D 303 -37.24 -12.78 -27.94
CA LEU D 303 -37.49 -11.34 -27.71
C LEU D 303 -36.14 -10.67 -27.66
N VAL D 304 -35.85 -9.85 -28.65
CA VAL D 304 -34.53 -9.24 -28.76
C VAL D 304 -34.71 -7.74 -28.79
N GLU D 305 -33.80 -7.02 -28.14
CA GLU D 305 -33.90 -5.57 -28.15
C GLU D 305 -32.62 -4.91 -28.65
N ASP D 306 -32.75 -4.01 -29.58
CA ASP D 306 -31.60 -3.22 -30.04
C ASP D 306 -31.31 -2.19 -28.99
N LEU D 307 -30.12 -2.24 -28.45
CA LEU D 307 -29.76 -1.41 -27.31
C LEU D 307 -29.22 -0.08 -27.78
N LEU D 308 -28.83 0.06 -29.05
CA LEU D 308 -28.28 1.37 -29.51
C LEU D 308 -29.47 2.25 -29.87
N PRO D 309 -29.37 3.54 -29.50
CA PRO D 309 -30.46 4.44 -29.96
C PRO D 309 -30.34 4.73 -31.45
N HIS D 310 -31.48 4.91 -32.13
CA HIS D 310 -31.51 5.10 -33.58
C HIS D 310 -32.43 6.23 -33.98
N SER D 319 -37.50 -0.92 -31.83
CA SER D 319 -36.28 -1.35 -31.20
C SER D 319 -36.39 -2.78 -30.55
N VAL D 320 -37.59 -3.17 -30.10
CA VAL D 320 -37.90 -4.57 -29.68
C VAL D 320 -38.42 -5.38 -30.85
N LYS D 321 -37.92 -6.59 -31.07
CA LYS D 321 -38.18 -7.39 -32.23
C LYS D 321 -38.42 -8.82 -31.73
N LYS D 322 -39.26 -9.52 -32.43
CA LYS D 322 -39.46 -10.93 -32.16
C LYS D 322 -38.72 -11.63 -33.31
N ILE D 323 -37.82 -12.55 -33.02
CA ILE D 323 -37.12 -13.26 -34.07
C ILE D 323 -37.52 -14.74 -34.00
N TYR D 324 -37.93 -15.26 -35.13
CA TYR D 324 -38.46 -16.54 -35.26
C TYR D 324 -37.44 -17.39 -35.94
N ALA D 325 -37.29 -18.59 -35.41
CA ALA D 325 -36.46 -19.58 -36.02
C ALA D 325 -37.00 -20.97 -35.75
N ARG D 326 -36.43 -21.96 -36.44
CA ARG D 326 -36.81 -23.34 -36.18
C ARG D 326 -36.18 -23.92 -34.96
N SER D 327 -34.98 -23.45 -34.58
CA SER D 327 -34.29 -23.94 -33.38
C SER D 327 -33.57 -22.72 -32.75
N TYR D 328 -33.31 -22.81 -31.48
CA TYR D 328 -32.80 -21.76 -30.67
C TYR D 328 -31.63 -22.31 -29.87
N VAL D 329 -30.55 -21.54 -29.85
CA VAL D 329 -29.36 -21.88 -29.10
C VAL D 329 -29.00 -20.73 -28.18
N VAL D 330 -28.89 -21.01 -26.90
CA VAL D 330 -28.44 -20.01 -25.98
C VAL D 330 -26.95 -20.39 -25.58
N ALA D 331 -26.06 -19.59 -26.07
CA ALA D 331 -24.61 -19.75 -25.85
C ALA D 331 -24.09 -18.38 -25.32
N CYS D 332 -24.54 -17.98 -24.17
CA CYS D 332 -24.23 -16.71 -23.59
C CYS D 332 -23.20 -16.76 -22.48
N GLY D 333 -22.48 -17.87 -22.39
CA GLY D 333 -21.54 -18.17 -21.26
C GLY D 333 -22.26 -18.67 -20.05
N ALA D 334 -21.52 -19.05 -19.03
CA ALA D 334 -22.10 -19.88 -17.97
C ALA D 334 -23.13 -19.08 -17.16
N VAL D 335 -22.80 -17.87 -16.83
CA VAL D 335 -23.73 -17.05 -16.10
C VAL D 335 -24.93 -16.60 -16.98
N ALA D 336 -24.65 -16.02 -18.12
CA ALA D 336 -25.70 -15.31 -18.84
C ALA D 336 -26.63 -16.37 -19.54
N THR D 337 -26.15 -17.57 -19.85
CA THR D 337 -27.05 -18.59 -20.49
C THR D 337 -28.20 -18.87 -19.47
N ALA D 338 -27.82 -19.10 -18.24
CA ALA D 338 -28.78 -19.39 -17.15
C ALA D 338 -29.63 -18.14 -16.92
N GLN D 339 -29.05 -16.94 -17.04
CA GLN D 339 -29.78 -15.67 -16.85
C GLN D 339 -30.93 -15.50 -17.90
N VAL D 340 -30.58 -15.77 -19.16
CA VAL D 340 -31.60 -15.67 -20.23
C VAL D 340 -32.71 -16.70 -19.97
N LEU D 341 -32.29 -17.93 -19.65
CA LEU D 341 -33.37 -18.95 -19.36
C LEU D 341 -34.22 -18.64 -18.15
N ALA D 342 -33.61 -18.11 -17.08
CA ALA D 342 -34.37 -17.64 -15.93
C ALA D 342 -35.34 -16.54 -16.30
N ASN D 343 -34.86 -15.52 -17.05
CA ASN D 343 -35.69 -14.45 -17.45
C ASN D 343 -36.85 -14.93 -18.29
N SER D 344 -36.60 -15.98 -19.06
CA SER D 344 -37.63 -16.54 -19.89
C SER D 344 -38.77 -17.25 -19.10
N HIS D 345 -38.61 -17.49 -17.82
CA HIS D 345 -39.69 -18.04 -16.97
C HIS D 345 -40.74 -17.00 -16.66
N ILE D 346 -40.43 -15.72 -16.86
CA ILE D 346 -41.43 -14.70 -16.83
C ILE D 346 -42.10 -14.47 -18.22
N PRO D 347 -43.38 -14.83 -18.35
CA PRO D 347 -44.04 -14.66 -19.68
C PRO D 347 -44.06 -13.18 -20.07
N PRO D 348 -44.07 -12.85 -21.37
CA PRO D 348 -44.05 -11.42 -21.80
C PRO D 348 -45.38 -10.70 -21.52
N GLU D 366 -39.41 -10.85 0.72
CA GLU D 366 -39.88 -10.54 -0.60
C GLU D 366 -38.86 -9.78 -1.47
N ARG D 367 -38.21 -8.72 -0.98
CA ARG D 367 -37.40 -7.94 -1.93
C ARG D 367 -36.25 -8.78 -2.55
N ASP D 368 -35.75 -9.74 -1.77
CA ASP D 368 -34.73 -10.65 -2.20
C ASP D 368 -35.28 -11.92 -2.90
N ALA D 369 -36.55 -11.95 -3.30
CA ALA D 369 -37.12 -13.14 -3.95
C ALA D 369 -36.39 -13.45 -5.27
N THR D 370 -36.12 -14.72 -5.53
CA THR D 370 -35.51 -15.14 -6.78
C THR D 370 -36.57 -15.68 -7.76
N ILE D 371 -36.21 -15.78 -9.01
CA ILE D 371 -37.07 -16.23 -10.08
C ILE D 371 -37.13 -17.77 -10.00
N PRO D 372 -38.35 -18.32 -9.82
CA PRO D 372 -38.42 -19.81 -9.79
C PRO D 372 -38.27 -20.31 -11.20
N THR D 373 -37.64 -21.46 -11.42
CA THR D 373 -37.38 -21.90 -12.77
C THR D 373 -37.93 -23.34 -12.88
N PRO D 374 -39.25 -23.48 -12.73
CA PRO D 374 -39.75 -24.89 -12.77
C PRO D 374 -39.77 -25.54 -14.16
N LEU D 375 -39.68 -24.78 -15.25
CA LEU D 375 -39.73 -25.37 -16.56
C LEU D 375 -38.38 -26.13 -16.78
N MET D 376 -37.35 -25.72 -16.01
CA MET D 376 -35.93 -26.26 -16.07
C MET D 376 -35.42 -26.34 -14.66
N PRO D 377 -35.94 -27.30 -13.87
CA PRO D 377 -35.77 -27.27 -12.43
C PRO D 377 -34.31 -27.41 -11.95
N MET D 378 -33.42 -27.94 -12.82
CA MET D 378 -31.96 -28.02 -12.39
C MET D 378 -31.12 -26.84 -12.85
N LEU D 379 -31.74 -25.84 -13.45
CA LEU D 379 -31.06 -24.61 -13.85
C LEU D 379 -30.36 -23.97 -12.65
N GLY D 380 -29.10 -23.67 -12.87
CA GLY D 380 -28.28 -23.08 -11.87
C GLY D 380 -27.97 -23.97 -10.67
N LYS D 381 -28.25 -25.26 -10.68
CA LYS D 381 -27.87 -26.11 -9.56
C LYS D 381 -26.60 -26.93 -9.90
N TYR D 382 -25.93 -27.44 -8.90
CA TYR D 382 -24.69 -28.16 -9.09
C TYR D 382 -23.57 -27.31 -9.71
N ILE D 383 -23.52 -26.03 -9.47
CA ILE D 383 -22.52 -25.22 -10.16
C ILE D 383 -21.15 -25.57 -9.55
N THR D 384 -20.12 -25.39 -10.37
CA THR D 384 -18.74 -25.68 -9.96
C THR D 384 -17.90 -24.49 -10.36
N GLU D 385 -16.84 -24.24 -9.56
CA GLU D 385 -15.86 -23.28 -9.97
C GLU D 385 -14.51 -23.77 -9.34
N GLN D 386 -13.41 -23.27 -9.83
CA GLN D 386 -12.12 -23.85 -9.53
C GLN D 386 -11.38 -23.02 -8.52
N PRO D 387 -11.00 -23.58 -7.40
CA PRO D 387 -10.05 -22.78 -6.52
C PRO D 387 -8.72 -22.67 -7.25
N MET D 388 -8.01 -21.61 -6.99
CA MET D 388 -6.74 -21.30 -7.73
C MET D 388 -5.67 -20.83 -6.69
N THR D 389 -4.48 -21.37 -6.81
CA THR D 389 -3.31 -20.82 -6.11
C THR D 389 -2.36 -20.25 -7.18
N PHE D 390 -1.63 -19.24 -6.76
CA PHE D 390 -0.75 -18.52 -7.69
C PHE D 390 0.54 -18.18 -6.93
N CYS D 391 1.65 -18.17 -7.69
CA CYS D 391 2.84 -17.48 -7.26
C CYS D 391 3.68 -17.14 -8.51
N GLN D 392 4.70 -16.33 -8.30
CA GLN D 392 5.74 -16.14 -9.32
C GLN D 392 7.09 -16.42 -8.66
N VAL D 393 8.04 -16.89 -9.48
CA VAL D 393 9.47 -17.05 -9.03
C VAL D 393 10.35 -16.23 -9.93
N VAL D 394 11.54 -15.99 -9.43
CA VAL D 394 12.70 -15.53 -10.18
C VAL D 394 13.56 -16.77 -10.33
N LEU D 395 13.98 -17.06 -11.58
CA LEU D 395 14.79 -18.24 -11.85
C LEU D 395 16.12 -18.18 -11.02
N ASP D 396 16.54 -19.37 -10.59
CA ASP D 396 17.86 -19.56 -9.98
C ASP D 396 19.01 -18.99 -10.81
N SER D 397 19.95 -18.33 -10.13
CA SER D 397 21.13 -17.88 -10.88
C SER D 397 22.00 -19.03 -11.45
N SER D 398 21.94 -20.21 -10.83
CA SER D 398 22.58 -21.38 -11.35
C SER D 398 22.01 -21.84 -12.73
N LEU D 399 20.75 -21.52 -13.01
CA LEU D 399 20.20 -21.80 -14.29
C LEU D 399 20.73 -20.90 -15.39
N MET D 400 21.26 -19.72 -15.07
CA MET D 400 21.85 -18.88 -16.12
C MET D 400 23.13 -19.56 -16.66
N GLU D 401 23.81 -20.33 -15.81
CA GLU D 401 24.92 -21.08 -16.28
C GLU D 401 24.46 -22.24 -17.20
N VAL D 402 23.33 -22.83 -16.84
CA VAL D 402 22.72 -23.80 -17.80
C VAL D 402 22.40 -23.14 -19.14
N VAL D 403 21.91 -21.92 -19.11
CA VAL D 403 21.58 -21.19 -20.33
C VAL D 403 22.88 -21.01 -21.16
N ARG D 404 23.97 -20.66 -20.50
CA ARG D 404 25.23 -20.46 -21.25
CA ARG D 404 25.27 -20.44 -21.16
C ARG D 404 25.85 -21.75 -21.69
N ASN D 405 25.55 -22.87 -21.03
CA ASN D 405 26.17 -24.17 -21.36
C ASN D 405 25.23 -25.34 -21.08
N PRO D 406 24.24 -25.57 -21.91
CA PRO D 406 23.15 -26.48 -21.58
C PRO D 406 23.61 -27.92 -21.62
N PRO D 407 23.18 -28.73 -20.66
CA PRO D 407 23.79 -30.04 -20.69
C PRO D 407 23.10 -31.01 -21.69
N TRP D 408 21.98 -30.66 -22.28
CA TRP D 408 21.18 -31.64 -23.09
C TRP D 408 21.86 -31.64 -24.43
N PRO D 409 22.29 -32.85 -24.90
CA PRO D 409 22.95 -32.89 -26.21
C PRO D 409 22.00 -32.35 -27.31
N GLY D 410 22.57 -31.82 -28.40
CA GLY D 410 21.77 -31.34 -29.55
C GLY D 410 21.01 -30.09 -29.49
N LEU D 411 21.40 -29.08 -28.66
CA LEU D 411 20.66 -27.78 -28.50
C LEU D 411 21.47 -26.66 -29.14
N ASP D 412 21.97 -26.97 -30.32
CA ASP D 412 22.77 -26.01 -31.10
C ASP D 412 21.96 -24.71 -31.35
N TRP D 413 20.68 -24.78 -31.54
CA TRP D 413 19.89 -23.59 -31.85
C TRP D 413 19.87 -22.59 -30.67
N TRP D 414 19.80 -23.19 -29.52
CA TRP D 414 19.86 -22.47 -28.19
C TRP D 414 21.22 -21.86 -28.02
N LYS D 415 22.27 -22.66 -28.22
CA LYS D 415 23.63 -22.13 -28.09
C LYS D 415 23.89 -20.99 -29.05
N GLU D 416 23.37 -21.08 -30.27
CA GLU D 416 23.57 -19.94 -31.23
C GLU D 416 22.85 -18.66 -30.78
N LYS D 417 21.62 -18.76 -30.30
CA LYS D 417 20.87 -17.58 -29.81
C LYS D 417 21.52 -16.93 -28.63
N VAL D 418 22.04 -17.76 -27.74
CA VAL D 418 22.73 -17.23 -26.56
C VAL D 418 24.02 -16.52 -26.98
N ALA D 419 24.79 -17.15 -27.85
CA ALA D 419 26.07 -16.58 -28.26
C ALA D 419 25.83 -15.25 -28.92
N ARG D 420 24.82 -15.15 -29.76
CA ARG D 420 24.53 -13.87 -30.39
C ARG D 420 24.16 -12.79 -29.37
N HIS D 421 23.35 -13.16 -28.39
CA HIS D 421 22.99 -12.18 -27.36
C HIS D 421 24.17 -11.71 -26.51
N VAL D 422 25.00 -12.64 -26.09
CA VAL D 422 26.13 -12.35 -25.24
C VAL D 422 27.17 -11.51 -26.01
N GLU D 423 27.22 -11.73 -27.32
CA GLU D 423 28.09 -10.95 -28.24
C GLU D 423 27.56 -9.52 -28.33
N ALA D 424 26.23 -9.36 -28.52
CA ALA D 424 25.67 -7.98 -28.62
C ALA D 424 25.48 -7.22 -27.29
N PHE D 425 25.25 -7.94 -26.19
CA PHE D 425 25.11 -7.34 -24.87
C PHE D 425 26.02 -8.04 -23.83
N PRO D 426 27.33 -7.77 -23.92
CA PRO D 426 28.25 -8.47 -23.08
C PRO D 426 28.10 -8.03 -21.66
N ASN D 427 27.57 -6.81 -21.38
CA ASN D 427 27.36 -6.50 -19.93
C ASN D 427 25.98 -6.97 -19.35
N ASP D 428 25.13 -7.61 -20.16
CA ASP D 428 23.85 -8.15 -19.57
C ASP D 428 24.09 -9.33 -18.66
N PRO D 429 23.68 -9.29 -17.42
CA PRO D 429 23.84 -10.45 -16.56
C PRO D 429 22.95 -11.60 -16.90
N ILE D 430 21.96 -11.37 -17.76
CA ILE D 430 21.05 -12.40 -18.15
C ILE D 430 21.42 -12.81 -19.64
N PRO D 431 21.78 -14.05 -19.82
CA PRO D 431 22.27 -14.54 -21.12
C PRO D 431 21.08 -15.03 -22.03
N ILE D 432 19.84 -14.95 -21.55
CA ILE D 432 18.65 -15.28 -22.37
C ILE D 432 18.47 -14.10 -23.33
N PRO D 433 18.17 -14.38 -24.61
CA PRO D 433 17.96 -13.29 -25.58
C PRO D 433 16.76 -12.48 -25.27
N PHE D 434 16.79 -11.23 -25.68
CA PHE D 434 15.70 -10.32 -25.36
C PHE D 434 14.34 -10.71 -25.89
N ARG D 435 14.25 -11.25 -27.01
CA ARG D 435 12.75 -11.46 -27.17
C ARG D 435 12.32 -12.88 -26.94
N ASP D 436 13.05 -13.56 -26.11
CA ASP D 436 12.81 -15.01 -26.03
C ASP D 436 11.37 -15.21 -25.47
N PRO D 437 10.62 -16.10 -26.08
CA PRO D 437 9.24 -16.29 -25.51
C PRO D 437 9.17 -16.91 -24.16
N GLU D 438 8.03 -16.67 -23.49
CA GLU D 438 7.90 -17.23 -22.21
C GLU D 438 7.68 -18.74 -22.23
N PRO D 439 7.88 -19.40 -21.13
CA PRO D 439 7.57 -20.84 -21.00
C PRO D 439 6.07 -21.06 -21.07
N GLN D 440 5.67 -22.19 -21.60
CA GLN D 440 4.27 -22.58 -21.71
C GLN D 440 4.17 -24.05 -21.33
N VAL D 441 4.18 -24.34 -20.06
CA VAL D 441 4.34 -25.69 -19.53
C VAL D 441 3.19 -26.10 -18.65
N THR D 442 2.87 -27.40 -18.68
CA THR D 442 1.79 -27.91 -17.83
C THR D 442 2.19 -29.22 -17.21
N ILE D 443 1.42 -29.66 -16.20
CA ILE D 443 1.44 -31.03 -15.80
C ILE D 443 -0.05 -31.47 -15.98
N LYS D 444 -0.28 -32.51 -16.73
CA LYS D 444 -1.66 -32.94 -16.88
C LYS D 444 -2.23 -33.49 -15.62
N PHE D 445 -3.51 -33.18 -15.40
CA PHE D 445 -4.29 -33.70 -14.33
C PHE D 445 -4.18 -35.22 -14.29
N THR D 446 -4.01 -35.73 -13.10
CA THR D 446 -4.08 -37.20 -12.86
C THR D 446 -4.92 -37.39 -11.56
N GLU D 447 -5.44 -38.62 -11.35
CA GLU D 447 -6.23 -38.82 -10.11
C GLU D 447 -5.32 -38.79 -8.90
N GLU D 448 -4.03 -39.11 -9.01
CA GLU D 448 -3.13 -39.02 -7.87
C GLU D 448 -2.74 -37.58 -7.47
N HIS D 449 -2.72 -36.64 -8.44
CA HIS D 449 -2.51 -35.18 -8.17
C HIS D 449 -3.57 -34.39 -8.93
N PRO D 450 -4.80 -34.34 -8.41
CA PRO D 450 -5.99 -33.93 -9.15
C PRO D 450 -6.21 -32.43 -9.21
N TRP D 451 -5.28 -31.79 -9.92
CA TRP D 451 -5.40 -30.39 -10.24
C TRP D 451 -4.70 -30.15 -11.50
N HIS D 452 -4.87 -28.93 -12.04
CA HIS D 452 -4.32 -28.57 -13.31
C HIS D 452 -3.25 -27.53 -13.07
N VAL D 453 -2.11 -27.71 -13.72
CA VAL D 453 -0.91 -26.86 -13.48
C VAL D 453 -0.55 -26.11 -14.72
N GLN D 454 -0.34 -24.78 -14.59
CA GLN D 454 0.27 -24.02 -15.65
C GLN D 454 1.49 -23.30 -15.15
N ILE D 455 2.56 -23.32 -15.95
CA ILE D 455 3.83 -22.76 -15.58
C ILE D 455 4.23 -21.96 -16.79
N HIS D 456 4.06 -20.62 -16.72
CA HIS D 456 4.02 -19.80 -17.90
C HIS D 456 4.24 -18.39 -17.53
N ARG D 457 3.79 -17.48 -18.38
CA ARG D 457 3.61 -16.12 -18.07
C ARG D 457 2.27 -15.72 -18.71
N ASP D 458 1.63 -14.81 -18.01
CA ASP D 458 0.40 -14.12 -18.33
C ASP D 458 0.72 -12.65 -18.27
N ALA D 459 -0.03 -11.82 -18.99
CA ALA D 459 -0.02 -10.38 -18.70
C ALA D 459 -0.08 -10.12 -17.12
N PHE D 460 0.90 -9.38 -16.58
CA PHE D 460 0.98 -9.03 -15.13
C PHE D 460 1.44 -7.57 -14.86
N SER D 461 0.89 -6.93 -13.83
CA SER D 461 1.48 -5.67 -13.38
C SER D 461 2.22 -5.83 -12.03
N TYR D 462 3.48 -5.42 -12.07
CA TYR D 462 4.45 -5.50 -10.99
C TYR D 462 4.39 -4.28 -10.15
N GLY D 463 4.30 -4.46 -8.86
CA GLY D 463 4.38 -3.35 -7.95
C GLY D 463 5.80 -2.81 -7.97
N ALA D 464 5.95 -1.85 -7.05
CA ALA D 464 7.16 -1.03 -6.82
C ALA D 464 8.40 -1.79 -6.26
N VAL D 465 8.21 -2.94 -5.59
CA VAL D 465 9.32 -3.89 -5.33
C VAL D 465 9.54 -4.78 -6.61
N ALA D 466 8.53 -5.61 -7.03
CA ALA D 466 8.67 -6.48 -8.16
C ALA D 466 9.15 -5.86 -9.50
N GLU D 467 8.71 -4.66 -9.94
CA GLU D 467 9.08 -4.18 -11.34
C GLU D 467 10.61 -3.96 -11.57
N ASN D 468 11.36 -4.04 -10.50
CA ASN D 468 12.76 -3.96 -10.58
C ASN D 468 13.42 -5.19 -11.18
N MET D 469 12.68 -6.21 -11.50
CA MET D 469 13.29 -7.45 -11.94
C MET D 469 13.04 -7.54 -13.43
N ASP D 470 13.92 -8.23 -14.11
CA ASP D 470 13.80 -8.50 -15.55
C ASP D 470 12.85 -9.53 -15.86
N THR D 471 12.01 -9.28 -16.85
CA THR D 471 10.97 -10.23 -17.23
C THR D 471 11.45 -11.58 -17.71
N ARG D 472 12.64 -11.64 -18.29
CA ARG D 472 13.16 -12.88 -18.78
C ARG D 472 13.34 -14.01 -17.74
N VAL D 473 13.49 -13.57 -16.49
CA VAL D 473 13.77 -14.52 -15.40
C VAL D 473 12.60 -14.73 -14.46
N ILE D 474 11.40 -14.28 -14.81
CA ILE D 474 10.19 -14.47 -14.01
C ILE D 474 9.43 -15.63 -14.63
N VAL D 475 8.86 -16.48 -13.77
CA VAL D 475 8.00 -17.58 -14.17
C VAL D 475 6.80 -17.59 -13.27
N ASP D 476 5.58 -17.70 -13.84
CA ASP D 476 4.29 -17.71 -13.11
C ASP D 476 3.78 -19.10 -12.95
N TYR D 477 3.09 -19.36 -11.83
CA TYR D 477 2.51 -20.66 -11.53
C TYR D 477 1.03 -20.38 -11.24
N ARG D 478 0.15 -21.10 -11.93
CA ARG D 478 -1.26 -21.10 -11.61
C ARG D 478 -1.74 -22.52 -11.50
N PHE D 479 -2.25 -22.90 -10.32
CA PHE D 479 -2.66 -24.23 -10.07
C PHE D 479 -4.20 -24.15 -9.86
N PHE D 480 -4.98 -24.93 -10.60
CA PHE D 480 -6.46 -24.87 -10.51
C PHE D 480 -6.98 -26.19 -10.00
N GLY D 481 -7.83 -26.20 -9.02
CA GLY D 481 -8.43 -27.40 -8.53
C GLY D 481 -9.80 -27.56 -9.07
N TYR D 482 -10.47 -28.62 -8.64
CA TYR D 482 -11.83 -28.80 -8.98
C TYR D 482 -12.73 -28.76 -7.74
N THR D 483 -14.04 -28.54 -7.97
CA THR D 483 -15.03 -28.65 -6.91
C THR D 483 -16.04 -29.72 -7.37
N GLU D 484 -16.48 -30.50 -6.44
CA GLU D 484 -17.51 -31.53 -6.71
C GLU D 484 -18.84 -30.87 -6.95
N PRO D 485 -19.54 -31.31 -7.98
CA PRO D 485 -20.96 -30.86 -8.15
C PRO D 485 -21.83 -31.24 -6.97
N GLN D 486 -22.50 -30.28 -6.35
CA GLN D 486 -23.42 -30.49 -5.25
C GLN D 486 -24.66 -29.70 -5.57
N GLU D 487 -25.80 -30.30 -5.26
CA GLU D 487 -27.06 -29.68 -5.58
C GLU D 487 -27.26 -28.34 -4.92
N ALA D 488 -26.76 -28.20 -3.73
CA ALA D 488 -26.97 -26.95 -2.97
C ALA D 488 -26.15 -25.77 -3.44
N ASN D 489 -25.14 -26.01 -4.24
CA ASN D 489 -24.34 -24.98 -4.83
C ASN D 489 -25.07 -24.45 -6.04
N GLU D 490 -25.46 -23.17 -5.99
CA GLU D 490 -26.37 -22.64 -6.98
C GLU D 490 -26.09 -21.24 -7.42
N LEU D 491 -26.53 -20.96 -8.65
CA LEU D 491 -26.70 -19.64 -9.22
C LEU D 491 -28.19 -19.40 -9.37
N VAL D 492 -28.68 -18.35 -8.75
CA VAL D 492 -30.07 -17.95 -8.76
C VAL D 492 -30.18 -16.54 -9.30
N PHE D 493 -31.35 -16.16 -9.76
CA PHE D 493 -31.52 -14.86 -10.31
C PHE D 493 -32.58 -14.07 -9.54
N GLN D 494 -32.25 -12.80 -9.26
CA GLN D 494 -33.16 -11.95 -8.52
C GLN D 494 -34.36 -11.43 -9.31
N GLN D 495 -35.54 -11.45 -8.66
CA GLN D 495 -36.76 -10.91 -9.27
C GLN D 495 -36.77 -9.38 -9.31
N HIS D 496 -36.16 -8.69 -8.32
CA HIS D 496 -36.32 -7.24 -8.16
C HIS D 496 -35.03 -6.47 -8.30
N TYR D 497 -33.96 -7.14 -8.56
CA TYR D 497 -32.69 -6.43 -8.86
C TYR D 497 -32.25 -6.81 -10.24
N ARG D 498 -31.64 -5.87 -10.97
CA ARG D 498 -31.23 -6.12 -12.34
C ARG D 498 -29.80 -5.67 -12.54
N ASP D 499 -29.06 -6.31 -13.45
CA ASP D 499 -27.72 -5.86 -13.84
C ASP D 499 -27.84 -4.63 -14.73
N ALA D 500 -26.70 -4.13 -15.21
CA ALA D 500 -26.66 -2.92 -16.01
C ALA D 500 -27.32 -2.97 -17.38
N TYR D 501 -27.59 -4.22 -17.89
CA TYR D 501 -28.28 -4.44 -19.10
C TYR D 501 -29.72 -4.88 -18.85
N ASP D 502 -30.24 -4.56 -17.67
CA ASP D 502 -31.63 -4.78 -17.35
C ASP D 502 -32.00 -6.29 -17.30
N MET D 503 -31.03 -7.16 -17.14
CA MET D 503 -31.30 -8.59 -16.95
C MET D 503 -31.25 -8.95 -15.46
N PRO D 504 -31.91 -10.02 -15.07
CA PRO D 504 -32.00 -10.36 -13.63
C PRO D 504 -30.65 -10.55 -12.97
N GLN D 505 -30.47 -9.94 -11.80
CA GLN D 505 -29.20 -9.98 -11.13
C GLN D 505 -28.83 -11.34 -10.67
N PRO D 506 -27.65 -11.84 -11.05
CA PRO D 506 -27.19 -13.11 -10.55
C PRO D 506 -26.71 -13.07 -9.10
N THR D 507 -27.05 -14.12 -8.37
CA THR D 507 -26.64 -14.31 -6.97
C THR D 507 -26.03 -15.72 -6.89
N PHE D 508 -24.86 -15.81 -6.24
CA PHE D 508 -24.18 -17.09 -6.00
C PHE D 508 -24.40 -17.59 -4.57
N LYS D 509 -24.52 -18.94 -4.47
CA LYS D 509 -24.51 -19.61 -3.18
C LYS D 509 -23.61 -20.78 -3.36
N PHE D 510 -22.31 -20.59 -3.09
CA PHE D 510 -21.30 -21.57 -3.36
C PHE D 510 -20.44 -21.84 -2.15
N THR D 511 -20.38 -23.11 -1.72
CA THR D 511 -19.54 -23.52 -0.59
C THR D 511 -18.88 -24.83 -1.01
N MET D 512 -17.55 -24.87 -0.92
CA MET D 512 -16.81 -26.08 -1.24
C MET D 512 -17.08 -27.21 -0.24
N SER D 513 -16.85 -28.44 -0.67
CA SER D 513 -16.98 -29.60 0.20
C SER D 513 -15.70 -29.80 1.05
N GLN D 514 -15.79 -30.64 2.04
CA GLN D 514 -14.61 -31.04 2.80
C GLN D 514 -13.55 -31.67 1.89
N ASP D 515 -13.92 -32.53 0.93
CA ASP D 515 -12.95 -33.14 0.06
C ASP D 515 -12.32 -32.08 -0.85
N ASP D 516 -13.13 -31.13 -1.33
CA ASP D 516 -12.60 -30.03 -2.15
C ASP D 516 -11.49 -29.28 -1.37
N ARG D 517 -11.76 -29.04 -0.11
CA ARG D 517 -10.85 -28.30 0.76
C ARG D 517 -9.53 -29.09 0.98
N ALA D 518 -9.67 -30.38 1.19
CA ALA D 518 -8.48 -31.24 1.44
C ALA D 518 -7.62 -31.22 0.19
N ARG D 519 -8.20 -31.33 -0.99
CA ARG D 519 -7.45 -31.24 -2.25
C ARG D 519 -6.82 -29.87 -2.45
N ALA D 520 -7.52 -28.83 -2.10
CA ALA D 520 -6.97 -27.42 -2.19
C ALA D 520 -5.71 -27.27 -1.38
N ARG D 521 -5.67 -27.91 -0.22
CA ARG D 521 -4.45 -27.79 0.62
C ARG D 521 -3.37 -28.55 -0.03
N ARG D 522 -3.68 -29.74 -0.55
CA ARG D 522 -2.62 -30.49 -1.17
C ARG D 522 -2.08 -29.82 -2.42
N MET D 523 -2.95 -29.09 -3.12
CA MET D 523 -2.57 -28.34 -4.30
C MET D 523 -1.62 -27.25 -3.99
N MET D 524 -1.94 -26.53 -2.95
CA MET D 524 -1.04 -25.46 -2.47
C MET D 524 0.35 -26.00 -2.07
N ASP D 525 0.37 -27.11 -1.40
CA ASP D 525 1.62 -27.76 -1.03
C ASP D 525 2.43 -28.20 -2.23
N ASP D 526 1.72 -28.71 -3.24
CA ASP D 526 2.32 -29.13 -4.50
C ASP D 526 2.93 -27.92 -5.21
N MET D 527 2.25 -26.81 -5.25
CA MET D 527 2.75 -25.64 -5.96
C MET D 527 4.02 -25.14 -5.30
N CYS D 528 4.02 -25.05 -3.98
CA CYS D 528 5.26 -24.60 -3.26
C CYS D 528 6.44 -25.55 -3.57
N ASN D 529 6.16 -26.84 -3.54
CA ASN D 529 7.22 -27.83 -3.80
C ASN D 529 7.79 -27.66 -5.24
N ILE D 530 6.89 -27.55 -6.21
CA ILE D 530 7.26 -27.42 -7.64
C ILE D 530 7.96 -26.13 -7.97
N ALA D 531 7.42 -25.01 -7.54
CA ALA D 531 8.00 -23.76 -7.87
C ALA D 531 9.39 -23.63 -7.36
N LEU D 532 9.60 -24.11 -6.13
CA LEU D 532 10.95 -24.00 -5.54
C LEU D 532 12.08 -24.83 -6.13
N LYS D 533 11.75 -25.74 -7.05
CA LYS D 533 12.75 -26.48 -7.70
C LYS D 533 13.56 -25.65 -8.62
N ILE D 534 13.04 -24.54 -9.24
CA ILE D 534 13.82 -23.80 -10.23
C ILE D 534 13.94 -22.30 -9.91
N GLY D 535 13.31 -21.86 -8.85
CA GLY D 535 13.42 -20.45 -8.47
C GLY D 535 12.91 -20.18 -7.11
N GLY D 536 12.92 -18.91 -6.77
CA GLY D 536 12.53 -18.45 -5.49
C GLY D 536 11.46 -17.36 -5.59
N TYR D 537 10.50 -17.34 -4.67
CA TYR D 537 9.29 -16.51 -4.84
C TYR D 537 9.66 -15.04 -5.05
N LEU D 538 9.04 -14.42 -6.01
CA LEU D 538 9.22 -13.02 -6.23
C LEU D 538 8.43 -12.26 -5.11
N PRO D 539 9.06 -11.29 -4.44
CA PRO D 539 8.34 -10.53 -3.43
C PRO D 539 7.05 -9.95 -3.96
N GLY D 540 5.98 -10.11 -3.19
CA GLY D 540 4.57 -9.78 -3.57
C GLY D 540 3.82 -10.81 -4.28
N SER D 541 4.51 -11.83 -4.80
CA SER D 541 3.88 -12.89 -5.48
C SER D 541 4.19 -14.25 -4.89
N GLU D 542 4.17 -14.24 -3.58
CA GLU D 542 4.34 -15.44 -2.80
C GLU D 542 3.09 -16.30 -2.87
N PRO D 543 3.23 -17.55 -2.49
CA PRO D 543 2.12 -18.45 -2.74
C PRO D 543 0.85 -18.04 -2.01
N GLN D 544 -0.26 -18.04 -2.76
CA GLN D 544 -1.50 -17.54 -2.26
C GLN D 544 -2.67 -18.06 -3.01
N PHE D 545 -3.82 -18.14 -2.31
CA PHE D 545 -5.09 -18.39 -2.95
C PHE D 545 -5.60 -17.13 -3.59
N MET D 546 -6.33 -17.29 -4.69
CA MET D 546 -6.98 -16.19 -5.40
C MET D 546 -8.48 -16.11 -5.03
N THR D 547 -9.07 -14.93 -5.26
CA THR D 547 -10.48 -14.72 -4.96
C THR D 547 -11.33 -15.72 -5.74
N PRO D 548 -12.26 -16.38 -5.07
CA PRO D 548 -13.14 -17.35 -5.77
C PRO D 548 -13.80 -16.72 -6.97
N GLY D 549 -13.75 -17.48 -8.07
CA GLY D 549 -14.30 -17.06 -9.35
C GLY D 549 -13.35 -16.45 -10.32
N LEU D 550 -12.11 -16.11 -9.87
CA LEU D 550 -11.15 -15.48 -10.73
C LEU D 550 -10.77 -16.32 -11.90
N ALA D 551 -10.91 -17.62 -11.78
CA ALA D 551 -10.52 -18.54 -12.88
C ALA D 551 -11.50 -18.38 -14.07
N LEU D 552 -12.73 -17.94 -13.82
CA LEU D 552 -13.74 -17.74 -14.82
C LEU D 552 -14.14 -19.09 -15.50
N HIS D 553 -13.99 -20.13 -14.79
CA HIS D 553 -14.28 -21.48 -15.32
C HIS D 553 -15.54 -22.05 -14.69
N LEU D 554 -16.40 -21.17 -14.19
CA LEU D 554 -17.76 -21.55 -13.71
C LEU D 554 -18.40 -22.53 -14.71
N ALA D 555 -18.94 -23.59 -14.15
CA ALA D 555 -19.58 -24.55 -15.00
C ALA D 555 -20.82 -25.14 -14.30
N GLY D 556 -21.58 -25.97 -15.03
CA GLY D 556 -22.68 -26.75 -14.38
C GLY D 556 -23.96 -25.92 -14.19
N THR D 557 -24.00 -24.69 -14.72
CA THR D 557 -25.16 -23.81 -14.60
C THR D 557 -26.32 -24.21 -15.52
N THR D 558 -26.05 -24.93 -16.63
CA THR D 558 -27.07 -25.53 -17.48
C THR D 558 -26.63 -26.95 -17.84
N ARG D 559 -26.41 -27.76 -16.82
CA ARG D 559 -25.58 -28.96 -16.97
C ARG D 559 -26.25 -30.01 -17.86
N CYS D 560 -25.45 -30.65 -18.69
CA CYS D 560 -25.93 -31.60 -19.67
C CYS D 560 -25.28 -32.94 -19.41
N GLY D 561 -26.10 -33.99 -19.53
CA GLY D 561 -25.52 -35.30 -19.40
C GLY D 561 -26.60 -36.37 -19.49
N LEU D 562 -26.16 -37.60 -19.23
CA LEU D 562 -27.06 -38.77 -19.29
C LEU D 562 -28.12 -38.84 -18.19
N ASP D 563 -27.90 -38.29 -17.03
CA ASP D 563 -28.88 -38.42 -15.91
C ASP D 563 -29.98 -37.31 -16.01
N THR D 564 -31.12 -37.68 -16.60
CA THR D 564 -32.14 -36.72 -16.95
C THR D 564 -32.67 -35.98 -15.69
N GLN D 565 -32.75 -36.67 -14.59
CA GLN D 565 -33.33 -36.02 -13.39
C GLN D 565 -32.41 -35.03 -12.74
N LYS D 566 -31.11 -35.07 -13.05
CA LYS D 566 -30.17 -34.11 -12.45
C LYS D 566 -29.55 -33.10 -13.41
N THR D 567 -30.06 -33.04 -14.63
CA THR D 567 -29.51 -32.22 -15.66
C THR D 567 -30.55 -31.28 -16.22
N VAL D 568 -30.07 -30.24 -16.87
CA VAL D 568 -30.90 -29.34 -17.67
C VAL D 568 -31.12 -29.82 -19.10
N GLY D 569 -30.09 -30.46 -19.66
CA GLY D 569 -30.18 -30.96 -21.01
C GLY D 569 -29.49 -32.32 -21.13
N ASN D 570 -29.71 -32.91 -22.30
CA ASN D 570 -29.18 -34.22 -22.62
C ASN D 570 -27.76 -34.13 -23.15
N THR D 571 -27.18 -35.26 -23.62
CA THR D 571 -25.80 -35.18 -24.02
C THR D 571 -25.60 -34.51 -25.35
N HIS D 572 -26.69 -34.20 -26.07
CA HIS D 572 -26.60 -33.32 -27.20
C HIS D 572 -26.94 -31.85 -26.87
N CYS D 573 -27.02 -31.55 -25.57
CA CYS D 573 -27.30 -30.21 -25.06
C CYS D 573 -28.70 -29.70 -25.38
N LYS D 574 -29.62 -30.61 -25.67
CA LYS D 574 -31.02 -30.22 -25.88
C LYS D 574 -31.65 -30.12 -24.54
N VAL D 575 -32.28 -28.97 -24.23
CA VAL D 575 -32.99 -28.78 -22.98
C VAL D 575 -34.19 -29.75 -22.86
N HIS D 576 -34.25 -30.39 -21.70
CA HIS D 576 -35.31 -31.38 -21.48
C HIS D 576 -36.68 -30.75 -21.62
N ASN D 577 -37.52 -31.53 -22.32
CA ASN D 577 -38.89 -31.13 -22.67
C ASN D 577 -39.04 -30.09 -23.76
N PHE D 578 -37.97 -29.55 -24.28
CA PHE D 578 -38.06 -28.61 -25.39
C PHE D 578 -37.54 -29.25 -26.65
N ASN D 579 -38.29 -29.32 -27.74
CA ASN D 579 -37.74 -29.96 -28.96
CA ASN D 579 -37.81 -29.94 -28.95
C ASN D 579 -36.77 -29.08 -29.71
N ASN D 580 -36.78 -27.75 -29.46
CA ASN D 580 -36.03 -26.86 -30.33
C ASN D 580 -35.08 -25.84 -29.61
N LEU D 581 -34.73 -26.19 -28.40
CA LEU D 581 -33.88 -25.39 -27.47
C LEU D 581 -32.65 -26.10 -27.04
N TYR D 582 -31.51 -25.52 -27.40
CA TYR D 582 -30.18 -26.02 -27.01
C TYR D 582 -29.40 -24.99 -26.20
N VAL D 583 -28.51 -25.50 -25.38
CA VAL D 583 -27.56 -24.69 -24.66
C VAL D 583 -26.10 -24.97 -25.02
N GLY D 584 -25.27 -23.98 -24.77
CA GLY D 584 -23.84 -24.15 -25.07
C GLY D 584 -22.98 -23.37 -24.07
N GLY D 585 -21.72 -23.81 -23.94
CA GLY D 585 -20.76 -23.16 -23.11
C GLY D 585 -20.37 -24.00 -21.94
N ASN D 586 -19.50 -23.41 -21.08
CA ASN D 586 -18.97 -24.14 -19.96
C ASN D 586 -20.06 -24.56 -18.96
N GLY D 587 -21.18 -23.87 -19.00
CA GLY D 587 -22.31 -24.19 -18.16
C GLY D 587 -22.89 -25.59 -18.45
N VAL D 588 -22.62 -26.15 -19.63
CA VAL D 588 -23.14 -27.49 -19.99
C VAL D 588 -22.34 -28.57 -19.29
N ILE D 589 -21.12 -28.29 -18.89
CA ILE D 589 -20.23 -29.32 -18.33
C ILE D 589 -20.70 -29.70 -16.93
N GLU D 590 -20.94 -30.98 -16.72
CA GLU D 590 -21.55 -31.50 -15.47
C GLU D 590 -20.62 -32.04 -14.39
N THR D 591 -19.35 -32.09 -14.69
CA THR D 591 -18.34 -32.69 -13.80
C THR D 591 -17.61 -31.60 -13.06
N GLY D 592 -16.90 -32.01 -12.01
CA GLY D 592 -16.00 -31.08 -11.38
C GLY D 592 -14.66 -31.31 -12.07
N PHE D 593 -14.17 -30.27 -12.74
CA PHE D 593 -12.92 -30.37 -13.54
C PHE D 593 -12.02 -29.27 -13.09
N ALA D 594 -10.74 -29.46 -13.38
CA ALA D 594 -9.70 -28.41 -13.02
C ALA D 594 -9.06 -27.75 -14.22
N ALA D 595 -9.02 -28.46 -15.37
CA ALA D 595 -8.43 -27.92 -16.58
C ALA D 595 -9.33 -26.83 -17.25
N ASN D 596 -8.73 -26.16 -18.21
CA ASN D 596 -9.40 -25.09 -18.86
C ASN D 596 -10.50 -25.68 -19.71
N PRO D 597 -11.72 -25.14 -19.60
CA PRO D 597 -12.88 -25.80 -20.22
C PRO D 597 -13.21 -25.58 -21.70
N THR D 598 -12.67 -24.55 -22.34
CA THR D 598 -13.18 -24.12 -23.63
C THR D 598 -13.15 -25.23 -24.63
N LEU D 599 -12.05 -25.99 -24.70
CA LEU D 599 -11.96 -27.04 -25.72
C LEU D 599 -13.14 -28.06 -25.58
N THR D 600 -13.39 -28.50 -24.35
CA THR D 600 -14.41 -29.42 -24.03
C THR D 600 -15.83 -28.83 -24.34
N SER D 601 -16.08 -27.53 -24.03
CA SER D 601 -17.29 -26.85 -24.46
C SER D 601 -17.49 -26.83 -25.94
N ILE D 602 -16.38 -26.69 -26.71
CA ILE D 602 -16.47 -26.76 -28.15
C ILE D 602 -16.91 -28.16 -28.57
N CYS D 603 -16.42 -29.18 -27.93
CA CYS D 603 -16.92 -30.54 -28.23
C CYS D 603 -18.44 -30.70 -28.08
N TYR D 604 -18.96 -30.12 -27.00
CA TYR D 604 -20.42 -30.11 -26.81
C TYR D 604 -21.08 -29.30 -27.86
N ALA D 605 -20.51 -28.17 -28.33
CA ALA D 605 -21.13 -27.38 -29.38
C ALA D 605 -21.20 -28.15 -30.69
N ILE D 606 -20.22 -28.97 -30.92
CA ILE D 606 -20.16 -29.80 -32.14
C ILE D 606 -21.28 -30.80 -32.09
N ARG D 607 -21.33 -31.50 -30.99
CA ARG D 607 -22.37 -32.45 -30.76
C ARG D 607 -23.79 -31.90 -30.87
N ALA D 608 -24.09 -30.76 -30.29
CA ALA D 608 -25.36 -30.10 -30.34
C ALA D 608 -25.64 -29.58 -31.75
N SER D 609 -24.64 -29.02 -32.45
CA SER D 609 -24.84 -28.58 -33.77
C SER D 609 -25.18 -29.76 -34.67
N ASN D 610 -24.54 -30.91 -34.46
CA ASN D 610 -24.87 -32.06 -35.28
C ASN D 610 -26.30 -32.58 -35.07
N ASP D 611 -26.78 -32.49 -33.84
CA ASP D 611 -28.19 -32.79 -33.58
C ASP D 611 -29.12 -31.86 -34.28
N ILE D 612 -28.83 -30.54 -34.24
CA ILE D 612 -29.65 -29.57 -34.91
C ILE D 612 -29.66 -29.85 -36.39
N ILE D 613 -28.49 -30.10 -36.96
CA ILE D 613 -28.43 -30.34 -38.39
C ILE D 613 -29.28 -31.57 -38.76
N ALA D 614 -29.15 -32.61 -37.96
CA ALA D 614 -29.87 -33.90 -38.19
C ALA D 614 -31.35 -33.65 -38.14
N LYS D 615 -31.82 -32.92 -37.14
CA LYS D 615 -33.25 -32.65 -36.95
C LYS D 615 -33.88 -31.54 -37.77
N PHE D 616 -33.16 -30.48 -38.01
CA PHE D 616 -33.67 -29.32 -38.64
C PHE D 616 -33.02 -29.10 -40.01
N GLY D 617 -32.16 -29.99 -40.46
CA GLY D 617 -31.61 -29.86 -41.79
C GLY D 617 -32.53 -30.76 -42.68
#